data_8OTX
#
_entry.id   8OTX
#
_cell.length_a   1.00
_cell.length_b   1.00
_cell.length_c   1.00
_cell.angle_alpha   90.00
_cell.angle_beta   90.00
_cell.angle_gamma   90.00
#
_symmetry.space_group_name_H-M   'P 1'
#
loop_
_entity.id
_entity.type
_entity.pdbx_description
1 polymer 'Sperm-specific sodium proton exchanger'
2 non-polymer 1,2-DIACYL-GLYCEROL-3-SN-PHOSPHATE
3 water water
#
_entity_poly.entity_id   1
_entity_poly.type   'polypeptide(L)'
_entity_poly.pdbx_seq_one_letter_code
;MKKRVVKLRELVPAVAALAVAVLIQSATGSSGGSGHTPTTQATHADDHDLTTHNGTEEHDDGHDDGHDDLHAHAPKVIVF
ISGSCLFGAISRSLFKKLPIPYTVVLLILGAILGVVASNVPLVEEHTRDVAHMDPHVLLQIFLPVLIFESAFAMDVHTFM
RSFSQVCILALFGLVVASVLTAVLAMNLFNYNWNFSEAMMFGAIMSATDPVAVVALLKDLGASKQLGTIIEGESLLNDGC
AIVIFNVFMKMVFFPQLTSTVGQNVLYFLQVAVAGPLWGYAVAKVTVFFLSHIFNDALVEITITLAATYLTYYIGDIWLE
VSGVLAVVVLGLIVNAEKTSISPEVEVFLHRFWEMLAYLANTLIFMMVGVVVTQKALVAVDKMDWFYLIILYLAITIIRG
MVISLFSPILSRIGYGLTWRNAVIMTWGGLRGAVGLALALVVENLAGNDVIGSKFLFHTAGIVVLTLVINATTIQTLLRI
LGMSDISIPKRLAMAGAVRRIHEGQNRTLNMLKSDRFLADADWDIATAACEISDPYSALSDDENAPADELTLGERKSVCP
GCKAMVPNEPSPREFADMMEEARLRMLKAEKISYWKQFEHGMLAREALRLLVQHAEVAADEKDQFILVDDLKKSWQIKGI
YPWLKRKLEDLISEKKIAAIPMPKYKLGKLMYKICHHMAFEVTINIAIVLNIVPIIMEFVVQDKMASVSTMAAPGSTVSS
EPSSLQKIEDALRISNYVFFVIYAIEAIVKILGLGRHYIVSHWNKFDAFILVVALVDIIIAETLLKGSITINLSSIKVVK
LFRLLRGLRMLRLTKALIPKLILVVNGKINNQLSLGYDVGKGYIIGEEEVGKIIDRMVDNKKILRELKHISETGRLQVVK
ELGLLQREHPGIAVSVKTRQAIRTILNHSRETIHELQGAGLLDEMEAHKLELTVEIKMKRLMNAPSSIPPPPPENLLKNV
SWLAGDMKLIDFIKARASLLHFDYGEVIVREGDESDGLFLIVSGLVKLYGKSAFLDHDNPPVTAGSEENEVFEDYLTVGN
VIGEMGVLTKKPRNATVTCETTVQVYFITAEDMNIAIDTFTLYPSLEYRLWRVVAIRIATPLIMEQMAFQGWTQEKVKLH
LERGYLVDLAESHFQFNIDATLEDVILINGTAYNAHTREEIRSPCLISRTVHKLTFQYTATEEPRLFVVRNAEYNGPILD
GRLDVDSKRSLISITEISSNMCLKHAAELRQKNSKVMLSRKSSGAAAKEEEDCIPNTSDVEQAAGVSPSVPTKTTPKPKS
FLPSLGLSMSKERVNGEAVEESPVKTKQGEETPETEEGAAPRVNVENLYFQ
;
_entity_poly.pdbx_strand_id   B,A
#
# COMPACT_ATOMS: atom_id res chain seq x y z
N ASP A 68 -15.66 -36.28 -17.71
CA ASP A 68 -14.46 -36.99 -18.13
C ASP A 68 -14.69 -38.50 -18.15
N ASP A 69 -14.02 -39.19 -19.06
CA ASP A 69 -14.23 -40.62 -19.24
C ASP A 69 -12.97 -41.24 -19.84
N LEU A 70 -12.91 -42.57 -19.77
CA LEU A 70 -11.76 -43.31 -20.30
C LEU A 70 -10.52 -43.07 -19.43
N HIS A 71 -9.57 -42.31 -19.97
CA HIS A 71 -8.36 -41.92 -19.25
C HIS A 71 -8.36 -40.41 -19.13
N ALA A 72 -9.03 -39.90 -18.10
CA ALA A 72 -9.14 -38.46 -17.85
C ALA A 72 -8.55 -38.17 -16.47
N HIS A 73 -7.47 -37.41 -16.45
CA HIS A 73 -6.76 -37.08 -15.22
C HIS A 73 -7.19 -35.69 -14.77
N ALA A 74 -8.20 -35.64 -13.92
CA ALA A 74 -8.54 -34.39 -13.26
C ALA A 74 -7.51 -34.08 -12.20
N PRO A 75 -6.81 -32.95 -12.26
CA PRO A 75 -5.72 -32.70 -11.30
C PRO A 75 -6.21 -32.75 -9.87
N LYS A 76 -5.74 -33.74 -9.10
CA LYS A 76 -6.12 -33.89 -7.71
C LYS A 76 -5.18 -33.15 -6.77
N VAL A 77 -4.09 -32.57 -7.30
CA VAL A 77 -3.19 -31.78 -6.47
C VAL A 77 -3.89 -30.55 -5.92
N ILE A 78 -4.82 -29.99 -6.68
CA ILE A 78 -5.48 -28.75 -6.27
C ILE A 78 -6.18 -28.94 -4.94
N VAL A 79 -6.87 -30.06 -4.76
CA VAL A 79 -7.60 -30.30 -3.52
C VAL A 79 -6.64 -30.37 -2.35
N PHE A 80 -5.51 -31.07 -2.51
CA PHE A 80 -4.55 -31.19 -1.42
C PHE A 80 -3.97 -29.82 -1.06
N ILE A 81 -3.59 -29.02 -2.06
CA ILE A 81 -2.99 -27.72 -1.77
C ILE A 81 -4.00 -26.82 -1.08
N SER A 82 -5.23 -26.77 -1.58
CA SER A 82 -6.25 -25.92 -0.96
C SER A 82 -6.55 -26.37 0.46
N GLY A 83 -6.64 -27.68 0.68
CA GLY A 83 -6.86 -28.17 2.03
C GLY A 83 -5.72 -27.83 2.97
N SER A 84 -4.48 -27.92 2.47
CA SER A 84 -3.34 -27.51 3.29
C SER A 84 -3.44 -26.05 3.67
N CYS A 85 -3.79 -25.19 2.73
CA CYS A 85 -3.94 -23.77 3.04
C CYS A 85 -5.04 -23.55 4.08
N LEU A 86 -6.17 -24.23 3.92
CA LEU A 86 -7.27 -24.07 4.86
C LEU A 86 -6.87 -24.52 6.25
N PHE A 87 -6.20 -25.67 6.37
CA PHE A 87 -5.76 -26.16 7.66
C PHE A 87 -4.74 -25.21 8.29
N GLY A 88 -3.83 -24.67 7.48
CA GLY A 88 -2.89 -23.71 8.02
C GLY A 88 -3.58 -22.47 8.55
N ALA A 89 -4.57 -21.95 7.82
CA ALA A 89 -5.31 -20.80 8.30
C ALA A 89 -6.03 -21.11 9.60
N ILE A 90 -6.68 -22.27 9.68
CA ILE A 90 -7.40 -22.64 10.90
C ILE A 90 -6.44 -22.74 12.07
N SER A 91 -5.30 -23.40 11.86
CA SER A 91 -4.33 -23.56 12.94
C SER A 91 -3.78 -22.21 13.40
N ARG A 92 -3.47 -21.32 12.46
CA ARG A 92 -2.97 -20.00 12.83
C ARG A 92 -4.02 -19.24 13.65
N SER A 93 -5.27 -19.27 13.20
CA SER A 93 -6.31 -18.52 13.89
C SER A 93 -6.57 -19.08 15.29
N LEU A 94 -6.59 -20.41 15.43
CA LEU A 94 -7.01 -21.00 16.70
C LEU A 94 -5.96 -20.80 17.79
N PHE A 95 -4.68 -20.97 17.46
CA PHE A 95 -3.60 -20.95 18.45
C PHE A 95 -2.87 -19.62 18.49
N LYS A 96 -3.58 -18.51 18.27
CA LYS A 96 -2.93 -17.20 18.31
C LYS A 96 -2.38 -16.91 19.71
N LYS A 97 -3.13 -17.26 20.75
CA LYS A 97 -2.72 -16.98 22.12
C LYS A 97 -1.84 -18.08 22.72
N LEU A 98 -2.09 -19.34 22.35
CA LEU A 98 -1.32 -20.43 22.93
C LEU A 98 0.14 -20.33 22.51
N PRO A 99 1.08 -20.60 23.43
CA PRO A 99 2.49 -20.53 23.05
C PRO A 99 2.91 -21.56 22.03
N ILE A 100 2.18 -22.66 21.89
CA ILE A 100 2.58 -23.72 20.96
C ILE A 100 2.54 -23.18 19.53
N PRO A 101 3.61 -23.33 18.76
CA PRO A 101 3.57 -22.89 17.36
C PRO A 101 2.58 -23.72 16.56
N TYR A 102 1.99 -23.07 15.56
CA TYR A 102 0.99 -23.75 14.73
C TYR A 102 1.60 -24.82 13.84
N THR A 103 2.93 -24.79 13.64
CA THR A 103 3.55 -25.80 12.80
C THR A 103 3.43 -27.19 13.41
N VAL A 104 3.47 -27.28 14.74
CA VAL A 104 3.26 -28.57 15.40
C VAL A 104 1.85 -29.08 15.12
N VAL A 105 0.86 -28.19 15.18
CA VAL A 105 -0.51 -28.58 14.86
C VAL A 105 -0.59 -29.05 13.41
N LEU A 106 0.11 -28.36 12.51
CA LEU A 106 0.13 -28.79 11.11
C LEU A 106 0.71 -30.18 10.97
N LEU A 107 1.80 -30.46 11.67
CA LEU A 107 2.41 -31.79 11.61
C LEU A 107 1.45 -32.85 12.14
N ILE A 108 0.77 -32.56 13.24
CA ILE A 108 -0.18 -33.52 13.81
C ILE A 108 -1.31 -33.78 12.82
N LEU A 109 -1.83 -32.73 12.20
CA LEU A 109 -2.90 -32.90 11.21
C LEU A 109 -2.42 -33.73 10.03
N GLY A 110 -1.19 -33.49 9.57
CA GLY A 110 -0.65 -34.30 8.49
C GLY A 110 -0.53 -35.76 8.86
N ALA A 111 -0.08 -36.04 10.09
CA ALA A 111 0.03 -37.42 10.54
C ALA A 111 -1.34 -38.08 10.60
N ILE A 112 -2.35 -37.37 11.11
CA ILE A 112 -3.70 -37.92 11.15
C ILE A 112 -4.20 -38.20 9.74
N LEU A 113 -3.96 -37.28 8.81
CA LEU A 113 -4.38 -37.49 7.43
C LEU A 113 -3.70 -38.70 6.83
N GLY A 114 -2.40 -38.89 7.11
CA GLY A 114 -1.71 -40.05 6.60
C GLY A 114 -2.27 -41.35 7.15
N VAL A 115 -2.54 -41.38 8.46
CA VAL A 115 -3.09 -42.59 9.05
C VAL A 115 -4.47 -42.90 8.46
N VAL A 116 -5.28 -41.86 8.24
CA VAL A 116 -6.59 -42.06 7.63
C VAL A 116 -6.45 -42.61 6.21
N ALA A 117 -5.55 -42.00 5.43
CA ALA A 117 -5.38 -42.42 4.04
C ALA A 117 -4.82 -43.82 3.93
N SER A 118 -4.07 -44.27 4.93
CA SER A 118 -3.51 -45.61 4.87
C SER A 118 -4.59 -46.69 4.85
N ASN A 119 -5.80 -46.37 5.31
CA ASN A 119 -6.91 -47.33 5.33
C ASN A 119 -7.94 -47.07 4.25
N VAL A 120 -8.47 -45.85 4.17
CA VAL A 120 -9.50 -45.52 3.19
C VAL A 120 -8.86 -45.35 1.81
N PRO A 121 -9.21 -46.17 0.83
CA PRO A 121 -8.59 -46.02 -0.50
C PRO A 121 -8.89 -44.69 -1.15
N LEU A 122 -10.07 -44.12 -0.92
CA LEU A 122 -10.46 -42.90 -1.63
C LEU A 122 -9.52 -41.75 -1.30
N VAL A 123 -9.20 -41.57 -0.02
CA VAL A 123 -8.31 -40.48 0.37
C VAL A 123 -6.90 -40.69 -0.15
N GLU A 124 -6.51 -41.93 -0.44
CA GLU A 124 -5.17 -42.19 -0.92
C GLU A 124 -4.93 -41.52 -2.27
N GLU A 125 -5.91 -41.58 -3.18
CA GLU A 125 -5.73 -40.99 -4.50
C GLU A 125 -5.49 -39.50 -4.42
N HIS A 126 -6.05 -38.83 -3.41
CA HIS A 126 -5.88 -37.39 -3.26
C HIS A 126 -4.64 -37.01 -2.48
N THR A 127 -3.90 -37.98 -1.95
CA THR A 127 -2.65 -37.73 -1.24
C THR A 127 -1.55 -38.64 -1.76
N ARG A 128 -1.52 -38.85 -3.07
CA ARG A 128 -0.52 -39.69 -3.70
C ARG A 128 0.44 -38.92 -4.60
N ASP A 129 0.06 -37.74 -5.07
CA ASP A 129 0.89 -36.95 -5.97
C ASP A 129 1.65 -35.84 -5.24
N VAL A 130 0.95 -35.00 -4.47
CA VAL A 130 1.63 -33.97 -3.70
C VAL A 130 2.64 -34.59 -2.75
N ALA A 131 2.20 -35.58 -1.99
CA ALA A 131 3.15 -36.46 -1.32
C ALA A 131 3.72 -37.44 -2.33
N HIS A 132 4.92 -37.95 -2.02
CA HIS A 132 5.60 -38.90 -2.89
CA HIS A 132 5.61 -38.90 -2.89
C HIS A 132 6.00 -38.24 -4.22
N MET A 133 6.57 -37.04 -4.12
CA MET A 133 7.01 -36.31 -5.28
C MET A 133 8.38 -36.79 -5.73
N ASP A 134 8.91 -36.16 -6.78
CA ASP A 134 10.26 -36.36 -7.25
C ASP A 134 11.19 -35.35 -6.59
N PRO A 135 12.30 -35.77 -6.00
CA PRO A 135 13.14 -34.82 -5.26
C PRO A 135 13.54 -33.60 -6.07
N HIS A 136 13.85 -33.78 -7.36
CA HIS A 136 14.24 -32.64 -8.18
C HIS A 136 13.15 -31.57 -8.21
N VAL A 137 11.89 -32.00 -8.39
CA VAL A 137 10.80 -31.04 -8.41
C VAL A 137 10.70 -30.33 -7.07
N LEU A 138 10.77 -31.09 -5.98
CA LEU A 138 10.68 -30.51 -4.65
C LEU A 138 11.72 -29.41 -4.46
N LEU A 139 12.99 -29.73 -4.75
CA LEU A 139 14.06 -28.76 -4.59
C LEU A 139 13.82 -27.55 -5.49
N GLN A 140 13.77 -27.78 -6.81
CA GLN A 140 13.71 -26.68 -7.76
C GLN A 140 12.51 -25.78 -7.53
N ILE A 141 11.43 -26.31 -6.96
CA ILE A 141 10.24 -25.49 -6.79
C ILE A 141 10.20 -24.78 -5.44
N PHE A 142 10.75 -25.38 -4.39
CA PHE A 142 10.61 -24.80 -3.06
C PHE A 142 11.85 -24.09 -2.54
N LEU A 143 13.04 -24.63 -2.76
CA LEU A 143 14.22 -24.02 -2.14
C LEU A 143 14.44 -22.59 -2.58
N PRO A 144 14.37 -22.25 -3.87
CA PRO A 144 14.62 -20.85 -4.27
C PRO A 144 13.69 -19.87 -3.59
N VAL A 145 12.41 -20.23 -3.42
CA VAL A 145 11.47 -19.31 -2.79
C VAL A 145 11.91 -19.00 -1.36
N LEU A 146 12.20 -20.04 -0.58
CA LEU A 146 12.59 -19.83 0.81
C LEU A 146 13.87 -19.02 0.90
N ILE A 147 14.88 -19.38 0.10
CA ILE A 147 16.17 -18.71 0.20
C ILE A 147 16.04 -17.24 -0.19
N PHE A 148 15.35 -16.96 -1.29
CA PHE A 148 15.21 -15.58 -1.73
C PHE A 148 14.39 -14.77 -0.74
N GLU A 149 13.34 -15.35 -0.17
CA GLU A 149 12.57 -14.62 0.82
C GLU A 149 13.42 -14.29 2.03
N SER A 150 14.20 -15.25 2.52
CA SER A 150 15.05 -14.98 3.67
C SER A 150 16.06 -13.89 3.35
N ALA A 151 16.67 -13.93 2.18
CA ALA A 151 17.64 -12.89 1.82
C ALA A 151 16.97 -11.54 1.70
N PHE A 152 15.79 -11.48 1.07
CA PHE A 152 15.11 -10.21 0.84
C PHE A 152 14.68 -9.57 2.15
N ALA A 153 14.15 -10.37 3.09
CA ALA A 153 13.59 -9.79 4.31
C ALA A 153 14.67 -9.14 5.18
N MET A 154 15.89 -9.66 5.15
CA MET A 154 16.91 -9.20 6.07
C MET A 154 17.31 -7.75 5.79
N ASP A 155 17.83 -7.10 6.83
CA ASP A 155 18.34 -5.73 6.74
C ASP A 155 19.80 -5.80 6.29
N VAL A 156 20.05 -5.45 5.04
CA VAL A 156 21.36 -5.73 4.43
C VAL A 156 22.45 -4.86 5.05
N HIS A 157 22.14 -3.60 5.35
CA HIS A 157 23.19 -2.67 5.77
C HIS A 157 23.78 -3.07 7.12
N THR A 158 22.93 -3.30 8.11
CA THR A 158 23.43 -3.75 9.41
C THR A 158 24.16 -5.08 9.29
N PHE A 159 23.68 -5.95 8.40
CA PHE A 159 24.35 -7.22 8.18
C PHE A 159 25.77 -7.01 7.65
N MET A 160 25.93 -6.09 6.70
CA MET A 160 27.25 -5.82 6.15
C MET A 160 28.16 -5.13 7.15
N ARG A 161 27.60 -4.32 8.05
CA ARG A 161 28.43 -3.63 9.03
C ARG A 161 29.21 -4.60 9.91
N SER A 162 28.75 -5.85 10.05
CA SER A 162 29.42 -6.88 10.82
C SER A 162 29.52 -8.17 10.01
N PHE A 163 29.93 -8.04 8.75
CA PHE A 163 29.94 -9.18 7.85
C PHE A 163 30.93 -10.24 8.28
N SER A 164 32.13 -9.84 8.72
CA SER A 164 33.16 -10.81 9.04
C SER A 164 32.73 -11.71 10.20
N GLN A 165 32.14 -11.12 11.24
CA GLN A 165 31.68 -11.91 12.38
C GLN A 165 30.70 -12.98 11.94
N VAL A 166 29.68 -12.58 11.17
CA VAL A 166 28.66 -13.53 10.74
C VAL A 166 29.27 -14.61 9.85
N CYS A 167 30.15 -14.22 8.93
CA CYS A 167 30.76 -15.21 8.04
C CYS A 167 31.56 -16.23 8.83
N ILE A 168 32.44 -15.77 9.72
CA ILE A 168 33.26 -16.69 10.49
C ILE A 168 32.37 -17.63 11.31
N LEU A 169 31.41 -17.05 12.05
CA LEU A 169 30.51 -17.86 12.85
C LEU A 169 29.83 -18.92 11.99
N ALA A 170 29.02 -18.48 11.02
CA ALA A 170 28.30 -19.41 10.17
C ALA A 170 29.21 -20.51 9.66
N LEU A 171 30.24 -20.14 8.90
CA LEU A 171 31.05 -21.15 8.21
C LEU A 171 31.70 -22.11 9.20
N PHE A 172 32.54 -21.58 10.10
CA PHE A 172 33.33 -22.47 10.94
C PHE A 172 32.45 -23.25 11.91
N GLY A 173 31.47 -22.59 12.53
CA GLY A 173 30.58 -23.30 13.42
C GLY A 173 29.82 -24.41 12.72
N LEU A 174 29.32 -24.14 11.51
CA LEU A 174 28.61 -25.18 10.78
C LEU A 174 29.53 -26.36 10.47
N VAL A 175 30.76 -26.08 10.02
CA VAL A 175 31.66 -27.18 9.68
C VAL A 175 31.95 -28.03 10.92
N VAL A 176 32.30 -27.38 12.02
CA VAL A 176 32.66 -28.12 13.23
C VAL A 176 31.47 -28.90 13.76
N ALA A 177 30.29 -28.26 13.78
CA ALA A 177 29.10 -28.94 14.28
C ALA A 177 28.75 -30.15 13.42
N SER A 178 28.84 -30.01 12.09
CA SER A 178 28.55 -31.15 11.22
C SER A 178 29.54 -32.28 11.46
N VAL A 179 30.82 -31.96 11.59
CA VAL A 179 31.82 -33.02 11.82
C VAL A 179 31.55 -33.74 13.13
N LEU A 180 31.29 -32.97 14.19
CA LEU A 180 31.06 -33.57 15.50
C LEU A 180 29.78 -34.42 15.50
N THR A 181 28.72 -33.92 14.88
CA THR A 181 27.49 -34.70 14.78
C THR A 181 27.70 -35.97 13.99
N ALA A 182 28.47 -35.90 12.91
CA ALA A 182 28.73 -37.09 12.11
C ALA A 182 29.50 -38.13 12.91
N VAL A 183 30.53 -37.71 13.64
CA VAL A 183 31.28 -38.67 14.44
C VAL A 183 30.39 -39.27 15.53
N LEU A 184 29.55 -38.43 16.16
CA LEU A 184 28.64 -38.95 17.18
C LEU A 184 27.68 -39.97 16.59
N ALA A 185 27.12 -39.69 15.42
CA ALA A 185 26.21 -40.64 14.79
C ALA A 185 26.92 -41.94 14.44
N MET A 186 28.16 -41.84 13.95
CA MET A 186 28.90 -43.04 13.59
C MET A 186 29.18 -43.90 14.82
N ASN A 187 29.53 -43.28 15.95
CA ASN A 187 29.93 -44.06 17.11
C ASN A 187 28.73 -44.53 17.93
N LEU A 188 27.91 -43.59 18.40
CA LEU A 188 26.84 -43.94 19.33
C LEU A 188 25.82 -44.88 18.70
N PHE A 189 25.30 -44.52 17.53
CA PHE A 189 24.23 -45.30 16.94
C PHE A 189 24.72 -46.69 16.56
N ASN A 190 23.82 -47.68 16.69
CA ASN A 190 24.14 -49.03 16.29
C ASN A 190 24.12 -49.23 14.78
N TYR A 191 23.55 -48.30 14.03
CA TYR A 191 23.58 -48.39 12.57
C TYR A 191 25.03 -48.33 12.11
N ASN A 192 25.39 -49.23 11.18
CA ASN A 192 26.74 -49.24 10.64
C ASN A 192 26.78 -48.27 9.47
N TRP A 193 27.17 -47.03 9.75
CA TRP A 193 27.22 -45.97 8.76
C TRP A 193 28.67 -45.62 8.46
N ASN A 194 28.96 -45.36 7.18
CA ASN A 194 30.26 -44.87 6.79
C ASN A 194 30.32 -43.35 6.97
N PHE A 195 31.50 -42.78 6.75
CA PHE A 195 31.69 -41.36 7.03
C PHE A 195 30.81 -40.48 6.14
N SER A 196 30.58 -40.88 4.89
CA SER A 196 29.78 -40.05 4.00
C SER A 196 28.36 -39.90 4.50
N GLU A 197 27.73 -41.00 4.90
CA GLU A 197 26.37 -40.93 5.41
C GLU A 197 26.29 -40.11 6.69
N ALA A 198 27.28 -40.28 7.58
CA ALA A 198 27.29 -39.50 8.81
C ALA A 198 27.46 -38.02 8.52
N MET A 199 28.29 -37.67 7.54
CA MET A 199 28.46 -36.27 7.18
C MET A 199 27.18 -35.70 6.60
N MET A 200 26.47 -36.48 5.77
CA MET A 200 25.18 -36.03 5.28
C MET A 200 24.20 -35.80 6.43
N PHE A 201 24.19 -36.72 7.40
CA PHE A 201 23.34 -36.57 8.58
C PHE A 201 23.66 -35.28 9.33
N GLY A 202 24.94 -35.03 9.57
CA GLY A 202 25.34 -33.84 10.29
C GLY A 202 24.97 -32.56 9.53
N ALA A 203 25.19 -32.57 8.21
CA ALA A 203 24.82 -31.41 7.42
C ALA A 203 23.32 -31.14 7.50
N ILE A 204 22.51 -32.20 7.46
CA ILE A 204 21.08 -32.02 7.58
C ILE A 204 20.71 -31.45 8.95
N MET A 205 21.34 -31.98 10.01
CA MET A 205 20.96 -31.59 11.36
C MET A 205 21.59 -30.28 11.81
N SER A 206 22.50 -29.69 11.04
CA SER A 206 23.16 -28.46 11.44
C SER A 206 22.50 -27.21 10.91
N ALA A 207 21.35 -27.33 10.23
CA ALA A 207 20.66 -26.19 9.65
C ALA A 207 19.60 -25.68 10.62
N THR A 208 19.59 -24.36 10.84
CA THR A 208 18.69 -23.72 11.79
C THR A 208 17.75 -22.77 11.07
N ASP A 209 16.72 -22.33 11.79
CA ASP A 209 15.70 -21.43 11.23
C ASP A 209 15.05 -20.65 12.37
N PRO A 210 15.73 -19.61 12.86
CA PRO A 210 15.24 -18.82 14.03
C PRO A 210 14.31 -17.66 13.67
N VAL A 211 13.04 -17.98 13.44
CA VAL A 211 12.05 -16.95 13.13
C VAL A 211 11.43 -16.39 14.40
N ALA A 212 10.95 -17.27 15.29
CA ALA A 212 10.28 -16.80 16.50
C ALA A 212 11.21 -15.99 17.39
N VAL A 213 12.46 -16.43 17.53
CA VAL A 213 13.40 -15.71 18.38
C VAL A 213 13.65 -14.31 17.80
N VAL A 214 13.82 -14.21 16.48
CA VAL A 214 14.04 -12.92 15.86
C VAL A 214 12.83 -12.02 16.07
N ALA A 215 11.63 -12.57 15.90
CA ALA A 215 10.42 -11.77 16.10
C ALA A 215 10.34 -11.25 17.52
N LEU A 216 10.62 -12.11 18.50
CA LEU A 216 10.60 -11.69 19.90
C LEU A 216 11.62 -10.59 20.15
N LEU A 217 12.86 -10.79 19.68
CA LEU A 217 13.90 -9.79 19.91
C LEU A 217 13.51 -8.46 19.28
N LYS A 218 12.89 -8.50 18.10
CA LYS A 218 12.46 -7.26 17.45
C LYS A 218 11.36 -6.57 18.25
N ASP A 219 10.35 -7.34 18.68
CA ASP A 219 9.20 -6.70 19.32
C ASP A 219 9.56 -6.16 20.69
N LEU A 220 10.40 -6.87 21.45
CA LEU A 220 10.86 -6.31 22.73
C LEU A 220 11.82 -5.14 22.54
N GLY A 221 12.27 -4.88 21.32
CA GLY A 221 13.12 -3.72 21.08
C GLY A 221 14.45 -3.77 21.82
N ALA A 222 15.12 -4.91 21.82
CA ALA A 222 16.39 -5.07 22.48
C ALA A 222 17.39 -5.73 21.54
N SER A 223 18.57 -5.13 21.41
CA SER A 223 19.69 -5.72 20.69
C SER A 223 19.33 -6.04 19.23
N LYS A 224 19.06 -4.96 18.48
CA LYS A 224 18.83 -5.11 17.05
C LYS A 224 19.99 -5.82 16.38
N GLN A 225 21.22 -5.46 16.74
CA GLN A 225 22.38 -6.15 16.17
C GLN A 225 22.33 -7.63 16.46
N LEU A 226 21.78 -8.03 17.62
CA LEU A 226 21.65 -9.46 17.92
C LEU A 226 20.72 -10.14 16.93
N GLY A 227 19.56 -9.54 16.66
CA GLY A 227 18.65 -10.13 15.69
C GLY A 227 19.26 -10.20 14.31
N THR A 228 19.95 -9.14 13.89
CA THR A 228 20.60 -9.15 12.58
C THR A 228 21.66 -10.25 12.50
N ILE A 229 22.43 -10.41 13.57
CA ILE A 229 23.46 -11.46 13.60
C ILE A 229 22.81 -12.83 13.47
N ILE A 230 21.73 -13.05 14.21
CA ILE A 230 21.05 -14.36 14.15
C ILE A 230 20.54 -14.62 12.74
N GLU A 231 19.91 -13.61 12.13
CA GLU A 231 19.35 -13.80 10.80
C GLU A 231 20.44 -14.11 9.78
N GLY A 232 21.54 -13.34 9.81
CA GLY A 232 22.62 -13.59 8.87
C GLY A 232 23.25 -14.96 9.06
N GLU A 233 23.47 -15.35 10.32
CA GLU A 233 24.02 -16.67 10.58
C GLU A 233 23.11 -17.76 10.06
N SER A 234 21.80 -17.62 10.27
CA SER A 234 20.87 -18.62 9.77
C SER A 234 20.92 -18.71 8.25
N LEU A 235 20.97 -17.57 7.57
CA LEU A 235 21.01 -17.58 6.10
C LEU A 235 22.26 -18.31 5.61
N LEU A 236 23.43 -17.90 6.12
CA LEU A 236 24.67 -18.53 5.66
C LEU A 236 24.70 -20.00 6.02
N ASN A 237 24.17 -20.35 7.19
CA ASN A 237 24.12 -21.76 7.59
C ASN A 237 23.29 -22.57 6.62
N ASP A 238 22.12 -22.05 6.23
CA ASP A 238 21.29 -22.77 5.27
C ASP A 238 22.04 -22.97 3.96
N GLY A 239 22.67 -21.91 3.45
CA GLY A 239 23.38 -22.05 2.18
C GLY A 239 24.48 -23.09 2.23
N CYS A 240 25.33 -23.01 3.26
CA CYS A 240 26.46 -23.92 3.35
C CYS A 240 25.99 -25.35 3.61
N ALA A 241 24.94 -25.51 4.41
CA ALA A 241 24.42 -26.85 4.65
C ALA A 241 23.89 -27.47 3.37
N ILE A 242 23.18 -26.70 2.54
CA ILE A 242 22.72 -27.23 1.28
C ILE A 242 23.90 -27.62 0.40
N VAL A 243 24.94 -26.79 0.36
CA VAL A 243 26.11 -27.11 -0.46
C VAL A 243 26.73 -28.42 -0.03
N ILE A 244 26.98 -28.57 1.27
CA ILE A 244 27.65 -29.77 1.76
C ILE A 244 26.77 -31.00 1.54
N PHE A 245 25.46 -30.86 1.76
CA PHE A 245 24.57 -31.98 1.54
C PHE A 245 24.58 -32.41 0.09
N ASN A 246 24.58 -31.46 -0.84
CA ASN A 246 24.66 -31.81 -2.25
C ASN A 246 25.95 -32.57 -2.55
N VAL A 247 27.07 -32.07 -2.03
CA VAL A 247 28.35 -32.72 -2.28
C VAL A 247 28.31 -34.17 -1.81
N PHE A 248 27.88 -34.39 -0.57
CA PHE A 248 27.94 -35.76 -0.04
C PHE A 248 26.84 -36.65 -0.62
N MET A 249 25.70 -36.09 -1.01
CA MET A 249 24.70 -36.89 -1.69
C MET A 249 25.21 -37.37 -3.04
N LYS A 250 25.87 -36.51 -3.80
CA LYS A 250 26.50 -36.97 -5.03
C LYS A 250 27.56 -38.02 -4.74
N MET A 251 28.32 -37.84 -3.66
CA MET A 251 29.34 -38.82 -3.31
C MET A 251 28.72 -40.19 -3.00
N VAL A 252 27.58 -40.20 -2.33
CA VAL A 252 26.99 -41.44 -1.84
C VAL A 252 26.15 -42.13 -2.90
N PHE A 253 25.10 -41.45 -3.36
CA PHE A 253 24.10 -42.10 -4.22
C PHE A 253 24.52 -42.19 -5.68
N PHE A 254 25.54 -41.43 -6.10
CA PHE A 254 26.02 -41.46 -7.49
C PHE A 254 27.53 -41.56 -7.49
N PRO A 255 28.08 -42.72 -7.11
CA PRO A 255 29.53 -42.89 -7.17
C PRO A 255 30.04 -42.70 -8.60
N GLN A 256 31.17 -42.02 -8.72
CA GLN A 256 31.72 -41.64 -10.03
C GLN A 256 33.24 -41.88 -10.00
N LEU A 257 33.63 -43.09 -10.39
CA LEU A 257 35.04 -43.44 -10.57
C LEU A 257 35.85 -42.98 -9.35
N THR A 258 37.13 -42.66 -9.56
CA THR A 258 37.99 -42.18 -8.49
C THR A 258 37.86 -40.66 -8.38
N SER A 259 38.70 -40.05 -7.54
CA SER A 259 38.68 -38.61 -7.30
C SER A 259 40.11 -38.09 -7.43
N THR A 260 40.50 -37.72 -8.65
CA THR A 260 41.82 -37.14 -8.87
C THR A 260 41.92 -35.78 -8.18
N VAL A 261 43.14 -35.43 -7.79
CA VAL A 261 43.35 -34.17 -7.08
C VAL A 261 42.92 -32.99 -7.94
N GLY A 262 43.31 -33.00 -9.22
CA GLY A 262 42.95 -31.90 -10.10
C GLY A 262 41.45 -31.79 -10.30
N GLN A 263 40.78 -32.93 -10.54
CA GLN A 263 39.34 -32.89 -10.74
C GLN A 263 38.63 -32.39 -9.50
N ASN A 264 39.04 -32.86 -8.32
CA ASN A 264 38.40 -32.41 -7.09
C ASN A 264 38.63 -30.93 -6.85
N VAL A 265 39.85 -30.45 -7.10
CA VAL A 265 40.14 -29.04 -6.90
C VAL A 265 39.30 -28.19 -7.84
N LEU A 266 39.18 -28.61 -9.11
CA LEU A 266 38.36 -27.87 -10.04
C LEU A 266 36.90 -27.89 -9.63
N TYR A 267 36.41 -29.03 -9.16
CA TYR A 267 35.01 -29.13 -8.73
C TYR A 267 34.74 -28.20 -7.54
N PHE A 268 35.64 -28.19 -6.57
CA PHE A 268 35.46 -27.29 -5.42
C PHE A 268 35.50 -25.84 -5.85
N LEU A 269 36.49 -25.48 -6.69
CA LEU A 269 36.58 -24.11 -7.14
C LEU A 269 35.31 -23.68 -7.85
N GLN A 270 34.83 -24.52 -8.77
CA GLN A 270 33.57 -24.22 -9.46
C GLN A 270 32.45 -23.99 -8.45
N VAL A 271 32.12 -25.02 -7.67
CA VAL A 271 30.95 -24.97 -6.81
C VAL A 271 31.03 -23.82 -5.82
N ALA A 272 32.23 -23.43 -5.40
CA ALA A 272 32.37 -22.45 -4.34
C ALA A 272 32.58 -21.02 -4.84
N VAL A 273 32.97 -20.82 -6.10
CA VAL A 273 33.26 -19.50 -6.63
C VAL A 273 32.28 -19.11 -7.73
N ALA A 274 32.07 -20.00 -8.70
CA ALA A 274 31.24 -19.64 -9.85
C ALA A 274 29.81 -19.31 -9.45
N GLY A 275 29.36 -19.79 -8.30
CA GLY A 275 28.01 -19.52 -7.85
C GLY A 275 27.80 -18.04 -7.57
N PRO A 276 28.55 -17.51 -6.61
CA PRO A 276 28.41 -16.07 -6.30
C PRO A 276 28.67 -15.18 -7.50
N LEU A 277 29.61 -15.55 -8.37
CA LEU A 277 29.87 -14.72 -9.55
C LEU A 277 28.67 -14.69 -10.48
N TRP A 278 28.08 -15.86 -10.74
CA TRP A 278 26.90 -15.93 -11.59
C TRP A 278 25.75 -15.13 -10.99
N GLY A 279 25.54 -15.27 -9.68
CA GLY A 279 24.51 -14.50 -9.02
C GLY A 279 24.75 -13.00 -9.12
N TYR A 280 26.01 -12.58 -8.95
CA TYR A 280 26.34 -11.17 -9.03
C TYR A 280 26.06 -10.61 -10.42
N ALA A 281 26.46 -11.34 -11.46
CA ALA A 281 26.20 -10.89 -12.82
C ALA A 281 24.71 -10.77 -13.09
N VAL A 282 23.95 -11.79 -12.69
CA VAL A 282 22.50 -11.76 -12.91
C VAL A 282 21.88 -10.59 -12.16
N ALA A 283 22.32 -10.36 -10.92
CA ALA A 283 21.76 -9.26 -10.14
C ALA A 283 22.08 -7.92 -10.78
N LYS A 284 23.30 -7.74 -11.27
CA LYS A 284 23.64 -6.48 -11.92
C LYS A 284 22.75 -6.23 -13.14
N VAL A 285 22.58 -7.26 -13.98
CA VAL A 285 21.77 -7.09 -15.18
C VAL A 285 20.33 -6.78 -14.81
N THR A 286 19.77 -7.52 -13.84
CA THR A 286 18.38 -7.32 -13.47
C THR A 286 18.16 -5.95 -12.87
N VAL A 287 19.09 -5.48 -12.02
CA VAL A 287 18.95 -4.15 -11.44
C VAL A 287 19.01 -3.08 -12.53
N PHE A 288 19.93 -3.24 -13.48
CA PHE A 288 20.02 -2.27 -14.56
C PHE A 288 18.70 -2.21 -15.33
N PHE A 289 18.14 -3.37 -15.67
CA PHE A 289 16.88 -3.37 -16.40
C PHE A 289 15.75 -2.77 -15.57
N LEU A 290 15.70 -3.09 -14.27
CA LEU A 290 14.65 -2.56 -13.41
C LEU A 290 14.73 -1.05 -13.29
N SER A 291 15.94 -0.48 -13.33
CA SER A 291 16.08 0.96 -13.17
C SER A 291 15.49 1.75 -14.32
N HIS A 292 15.13 1.11 -15.44
CA HIS A 292 14.62 1.80 -16.61
C HIS A 292 13.16 1.46 -16.88
N ILE A 293 12.39 1.15 -15.84
CA ILE A 293 10.97 0.83 -15.97
C ILE A 293 10.17 1.90 -15.25
N PHE A 294 9.27 2.56 -15.97
CA PHE A 294 8.43 3.61 -15.42
C PHE A 294 6.96 3.24 -15.60
N ASN A 295 6.21 3.26 -14.50
CA ASN A 295 4.77 3.05 -14.53
C ASN A 295 4.42 1.64 -15.00
N ASP A 296 5.03 0.65 -14.35
CA ASP A 296 4.71 -0.76 -14.65
C ASP A 296 5.07 -1.58 -13.42
N ALA A 297 4.06 -1.97 -12.64
CA ALA A 297 4.30 -2.81 -11.47
C ALA A 297 4.30 -4.29 -11.83
N LEU A 298 3.39 -4.72 -12.71
CA LEU A 298 3.35 -6.11 -13.13
C LEU A 298 4.67 -6.53 -13.76
N VAL A 299 5.22 -5.66 -14.61
CA VAL A 299 6.49 -5.97 -15.26
C VAL A 299 7.58 -6.16 -14.22
N GLU A 300 7.64 -5.28 -13.23
CA GLU A 300 8.69 -5.38 -12.22
C GLU A 300 8.56 -6.67 -11.41
N ILE A 301 7.34 -7.00 -10.97
CA ILE A 301 7.15 -8.22 -10.17
C ILE A 301 7.50 -9.44 -11.00
N THR A 302 7.04 -9.48 -12.25
CA THR A 302 7.34 -10.62 -13.11
C THR A 302 8.83 -10.73 -13.36
N ILE A 303 9.52 -9.60 -13.54
CA ILE A 303 10.96 -9.62 -13.73
C ILE A 303 11.65 -10.22 -12.52
N THR A 304 11.24 -9.81 -11.32
CA THR A 304 11.84 -10.36 -10.11
C THR A 304 11.65 -11.88 -10.05
N LEU A 305 10.42 -12.34 -10.27
CA LEU A 305 10.14 -13.77 -10.17
C LEU A 305 10.96 -14.55 -11.21
N ALA A 306 10.91 -14.11 -12.46
CA ALA A 306 11.62 -14.82 -13.52
C ALA A 306 13.12 -14.82 -13.28
N ALA A 307 13.66 -13.69 -12.83
CA ALA A 307 15.09 -13.62 -12.56
C ALA A 307 15.47 -14.64 -11.49
N THR A 308 14.73 -14.68 -10.39
CA THR A 308 15.05 -15.63 -9.33
C THR A 308 15.05 -17.06 -9.86
N TYR A 309 13.95 -17.46 -10.50
CA TYR A 309 13.81 -18.86 -10.89
C TYR A 309 14.81 -19.23 -11.99
N LEU A 310 15.01 -18.35 -12.96
CA LEU A 310 15.99 -18.62 -14.01
C LEU A 310 17.40 -18.72 -13.42
N THR A 311 17.75 -17.81 -12.50
CA THR A 311 19.06 -17.90 -11.88
C THR A 311 19.26 -19.27 -11.24
N TYR A 312 18.32 -19.69 -10.39
CA TYR A 312 18.49 -20.98 -9.73
C TYR A 312 18.59 -22.11 -10.75
N TYR A 313 17.63 -22.17 -11.67
CA TYR A 313 17.56 -23.31 -12.59
C TYR A 313 18.81 -23.38 -13.47
N ILE A 314 19.16 -22.28 -14.11
CA ILE A 314 20.31 -22.29 -15.02
C ILE A 314 21.59 -22.58 -14.25
N GLY A 315 21.77 -21.96 -13.08
CA GLY A 315 22.98 -22.22 -12.31
C GLY A 315 23.10 -23.65 -11.85
N ASP A 316 21.98 -24.30 -11.56
CA ASP A 316 22.06 -25.66 -11.01
C ASP A 316 22.19 -26.72 -12.10
N ILE A 317 21.49 -26.56 -13.22
CA ILE A 317 21.44 -27.62 -14.23
C ILE A 317 22.54 -27.41 -15.27
N TRP A 318 22.45 -26.30 -16.01
CA TRP A 318 23.49 -25.99 -16.97
C TRP A 318 24.66 -25.29 -16.28
N LEU A 319 25.86 -25.54 -16.78
CA LEU A 319 27.07 -25.00 -16.17
C LEU A 319 27.04 -25.20 -14.65
N GLU A 320 27.09 -26.47 -14.26
CA GLU A 320 26.91 -26.87 -12.87
C GLU A 320 27.61 -25.92 -11.92
N VAL A 321 26.82 -25.36 -10.99
CA VAL A 321 27.30 -24.33 -10.07
C VAL A 321 26.35 -24.30 -8.90
N SER A 322 26.83 -23.77 -7.76
CA SER A 322 26.01 -23.73 -6.55
C SER A 322 24.86 -22.75 -6.76
N GLY A 323 23.66 -23.28 -7.01
CA GLY A 323 22.52 -22.42 -7.24
C GLY A 323 22.09 -21.66 -6.00
N VAL A 324 22.15 -22.31 -4.83
CA VAL A 324 21.68 -21.66 -3.60
C VAL A 324 22.51 -20.41 -3.31
N LEU A 325 23.84 -20.51 -3.44
CA LEU A 325 24.69 -19.36 -3.19
C LEU A 325 24.39 -18.23 -4.18
N ALA A 326 24.18 -18.58 -5.45
CA ALA A 326 23.87 -17.57 -6.44
C ALA A 326 22.57 -16.85 -6.10
N VAL A 327 21.55 -17.61 -5.69
CA VAL A 327 20.27 -16.99 -5.33
C VAL A 327 20.43 -16.12 -4.09
N VAL A 328 21.24 -16.57 -3.13
CA VAL A 328 21.48 -15.75 -1.94
C VAL A 328 22.12 -14.43 -2.31
N VAL A 329 23.16 -14.48 -3.16
CA VAL A 329 23.84 -13.26 -3.56
C VAL A 329 22.90 -12.36 -4.33
N LEU A 330 22.10 -12.92 -5.24
CA LEU A 330 21.16 -12.12 -6.02
C LEU A 330 20.16 -11.44 -5.11
N GLY A 331 19.59 -12.17 -4.15
CA GLY A 331 18.64 -11.57 -3.23
C GLY A 331 19.27 -10.46 -2.41
N LEU A 332 20.48 -10.69 -1.89
CA LEU A 332 21.14 -9.65 -1.11
C LEU A 332 21.40 -8.41 -1.95
N ILE A 333 21.89 -8.58 -3.18
CA ILE A 333 22.18 -7.45 -4.04
C ILE A 333 20.91 -6.67 -4.35
N VAL A 334 19.83 -7.38 -4.70
CA VAL A 334 18.57 -6.69 -5.00
C VAL A 334 18.07 -5.95 -3.78
N ASN A 335 18.21 -6.55 -2.60
CA ASN A 335 17.79 -5.88 -1.37
C ASN A 335 18.58 -4.60 -1.15
N ALA A 336 19.89 -4.65 -1.38
CA ALA A 336 20.73 -3.47 -1.16
C ALA A 336 20.30 -2.32 -2.06
N GLU A 337 20.22 -2.57 -3.37
CA GLU A 337 19.87 -1.54 -4.33
C GLU A 337 18.38 -1.58 -4.67
N LYS A 338 17.56 -1.39 -3.63
CA LYS A 338 16.11 -1.41 -3.80
C LYS A 338 15.54 -0.02 -4.08
N THR A 339 16.38 1.01 -4.19
CA THR A 339 15.88 2.32 -4.55
C THR A 339 15.39 2.38 -5.99
N SER A 340 15.88 1.47 -6.85
CA SER A 340 15.43 1.46 -8.23
C SER A 340 13.94 1.16 -8.32
N ILE A 341 13.45 0.22 -7.52
CA ILE A 341 12.03 -0.12 -7.53
C ILE A 341 11.23 1.04 -6.96
N SER A 342 10.01 1.19 -7.46
CA SER A 342 9.12 2.22 -6.95
C SER A 342 8.66 1.86 -5.54
N PRO A 343 8.24 2.86 -4.77
CA PRO A 343 7.87 2.59 -3.37
C PRO A 343 6.75 1.58 -3.22
N GLU A 344 5.62 1.84 -3.86
CA GLU A 344 4.47 0.94 -3.74
C GLU A 344 4.82 -0.45 -4.25
N VAL A 345 5.64 -0.53 -5.30
CA VAL A 345 6.02 -1.83 -5.84
C VAL A 345 6.78 -2.64 -4.80
N GLU A 346 7.72 -2.01 -4.10
CA GLU A 346 8.48 -2.72 -3.07
C GLU A 346 7.59 -3.08 -1.89
N VAL A 347 6.67 -2.20 -1.52
CA VAL A 347 5.73 -2.51 -0.45
C VAL A 347 4.93 -3.75 -0.79
N PHE A 348 4.46 -3.84 -2.04
CA PHE A 348 3.74 -5.02 -2.48
C PHE A 348 4.65 -6.25 -2.50
N LEU A 349 5.90 -6.07 -2.94
CA LEU A 349 6.81 -7.20 -3.08
C LEU A 349 7.11 -7.85 -1.74
N HIS A 350 7.28 -7.05 -0.71
CA HIS A 350 7.56 -7.62 0.62
C HIS A 350 6.48 -8.62 1.01
N ARG A 351 5.21 -8.19 0.95
CA ARG A 351 4.12 -9.07 1.33
C ARG A 351 3.99 -10.25 0.38
N PHE A 352 4.23 -10.02 -0.91
CA PHE A 352 4.14 -11.10 -1.89
C PHE A 352 5.10 -12.23 -1.55
N TRP A 353 6.37 -11.88 -1.32
CA TRP A 353 7.37 -12.90 -1.01
C TRP A 353 7.10 -13.54 0.35
N GLU A 354 6.64 -12.75 1.32
CA GLU A 354 6.28 -13.33 2.62
C GLU A 354 5.20 -14.39 2.46
N MET A 355 4.16 -14.08 1.67
CA MET A 355 3.09 -15.04 1.46
C MET A 355 3.58 -16.29 0.75
N LEU A 356 4.45 -16.12 -0.26
CA LEU A 356 4.97 -17.29 -0.96
C LEU A 356 5.76 -18.19 -0.01
N ALA A 357 6.60 -17.60 0.84
CA ALA A 357 7.36 -18.39 1.79
C ALA A 357 6.43 -19.11 2.77
N TYR A 358 5.39 -18.42 3.23
CA TYR A 358 4.43 -19.05 4.12
C TYR A 358 3.77 -20.25 3.46
N LEU A 359 3.39 -20.10 2.19
CA LEU A 359 2.78 -21.22 1.47
C LEU A 359 3.72 -22.40 1.38
N ALA A 360 4.98 -22.14 1.04
CA ALA A 360 5.95 -23.23 0.92
C ALA A 360 6.14 -23.95 2.25
N ASN A 361 6.28 -23.18 3.34
CA ASN A 361 6.45 -23.79 4.65
C ASN A 361 5.26 -24.66 5.01
N THR A 362 4.05 -24.15 4.78
CA THR A 362 2.86 -24.92 5.11
C THR A 362 2.81 -26.22 4.32
N LEU A 363 3.09 -26.13 3.01
CA LEU A 363 3.03 -27.34 2.18
C LEU A 363 4.04 -28.37 2.65
N ILE A 364 5.27 -27.94 2.93
CA ILE A 364 6.31 -28.91 3.34
C ILE A 364 5.94 -29.55 4.67
N PHE A 365 5.47 -28.75 5.63
CA PHE A 365 5.12 -29.30 6.94
C PHE A 365 3.97 -30.28 6.83
N MET A 366 2.97 -29.97 5.99
CA MET A 366 1.86 -30.90 5.83
C MET A 366 2.32 -32.20 5.17
N MET A 367 3.18 -32.10 4.15
CA MET A 367 3.62 -33.29 3.43
C MET A 367 4.46 -34.21 4.30
N VAL A 368 5.33 -33.62 5.13
CA VAL A 368 6.27 -34.44 5.89
C VAL A 368 5.52 -35.35 6.86
N GLY A 369 4.45 -34.85 7.48
CA GLY A 369 3.70 -35.68 8.41
C GLY A 369 3.11 -36.90 7.74
N VAL A 370 2.48 -36.70 6.58
CA VAL A 370 1.88 -37.81 5.86
C VAL A 370 2.96 -38.83 5.48
N VAL A 371 4.08 -38.35 4.93
CA VAL A 371 5.11 -39.27 4.48
C VAL A 371 5.67 -40.05 5.67
N VAL A 372 5.91 -39.39 6.79
CA VAL A 372 6.47 -40.06 7.96
C VAL A 372 5.50 -41.12 8.45
N THR A 373 4.23 -40.75 8.63
CA THR A 373 3.26 -41.70 9.16
C THR A 373 3.08 -42.90 8.22
N GLN A 374 3.27 -42.70 6.92
CA GLN A 374 3.07 -43.81 6.00
C GLN A 374 4.29 -44.70 5.85
N LYS A 375 5.50 -44.16 6.04
CA LYS A 375 6.70 -44.95 5.80
C LYS A 375 7.56 -45.17 7.04
N ALA A 376 7.92 -44.09 7.75
CA ALA A 376 8.98 -44.21 8.76
C ALA A 376 8.50 -44.96 9.99
N LEU A 377 7.28 -44.67 10.46
CA LEU A 377 6.81 -45.30 11.68
C LEU A 377 6.69 -46.81 11.55
N VAL A 378 6.69 -47.33 10.32
CA VAL A 378 6.67 -48.77 10.13
C VAL A 378 7.93 -49.40 10.72
N ALA A 379 9.09 -48.80 10.45
CA ALA A 379 10.38 -49.31 10.91
C ALA A 379 10.86 -48.43 12.06
N VAL A 380 10.76 -48.95 13.28
CA VAL A 380 11.24 -48.26 14.46
C VAL A 380 11.32 -49.25 15.62
N ASP A 381 12.31 -49.11 16.47
CA ASP A 381 12.52 -49.98 17.61
C ASP A 381 12.43 -49.19 18.91
N LYS A 382 12.57 -49.89 20.03
CA LYS A 382 12.52 -49.24 21.33
C LYS A 382 13.74 -48.38 21.59
N MET A 383 14.87 -48.66 20.93
CA MET A 383 16.08 -47.89 21.14
C MET A 383 16.13 -46.61 20.32
N ASP A 384 15.24 -46.47 19.32
CA ASP A 384 15.28 -45.27 18.49
C ASP A 384 14.89 -44.03 19.26
N TRP A 385 13.92 -44.16 20.18
CA TRP A 385 13.56 -43.01 21.00
C TRP A 385 14.69 -42.61 21.93
N PHE A 386 15.37 -43.60 22.51
CA PHE A 386 16.55 -43.31 23.33
C PHE A 386 17.61 -42.58 22.52
N TYR A 387 17.87 -43.05 21.29
CA TYR A 387 18.84 -42.39 20.44
C TYR A 387 18.39 -40.97 20.11
N LEU A 388 17.09 -40.77 19.92
CA LEU A 388 16.57 -39.42 19.63
C LEU A 388 16.85 -38.48 20.80
N ILE A 389 16.58 -38.94 22.02
CA ILE A 389 16.83 -38.12 23.20
C ILE A 389 18.32 -37.78 23.30
N ILE A 390 19.17 -38.80 23.11
CA ILE A 390 20.61 -38.58 23.20
C ILE A 390 21.07 -37.60 22.15
N LEU A 391 20.54 -37.72 20.93
CA LEU A 391 20.94 -36.82 19.84
C LEU A 391 20.51 -35.39 20.14
N TYR A 392 19.30 -35.20 20.66
CA TYR A 392 18.87 -33.85 21.04
C TYR A 392 19.83 -33.25 22.05
N LEU A 393 20.15 -34.00 23.10
CA LEU A 393 21.09 -33.50 24.11
C LEU A 393 22.43 -33.17 23.47
N ALA A 394 22.94 -34.07 22.61
CA ALA A 394 24.26 -33.88 22.04
C ALA A 394 24.33 -32.65 21.16
N ILE A 395 23.32 -32.43 20.31
CA ILE A 395 23.34 -31.26 19.44
C ILE A 395 23.22 -29.98 20.26
N THR A 396 22.38 -30.00 21.29
CA THR A 396 22.27 -28.82 22.15
C THR A 396 23.60 -28.50 22.81
N ILE A 397 24.32 -29.52 23.27
CA ILE A 397 25.63 -29.29 23.88
C ILE A 397 26.62 -28.79 22.84
N ILE A 398 26.59 -29.38 21.63
CA ILE A 398 27.59 -29.07 20.61
C ILE A 398 27.48 -27.62 20.17
N ARG A 399 26.25 -27.13 19.98
CA ARG A 399 26.09 -25.75 19.55
C ARG A 399 26.72 -24.79 20.56
N GLY A 400 26.43 -24.98 21.84
CA GLY A 400 27.00 -24.13 22.86
C GLY A 400 28.51 -24.25 22.94
N MET A 401 29.03 -25.47 22.81
CA MET A 401 30.48 -25.65 22.83
C MET A 401 31.15 -24.89 21.70
N VAL A 402 30.59 -24.98 20.50
CA VAL A 402 31.17 -24.28 19.35
C VAL A 402 31.11 -22.77 19.57
N ILE A 403 29.97 -22.27 20.04
CA ILE A 403 29.84 -20.82 20.23
C ILE A 403 30.84 -20.34 21.26
N SER A 404 30.96 -21.06 22.38
CA SER A 404 31.92 -20.66 23.41
C SER A 404 33.34 -20.70 22.89
N LEU A 405 33.70 -21.75 22.15
CA LEU A 405 35.06 -21.87 21.65
C LEU A 405 35.39 -20.74 20.69
N PHE A 406 34.45 -20.37 19.82
CA PHE A 406 34.70 -19.28 18.89
C PHE A 406 34.51 -17.91 19.51
N SER A 407 33.99 -17.84 20.74
CA SER A 407 33.83 -16.54 21.41
C SER A 407 35.11 -15.71 21.45
N PRO A 408 36.27 -16.25 21.79
CA PRO A 408 37.47 -15.40 21.86
C PRO A 408 37.79 -14.68 20.56
N ILE A 409 37.74 -15.40 19.43
CA ILE A 409 38.15 -14.81 18.16
C ILE A 409 37.18 -13.69 17.75
N LEU A 410 35.88 -13.96 17.80
CA LEU A 410 34.89 -12.97 17.40
C LEU A 410 34.61 -11.92 18.47
N SER A 411 35.19 -12.06 19.65
CA SER A 411 35.05 -11.07 20.71
C SER A 411 36.24 -10.11 20.76
N ARG A 412 37.46 -10.65 20.71
CA ARG A 412 38.63 -9.78 20.63
C ARG A 412 38.61 -8.94 19.37
N ILE A 413 37.94 -9.42 18.33
CA ILE A 413 37.80 -8.67 17.08
C ILE A 413 36.31 -8.51 16.79
N GLY A 414 35.98 -7.85 15.69
CA GLY A 414 34.58 -7.69 15.32
C GLY A 414 33.82 -6.95 16.39
N TYR A 415 32.65 -7.48 16.74
CA TYR A 415 31.75 -6.85 17.70
C TYR A 415 31.82 -7.45 19.09
N GLY A 416 32.16 -8.73 19.21
CA GLY A 416 32.18 -9.39 20.49
C GLY A 416 30.82 -9.85 20.94
N LEU A 417 30.80 -10.66 21.99
CA LEU A 417 29.57 -11.23 22.51
C LEU A 417 29.57 -11.21 24.03
N THR A 418 28.37 -11.18 24.60
CA THR A 418 28.17 -11.29 26.04
C THR A 418 27.62 -12.67 26.36
N TRP A 419 27.81 -13.09 27.62
CA TRP A 419 27.42 -14.44 28.01
C TRP A 419 25.91 -14.62 27.87
N ARG A 420 25.12 -13.60 28.23
CA ARG A 420 23.67 -13.70 28.04
C ARG A 420 23.32 -13.84 26.57
N ASN A 421 23.98 -13.07 25.70
CA ASN A 421 23.74 -13.20 24.27
C ASN A 421 24.14 -14.58 23.76
N ALA A 422 25.24 -15.12 24.27
CA ALA A 422 25.65 -16.46 23.87
C ALA A 422 24.61 -17.49 24.28
N VAL A 423 24.06 -17.37 25.49
CA VAL A 423 23.03 -18.31 25.93
C VAL A 423 21.79 -18.20 25.06
N ILE A 424 21.37 -16.96 24.76
CA ILE A 424 20.20 -16.77 23.93
C ILE A 424 20.41 -17.38 22.55
N MET A 425 21.60 -17.17 21.97
CA MET A 425 21.88 -17.76 20.67
C MET A 425 21.87 -19.29 20.74
N THR A 426 22.43 -19.86 21.80
CA THR A 426 22.46 -21.31 21.94
C THR A 426 21.04 -21.88 22.04
N TRP A 427 20.18 -21.24 22.81
CA TRP A 427 18.83 -21.77 23.02
C TRP A 427 17.89 -21.46 21.86
N GLY A 428 18.28 -20.58 20.94
CA GLY A 428 17.43 -20.19 19.83
C GLY A 428 17.64 -20.95 18.55
N GLY A 429 18.37 -22.06 18.58
CA GLY A 429 18.62 -22.83 17.38
C GLY A 429 17.51 -23.79 17.03
N LEU A 430 16.41 -23.26 16.49
CA LEU A 430 15.26 -24.07 16.13
C LEU A 430 15.41 -24.58 14.69
N ARG A 431 15.29 -25.90 14.52
CA ARG A 431 15.32 -26.48 13.20
C ARG A 431 14.06 -26.11 12.41
N GLY A 432 14.18 -26.09 11.09
CA GLY A 432 13.09 -25.62 10.25
C GLY A 432 12.71 -26.54 9.11
N ALA A 433 12.39 -25.95 7.97
CA ALA A 433 11.87 -26.71 6.83
C ALA A 433 12.96 -27.20 5.88
N VAL A 434 14.11 -26.55 5.85
CA VAL A 434 15.18 -27.00 4.94
C VAL A 434 15.63 -28.40 5.32
N GLY A 435 15.79 -28.66 6.61
CA GLY A 435 16.15 -30.01 7.04
C GLY A 435 15.10 -31.03 6.64
N LEU A 436 13.83 -30.68 6.78
CA LEU A 436 12.77 -31.60 6.39
C LEU A 436 12.81 -31.89 4.89
N ALA A 437 13.04 -30.85 4.07
CA ALA A 437 13.12 -31.06 2.64
C ALA A 437 14.30 -31.97 2.27
N LEU A 438 15.45 -31.74 2.90
CA LEU A 438 16.60 -32.60 2.61
C LEU A 438 16.35 -34.03 3.07
N ALA A 439 15.70 -34.21 4.22
CA ALA A 439 15.38 -35.54 4.69
C ALA A 439 14.42 -36.25 3.73
N LEU A 440 13.44 -35.51 3.21
CA LEU A 440 12.52 -36.10 2.24
C LEU A 440 13.26 -36.50 0.97
N VAL A 441 14.19 -35.66 0.52
CA VAL A 441 14.99 -36.01 -0.66
C VAL A 441 15.75 -37.30 -0.40
N VAL A 442 16.40 -37.40 0.75
CA VAL A 442 17.18 -38.60 1.06
C VAL A 442 16.27 -39.83 1.12
N GLU A 443 15.10 -39.69 1.74
CA GLU A 443 14.19 -40.82 1.88
C GLU A 443 13.71 -41.28 0.51
N ASN A 444 13.39 -40.35 -0.38
CA ASN A 444 12.94 -40.72 -1.72
C ASN A 444 14.07 -41.30 -2.55
N LEU A 445 15.32 -40.95 -2.24
CA LEU A 445 16.45 -41.41 -3.04
C LEU A 445 16.87 -42.84 -2.72
N ALA A 446 16.30 -43.46 -1.68
CA ALA A 446 16.70 -44.79 -1.28
C ALA A 446 15.47 -45.65 -1.01
N GLY A 447 15.66 -46.97 -1.10
CA GLY A 447 14.62 -47.91 -0.78
C GLY A 447 14.99 -48.84 0.35
N ASN A 448 15.97 -48.42 1.16
CA ASN A 448 16.46 -49.20 2.29
C ASN A 448 16.20 -48.44 3.59
N ASP A 449 15.85 -49.18 4.64
CA ASP A 449 15.54 -48.55 5.91
C ASP A 449 16.76 -47.89 6.53
N VAL A 450 17.93 -48.51 6.41
CA VAL A 450 19.14 -48.10 7.11
C VAL A 450 19.42 -46.62 6.87
N ILE A 451 18.89 -46.07 5.77
CA ILE A 451 19.03 -44.64 5.50
C ILE A 451 17.69 -43.96 5.20
N GLY A 452 16.64 -44.68 4.87
CA GLY A 452 15.39 -44.06 4.52
C GLY A 452 14.54 -43.68 5.72
N SER A 453 14.21 -44.67 6.55
CA SER A 453 13.33 -44.40 7.69
C SER A 453 14.04 -43.63 8.79
N LYS A 454 15.29 -44.00 9.08
CA LYS A 454 15.98 -43.39 10.21
C LYS A 454 16.18 -41.89 10.00
N PHE A 455 16.59 -41.49 8.79
CA PHE A 455 16.83 -40.07 8.53
C PHE A 455 15.58 -39.24 8.79
N LEU A 456 14.47 -39.61 8.15
CA LEU A 456 13.24 -38.85 8.30
C LEU A 456 12.74 -38.90 9.74
N PHE A 457 12.80 -40.07 10.37
CA PHE A 457 12.31 -40.20 11.74
C PHE A 457 13.07 -39.29 12.68
N HIS A 458 14.41 -39.35 12.63
CA HIS A 458 15.21 -38.52 13.53
C HIS A 458 15.03 -37.03 13.23
N THR A 459 14.99 -36.66 11.95
CA THR A 459 14.81 -35.25 11.61
C THR A 459 13.48 -34.72 12.15
N ALA A 460 12.40 -35.46 11.92
CA ALA A 460 11.09 -35.02 12.39
C ALA A 460 11.06 -34.98 13.91
N GLY A 461 11.65 -35.97 14.58
CA GLY A 461 11.68 -35.96 16.03
C GLY A 461 12.42 -34.75 16.58
N ILE A 462 13.58 -34.44 16.01
CA ILE A 462 14.33 -33.28 16.47
C ILE A 462 13.54 -32.01 16.24
N VAL A 463 12.91 -31.88 15.07
CA VAL A 463 12.13 -30.69 14.79
C VAL A 463 11.00 -30.53 15.81
N VAL A 464 10.28 -31.61 16.08
CA VAL A 464 9.17 -31.54 17.02
C VAL A 464 9.65 -31.19 18.41
N LEU A 465 10.75 -31.83 18.86
CA LEU A 465 11.26 -31.55 20.19
C LEU A 465 11.67 -30.09 20.32
N THR A 466 12.41 -29.59 19.33
CA THR A 466 12.82 -28.19 19.36
C THR A 466 11.61 -27.26 19.43
N LEU A 467 10.64 -27.47 18.55
CA LEU A 467 9.47 -26.60 18.52
C LEU A 467 8.72 -26.63 19.84
N VAL A 468 8.56 -27.83 20.42
CA VAL A 468 7.78 -27.94 21.65
C VAL A 468 8.50 -27.31 22.83
N ILE A 469 9.81 -27.51 22.92
CA ILE A 469 10.53 -27.12 24.14
C ILE A 469 11.14 -25.73 24.01
N ASN A 470 12.04 -25.54 23.04
CA ASN A 470 12.76 -24.28 22.95
C ASN A 470 11.82 -23.13 22.62
N ALA A 471 10.91 -23.33 21.67
CA ALA A 471 9.99 -22.27 21.31
C ALA A 471 9.11 -21.86 22.49
N THR A 472 8.69 -22.84 23.30
CA THR A 472 7.83 -22.54 24.43
C THR A 472 8.59 -21.85 25.55
N THR A 473 9.83 -22.27 25.81
CA THR A 473 10.58 -21.79 26.95
C THR A 473 11.49 -20.61 26.65
N ILE A 474 11.53 -20.15 25.40
CA ILE A 474 12.40 -19.02 25.06
C ILE A 474 11.99 -17.78 25.84
N GLN A 475 10.69 -17.53 25.95
CA GLN A 475 10.23 -16.33 26.67
C GLN A 475 10.61 -16.40 28.14
N THR A 476 10.43 -17.56 28.77
CA THR A 476 10.83 -17.70 30.17
C THR A 476 12.32 -17.52 30.34
N LEU A 477 13.12 -18.07 29.43
CA LEU A 477 14.56 -17.88 29.49
C LEU A 477 14.93 -16.42 29.37
N LEU A 478 14.25 -15.69 28.48
CA LEU A 478 14.49 -14.26 28.35
C LEU A 478 14.15 -13.53 29.64
N ARG A 479 13.02 -13.89 30.26
CA ARG A 479 12.62 -13.23 31.50
C ARG A 479 13.64 -13.48 32.61
N ILE A 480 14.11 -14.73 32.74
CA ILE A 480 15.01 -15.07 33.83
C ILE A 480 16.29 -14.24 33.75
N LEU A 481 16.84 -14.09 32.53
CA LEU A 481 18.04 -13.30 32.35
C LEU A 481 17.81 -11.80 32.56
N GLY A 482 16.56 -11.38 32.70
CA GLY A 482 16.27 -9.97 32.85
C GLY A 482 16.55 -9.15 31.61
N MET A 483 16.25 -9.71 30.43
CA MET A 483 16.46 -9.02 29.16
C MET A 483 15.16 -8.48 28.58
N SER A 484 14.05 -8.57 29.32
CA SER A 484 12.75 -8.11 28.85
C SER A 484 12.22 -6.94 29.67
N ASP A 485 13.07 -6.30 30.47
CA ASP A 485 12.63 -5.17 31.27
C ASP A 485 12.29 -3.98 30.38
N ILE A 486 11.44 -3.10 30.91
CA ILE A 486 10.97 -1.92 30.19
C ILE A 486 11.65 -0.70 30.80
N SER A 487 12.28 0.10 29.96
CA SER A 487 12.94 1.32 30.43
C SER A 487 11.91 2.29 31.00
N ILE A 488 12.26 2.93 32.11
CA ILE A 488 11.34 3.86 32.75
C ILE A 488 10.93 5.00 31.82
N PRO A 489 11.85 5.66 31.10
CA PRO A 489 11.43 6.72 30.19
C PRO A 489 10.40 6.28 29.18
N LYS A 490 10.52 5.05 28.65
CA LYS A 490 9.52 4.55 27.71
C LYS A 490 8.16 4.45 28.37
N ARG A 491 8.12 3.95 29.61
CA ARG A 491 6.86 3.85 30.34
C ARG A 491 6.25 5.23 30.55
N LEU A 492 7.09 6.22 30.92
CA LEU A 492 6.58 7.57 31.12
C LEU A 492 6.02 8.15 29.83
N ALA A 493 6.73 7.94 28.72
CA ALA A 493 6.25 8.44 27.43
C ALA A 493 4.93 7.80 27.05
N MET A 494 4.80 6.48 27.27
CA MET A 494 3.54 5.81 26.97
C MET A 494 2.41 6.37 27.84
N ALA A 495 2.67 6.58 29.13
CA ALA A 495 1.64 7.13 30.00
C ALA A 495 1.21 8.52 29.53
N GLY A 496 2.18 9.37 29.17
CA GLY A 496 1.84 10.68 28.66
C GLY A 496 1.01 10.62 27.40
N ALA A 497 1.38 9.75 26.47
CA ALA A 497 0.63 9.62 25.23
C ALA A 497 -0.80 9.15 25.50
N VAL A 498 -0.96 8.18 26.40
CA VAL A 498 -2.30 7.69 26.70
C VAL A 498 -3.13 8.78 27.35
N ARG A 499 -2.54 9.56 28.25
CA ARG A 499 -3.29 10.65 28.87
C ARG A 499 -3.70 11.70 27.84
N ARG A 500 -2.81 12.03 26.91
CA ARG A 500 -3.16 12.98 25.87
C ARG A 500 -4.29 12.45 24.99
N ILE A 501 -4.23 11.17 24.63
CA ILE A 501 -5.28 10.57 23.82
C ILE A 501 -6.61 10.62 24.58
N HIS A 502 -6.58 10.34 25.88
CA HIS A 502 -7.80 10.41 26.67
C HIS A 502 -8.37 11.82 26.69
N GLU A 503 -7.51 12.83 26.85
CA GLU A 503 -7.98 14.21 26.83
C GLU A 503 -8.63 14.56 25.50
N GLY A 504 -7.99 14.16 24.39
CA GLY A 504 -8.57 14.43 23.08
C GLY A 504 -9.91 13.74 22.90
N GLN A 505 -10.00 12.48 23.35
CA GLN A 505 -11.26 11.75 23.24
C GLN A 505 -12.36 12.43 24.05
N ASN A 506 -12.02 12.91 25.26
CA ASN A 506 -13.02 13.60 26.07
C ASN A 506 -13.49 14.88 25.40
N ARG A 507 -12.57 15.64 24.82
CA ARG A 507 -12.98 16.86 24.12
C ARG A 507 -13.90 16.54 22.95
N THR A 508 -13.55 15.51 22.16
CA THR A 508 -14.39 15.14 21.03
C THR A 508 -15.76 14.66 21.51
N LEU A 509 -15.79 13.93 22.62
CA LEU A 509 -17.06 13.48 23.17
C LEU A 509 -17.94 14.65 23.58
N ASN A 510 -17.35 15.66 24.22
CA ASN A 510 -18.12 16.85 24.57
C ASN A 510 -18.66 17.53 23.32
N MET A 511 -17.82 17.67 22.29
CA MET A 511 -18.28 18.30 21.07
C MET A 511 -19.43 17.52 20.45
N LEU A 512 -19.32 16.19 20.41
CA LEU A 512 -20.40 15.37 19.87
C LEU A 512 -21.68 15.53 20.69
N LYS A 513 -21.56 15.54 22.02
CA LYS A 513 -22.74 15.69 22.86
C LYS A 513 -23.43 17.02 22.61
N SER A 514 -22.66 18.09 22.44
CA SER A 514 -23.26 19.40 22.19
C SER A 514 -24.10 19.42 20.92
N ASP A 515 -23.83 18.52 19.98
CA ASP A 515 -24.57 18.49 18.73
C ASP A 515 -26.06 18.26 18.98
N ARG A 516 -26.85 18.50 17.94
CA ARG A 516 -28.30 18.34 18.01
C ARG A 516 -28.80 17.07 17.32
N PHE A 517 -28.26 16.75 16.14
CA PHE A 517 -28.68 15.56 15.42
C PHE A 517 -28.21 14.27 16.09
N LEU A 518 -27.30 14.35 17.05
CA LEU A 518 -26.79 13.19 17.76
C LEU A 518 -26.95 13.45 19.26
N ALA A 519 -28.14 13.15 19.78
CA ALA A 519 -28.39 13.29 21.21
C ALA A 519 -29.01 12.00 21.74
N ASP A 520 -29.76 11.30 20.89
CA ASP A 520 -30.36 10.03 21.26
C ASP A 520 -29.36 8.88 21.27
N ALA A 521 -28.21 9.06 20.61
CA ALA A 521 -27.23 7.99 20.53
C ALA A 521 -26.83 7.53 21.93
N ASP A 522 -26.76 6.21 22.12
CA ASP A 522 -26.38 5.67 23.41
C ASP A 522 -24.96 6.10 23.75
N TRP A 523 -24.77 6.59 24.97
CA TRP A 523 -23.48 7.06 25.43
C TRP A 523 -22.71 6.01 26.21
N ASP A 524 -23.22 4.77 26.24
CA ASP A 524 -22.41 3.65 26.70
C ASP A 524 -21.06 3.63 26.03
N ILE A 525 -20.93 4.27 24.86
CA ILE A 525 -19.66 4.36 24.16
C ILE A 525 -18.55 4.90 25.04
N ALA A 526 -18.89 5.71 26.06
CA ALA A 526 -17.88 6.17 26.99
C ALA A 526 -16.99 5.03 27.48
N THR A 527 -17.49 3.80 27.46
CA THR A 527 -16.73 2.60 27.76
C THR A 527 -16.26 1.86 26.52
N ALA A 528 -17.10 1.80 25.48
CA ALA A 528 -16.74 1.15 24.22
C ALA A 528 -16.06 2.10 23.24
N ALA A 529 -15.71 3.30 23.68
CA ALA A 529 -15.10 4.32 22.83
C ALA A 529 -13.63 4.07 22.57
N CYS A 530 -13.15 2.85 22.80
CA CYS A 530 -11.74 2.52 22.60
C CYS A 530 -10.85 3.34 23.55
N GLU A 531 -11.03 3.05 24.84
CA GLU A 531 -10.23 3.70 25.88
C GLU A 531 -8.75 3.73 25.54
N ILE A 532 -8.26 2.72 24.81
CA ILE A 532 -6.85 2.61 24.51
C ILE A 532 -6.08 2.46 25.81
N SER A 533 -6.40 1.42 26.57
CA SER A 533 -5.71 1.19 27.84
C SER A 533 -4.21 1.11 27.62
N ASP A 534 -3.46 1.81 28.45
CA ASP A 534 -2.02 1.86 28.29
C ASP A 534 -1.43 0.47 28.48
N PRO A 535 -0.58 0.00 27.57
CA PRO A 535 0.08 -1.29 27.78
C PRO A 535 1.10 -1.21 28.92
N TYR A 536 1.83 -2.30 29.14
CA TYR A 536 2.84 -2.45 30.17
C TYR A 536 2.21 -2.67 31.55
N SER A 537 0.89 -2.58 31.69
CA SER A 537 0.20 -2.77 32.97
C SER A 537 0.88 -1.89 34.01
N ALA A 538 1.31 -2.42 35.15
CA ALA A 538 2.00 -1.63 36.17
C ALA A 538 1.12 -0.49 36.66
N ARG A 573 27.51 17.91 45.42
CA ARG A 573 27.37 16.63 44.75
C ARG A 573 26.24 16.66 43.72
N GLU A 574 25.27 17.54 43.95
CA GLU A 574 24.15 17.66 43.02
C GLU A 574 24.59 18.09 41.63
N PHE A 575 25.80 18.65 41.51
CA PHE A 575 26.29 19.09 40.20
C PHE A 575 26.39 17.91 39.23
N ALA A 576 26.85 16.76 39.71
CA ALA A 576 26.99 15.60 38.83
C ALA A 576 25.65 15.16 38.28
N ASP A 577 24.64 15.04 39.14
CA ASP A 577 23.32 14.61 38.68
C ASP A 577 22.69 15.66 37.78
N MET A 578 22.87 16.94 38.10
CA MET A 578 22.35 17.99 37.22
C MET A 578 23.01 17.93 35.84
N MET A 579 24.32 17.69 35.80
CA MET A 579 25.00 17.56 34.52
C MET A 579 24.53 16.35 33.76
N GLU A 580 24.27 15.24 34.45
CA GLU A 580 23.73 14.06 33.79
C GLU A 580 22.36 14.37 33.19
N GLU A 581 21.51 15.07 33.94
CA GLU A 581 20.20 15.46 33.43
C GLU A 581 20.33 16.36 32.21
N ALA A 582 21.25 17.32 32.25
CA ALA A 582 21.46 18.21 31.11
C ALA A 582 21.94 17.43 29.90
N ARG A 583 22.86 16.48 30.09
CA ARG A 583 23.33 15.66 28.99
C ARG A 583 22.19 14.87 28.38
N LEU A 584 21.34 14.26 29.23
CA LEU A 584 20.20 13.51 28.71
C LEU A 584 19.24 14.43 27.95
N ARG A 585 19.04 15.65 28.45
CA ARG A 585 18.18 16.59 27.76
C ARG A 585 18.74 16.93 26.39
N MET A 586 20.07 17.13 26.30
CA MET A 586 20.68 17.34 25.00
C MET A 586 20.48 16.14 24.09
N LEU A 587 20.63 14.93 24.64
CA LEU A 587 20.40 13.73 23.84
C LEU A 587 19.01 13.72 23.26
N LYS A 588 18.01 14.00 24.09
CA LYS A 588 16.62 14.00 23.64
C LYS A 588 16.38 15.07 22.60
N ALA A 589 16.93 16.27 22.80
CA ALA A 589 16.75 17.34 21.84
C ALA A 589 17.35 16.98 20.49
N GLU A 590 18.56 16.41 20.51
CA GLU A 590 19.19 15.98 19.26
C GLU A 590 18.34 14.91 18.57
N LYS A 591 17.83 13.96 19.34
CA LYS A 591 17.00 12.91 18.75
C LYS A 591 15.75 13.51 18.09
N ILE A 592 15.09 14.43 18.78
CA ILE A 592 13.89 15.05 18.21
C ILE A 592 14.24 15.83 16.94
N SER A 593 15.34 16.58 16.97
CA SER A 593 15.72 17.35 15.79
C SER A 593 15.99 16.42 14.60
N TYR A 594 16.74 15.34 14.83
CA TYR A 594 17.02 14.41 13.75
C TYR A 594 15.75 13.77 13.24
N TRP A 595 14.85 13.40 14.15
CA TRP A 595 13.60 12.76 13.74
C TRP A 595 12.76 13.70 12.90
N LYS A 596 12.65 14.97 13.31
CA LYS A 596 11.88 15.94 12.53
C LYS A 596 12.51 16.14 11.15
N GLN A 597 13.84 16.27 11.10
CA GLN A 597 14.49 16.47 9.81
C GLN A 597 14.26 15.27 8.89
N PHE A 598 14.37 14.05 9.43
CA PHE A 598 14.14 12.87 8.61
C PHE A 598 12.69 12.81 8.14
N GLU A 599 11.75 13.12 9.02
CA GLU A 599 10.34 13.11 8.64
C GLU A 599 10.06 14.09 7.52
N HIS A 600 10.66 15.29 7.59
CA HIS A 600 10.54 16.22 6.48
C HIS A 600 11.22 15.70 5.22
N GLY A 601 12.06 14.67 5.33
CA GLY A 601 12.69 14.06 4.18
C GLY A 601 14.03 14.70 3.82
N MET A 602 14.88 14.91 4.82
CA MET A 602 16.19 15.50 4.56
C MET A 602 17.30 14.69 5.22
N LEU A 603 16.99 14.03 6.33
CA LEU A 603 18.00 13.32 7.12
C LEU A 603 18.27 11.91 6.62
N ALA A 604 17.55 11.44 5.61
CA ALA A 604 17.75 10.09 5.10
C ALA A 604 17.56 9.06 6.20
N ARG A 605 18.15 7.87 6.02
CA ARG A 605 18.03 6.78 6.98
C ARG A 605 19.37 6.41 7.60
N GLU A 606 20.39 6.17 6.79
CA GLU A 606 21.70 5.83 7.33
C GLU A 606 22.24 6.96 8.20
N ALA A 607 22.07 8.21 7.77
CA ALA A 607 22.48 9.33 8.58
C ALA A 607 21.72 9.38 9.89
N LEU A 608 20.40 9.15 9.84
CA LEU A 608 19.60 9.13 11.05
C LEU A 608 20.05 8.02 11.99
N ARG A 609 20.33 6.83 11.44
CA ARG A 609 20.81 5.73 12.26
C ARG A 609 22.14 6.08 12.91
N LEU A 610 23.05 6.69 12.15
CA LEU A 610 24.34 7.09 12.71
C LEU A 610 24.14 8.08 13.85
N LEU A 611 23.30 9.10 13.63
CA LEU A 611 23.09 10.10 14.67
C LEU A 611 22.46 9.49 15.92
N VAL A 612 21.47 8.62 15.73
CA VAL A 612 20.81 8.02 16.89
C VAL A 612 21.77 7.12 17.64
N GLN A 613 22.60 6.35 16.93
CA GLN A 613 23.58 5.51 17.59
C GLN A 613 24.59 6.34 18.37
N HIS A 614 25.04 7.46 17.78
CA HIS A 614 25.96 8.33 18.49
C HIS A 614 25.32 8.90 19.75
N ALA A 615 24.06 9.33 19.65
CA ALA A 615 23.37 9.86 20.82
C ALA A 615 23.22 8.80 21.90
N GLU A 616 22.84 7.58 21.52
CA GLU A 616 22.66 6.52 22.50
C GLU A 616 23.98 6.14 23.16
N VAL A 617 25.06 6.06 22.37
CA VAL A 617 26.36 5.73 22.95
C VAL A 617 26.83 6.82 23.90
N ALA A 618 26.61 8.09 23.54
CA ALA A 618 26.94 9.18 24.44
C ALA A 618 26.13 9.08 25.72
N ALA A 619 24.84 8.75 25.61
CA ALA A 619 24.01 8.59 26.79
C ALA A 619 24.53 7.48 27.69
N ASP A 620 24.93 6.35 27.09
CA ASP A 620 25.44 5.23 27.88
C ASP A 620 26.70 5.65 28.66
N GLU A 621 27.60 6.35 28.00
CA GLU A 621 28.80 6.84 28.67
C GLU A 621 28.44 7.96 29.64
N LYS A 622 29.31 8.15 30.63
CA LYS A 622 29.09 9.13 31.69
C LYS A 622 29.95 10.37 31.45
N ASP A 623 29.30 11.54 31.47
CA ASP A 623 29.99 12.83 31.38
C ASP A 623 30.77 12.96 30.06
N GLN A 624 30.03 12.93 28.95
CA GLN A 624 30.61 13.16 27.64
C GLN A 624 29.49 13.48 26.67
N PHE A 625 29.56 14.64 26.02
CA PHE A 625 28.54 15.05 25.08
C PHE A 625 28.55 14.15 23.84
N ILE A 626 27.38 14.02 23.22
CA ILE A 626 27.28 13.22 22.01
C ILE A 626 28.17 13.83 20.92
N LEU A 627 28.52 13.01 19.94
CA LEU A 627 29.17 13.47 18.72
C LEU A 627 30.47 14.22 19.04
N VAL A 628 31.43 13.47 19.60
CA VAL A 628 32.73 14.06 19.91
C VAL A 628 33.32 14.73 18.67
N ASP A 629 33.08 14.14 17.50
CA ASP A 629 33.47 14.76 16.23
C ASP A 629 34.97 14.65 16.02
N ASP A 630 35.70 14.14 17.03
CA ASP A 630 37.14 13.97 16.89
C ASP A 630 37.47 13.00 15.76
N LEU A 631 36.84 11.82 15.78
CA LEU A 631 37.03 10.83 14.74
C LEU A 631 35.69 10.26 14.28
N LYS A 632 34.68 10.34 15.15
CA LYS A 632 33.38 9.74 14.86
C LYS A 632 32.67 10.42 13.70
N LYS A 633 33.13 11.58 13.27
CA LYS A 633 32.57 12.28 12.11
C LYS A 633 33.65 12.55 11.07
N SER A 634 34.53 11.57 10.86
CA SER A 634 35.66 11.72 9.94
C SER A 634 35.62 10.72 8.80
N TRP A 635 35.42 9.44 9.09
CA TRP A 635 35.52 8.41 8.05
C TRP A 635 34.52 8.66 6.93
N GLN A 636 33.28 8.96 7.28
CA GLN A 636 32.26 9.22 6.26
C GLN A 636 32.68 10.38 5.38
N ILE A 637 33.16 11.48 5.98
CA ILE A 637 33.69 12.57 5.19
C ILE A 637 34.97 12.16 4.49
N LYS A 638 35.68 11.17 5.04
CA LYS A 638 36.96 10.75 4.47
C LYS A 638 36.80 10.24 3.04
N GLY A 639 36.09 9.12 2.89
CA GLY A 639 35.94 8.53 1.57
C GLY A 639 37.25 8.22 0.89
N ILE A 640 38.19 7.64 1.62
CA ILE A 640 39.54 7.38 1.12
C ILE A 640 39.83 5.89 1.23
N TYR A 641 40.26 5.29 0.12
CA TYR A 641 40.61 3.88 0.08
C TYR A 641 41.12 3.59 -1.33
N PRO A 642 41.94 2.56 -1.53
CA PRO A 642 42.52 2.31 -2.87
C PRO A 642 41.55 2.39 -4.03
N TRP A 643 40.23 2.36 -3.79
CA TRP A 643 39.31 2.76 -4.84
C TRP A 643 39.68 4.13 -5.40
N LEU A 644 40.11 5.05 -4.54
CA LEU A 644 40.67 6.30 -5.04
C LEU A 644 41.93 6.06 -5.86
N LYS A 645 42.78 5.12 -5.42
CA LYS A 645 43.93 4.75 -6.21
C LYS A 645 43.51 4.11 -7.53
N ARG A 646 42.44 3.31 -7.51
CA ARG A 646 41.94 2.76 -8.76
C ARG A 646 41.49 3.87 -9.70
N LYS A 647 40.81 4.88 -9.17
CA LYS A 647 40.39 6.00 -10.00
C LYS A 647 41.57 6.75 -10.58
N LEU A 648 42.61 6.99 -9.76
CA LEU A 648 43.79 7.68 -10.27
C LEU A 648 44.47 6.86 -11.36
N GLU A 649 44.58 5.55 -11.17
CA GLU A 649 45.19 4.70 -12.18
C GLU A 649 44.38 4.71 -13.48
N ASP A 650 43.05 4.67 -13.36
CA ASP A 650 42.20 4.73 -14.54
C ASP A 650 42.39 6.06 -15.28
N LEU A 651 42.45 7.16 -14.53
CA LEU A 651 42.63 8.47 -15.17
C LEU A 651 43.97 8.56 -15.89
N ILE A 652 45.03 8.06 -15.27
CA ILE A 652 46.35 8.16 -15.87
C ILE A 652 46.46 7.27 -17.10
N SER A 653 45.85 6.08 -17.05
CA SER A 653 45.95 5.16 -18.17
C SER A 653 45.34 5.75 -19.44
N GLU A 654 44.18 6.39 -19.32
CA GLU A 654 43.53 6.99 -20.47
C GLU A 654 44.25 8.27 -20.88
N LYS A 655 44.85 8.26 -22.08
CA LYS A 655 45.57 9.42 -22.58
C LYS A 655 45.62 9.35 -24.09
N LYS A 656 45.51 10.51 -24.73
CA LYS A 656 45.56 10.61 -26.18
C LYS A 656 45.98 12.02 -26.57
N ILE A 657 46.38 12.17 -27.83
CA ILE A 657 46.79 13.48 -28.32
C ILE A 657 45.62 14.45 -28.25
N ALA A 658 45.89 15.65 -27.74
CA ALA A 658 44.83 16.64 -27.60
C ALA A 658 44.23 17.02 -28.95
N ALA A 659 45.09 17.22 -29.96
CA ALA A 659 44.63 17.57 -31.29
C ALA A 659 45.69 17.15 -32.31
N ILE A 660 45.26 17.03 -33.56
CA ILE A 660 46.16 16.65 -34.65
C ILE A 660 45.96 17.63 -35.80
N PRO A 661 47.00 17.92 -36.58
CA PRO A 661 46.83 18.84 -37.72
C PRO A 661 45.88 18.27 -38.75
N MET A 662 45.15 19.17 -39.41
CA MET A 662 44.22 18.77 -40.46
C MET A 662 44.88 18.97 -41.81
N PRO A 663 45.21 17.91 -42.54
CA PRO A 663 45.90 18.08 -43.82
C PRO A 663 44.93 18.51 -44.92
N LYS A 664 45.37 19.47 -45.74
CA LYS A 664 44.58 19.94 -46.86
C LYS A 664 44.70 19.05 -48.09
N TYR A 665 45.68 18.14 -48.11
CA TYR A 665 45.84 17.25 -49.25
C TYR A 665 44.68 16.25 -49.31
N LYS A 666 44.23 15.96 -50.52
CA LYS A 666 43.13 15.03 -50.72
C LYS A 666 41.84 15.57 -50.14
N LEU A 667 40.92 14.68 -49.74
CA LEU A 667 39.66 15.12 -49.16
C LEU A 667 39.89 15.95 -47.90
N GLY A 668 40.73 15.45 -47.00
CA GLY A 668 41.07 16.20 -45.81
C GLY A 668 40.13 15.98 -44.64
N LYS A 669 39.18 16.90 -44.46
CA LYS A 669 38.31 16.87 -43.29
C LYS A 669 37.51 15.57 -43.24
N LEU A 670 37.10 15.05 -44.40
CA LEU A 670 36.28 13.84 -44.41
C LEU A 670 37.02 12.67 -43.79
N MET A 671 38.29 12.48 -44.16
CA MET A 671 39.05 11.35 -43.62
C MET A 671 39.25 11.49 -42.12
N TYR A 672 39.58 12.69 -41.65
CA TYR A 672 39.76 12.90 -40.21
C TYR A 672 38.47 12.65 -39.46
N LYS A 673 37.34 13.14 -39.98
CA LYS A 673 36.06 12.92 -39.33
C LYS A 673 35.73 11.43 -39.28
N ILE A 674 35.97 10.71 -40.37
CA ILE A 674 35.70 9.28 -40.38
C ILE A 674 36.57 8.55 -39.36
N CYS A 675 37.86 8.91 -39.31
CA CYS A 675 38.75 8.26 -38.36
C CYS A 675 38.34 8.53 -36.93
N HIS A 676 37.98 9.77 -36.62
CA HIS A 676 37.62 10.16 -35.26
C HIS A 676 36.16 9.89 -34.93
N HIS A 677 35.35 9.52 -35.90
CA HIS A 677 33.95 9.26 -35.65
C HIS A 677 33.78 7.99 -34.81
N MET A 678 32.76 8.01 -33.95
CA MET A 678 32.47 6.83 -33.13
C MET A 678 32.08 5.63 -33.98
N ALA A 679 31.69 5.85 -35.24
CA ALA A 679 31.35 4.73 -36.11
C ALA A 679 32.55 3.82 -36.32
N PHE A 680 33.75 4.39 -36.40
CA PHE A 680 34.95 3.56 -36.56
C PHE A 680 35.15 2.66 -35.34
N GLU A 681 34.99 3.22 -34.14
CA GLU A 681 35.12 2.42 -32.93
C GLU A 681 34.05 1.33 -32.87
N VAL A 682 32.81 1.67 -33.24
CA VAL A 682 31.74 0.68 -33.23
C VAL A 682 32.06 -0.45 -34.20
N THR A 683 32.54 -0.10 -35.40
CA THR A 683 32.90 -1.12 -36.38
C THR A 683 34.04 -1.99 -35.88
N ILE A 684 35.04 -1.39 -35.23
CA ILE A 684 36.16 -2.16 -34.70
C ILE A 684 35.67 -3.14 -33.65
N ASN A 685 34.79 -2.67 -32.75
CA ASN A 685 34.26 -3.55 -31.72
C ASN A 685 33.44 -4.68 -32.34
N ILE A 686 32.63 -4.37 -33.35
CA ILE A 686 31.83 -5.40 -34.00
C ILE A 686 32.73 -6.44 -34.67
N ALA A 687 33.79 -5.98 -35.35
CA ALA A 687 34.71 -6.91 -35.98
C ALA A 687 35.41 -7.80 -34.96
N ILE A 688 35.82 -7.21 -33.84
CA ILE A 688 36.47 -8.00 -32.79
C ILE A 688 35.50 -9.05 -32.25
N VAL A 689 34.25 -8.66 -32.01
CA VAL A 689 33.26 -9.60 -31.50
C VAL A 689 33.04 -10.73 -32.50
N LEU A 690 32.91 -10.39 -33.79
CA LEU A 690 32.70 -11.41 -34.81
C LEU A 690 33.89 -12.37 -34.88
N ASN A 691 35.11 -11.83 -34.84
CA ASN A 691 36.30 -12.67 -34.89
C ASN A 691 36.47 -13.52 -33.64
N ILE A 692 35.89 -13.08 -32.52
CA ILE A 692 36.00 -13.87 -31.29
C ILE A 692 35.36 -15.24 -31.47
N VAL A 693 34.17 -15.27 -32.07
CA VAL A 693 33.51 -16.56 -32.33
C VAL A 693 34.38 -17.45 -33.21
N PRO A 694 34.96 -16.96 -34.32
CA PRO A 694 35.84 -17.83 -35.11
C PRO A 694 37.02 -18.37 -34.32
N ILE A 695 37.61 -17.57 -33.43
CA ILE A 695 38.74 -18.04 -32.63
C ILE A 695 38.32 -19.18 -31.72
N ILE A 696 37.17 -19.03 -31.06
CA ILE A 696 36.67 -20.09 -30.19
C ILE A 696 36.36 -21.34 -30.99
N MET A 697 35.74 -21.17 -32.16
CA MET A 697 35.43 -22.33 -33.00
C MET A 697 36.70 -23.06 -33.42
N GLU A 698 37.72 -22.31 -33.84
CA GLU A 698 38.97 -22.93 -34.24
C GLU A 698 39.64 -23.65 -33.08
N PHE A 699 39.63 -23.03 -31.89
CA PHE A 699 40.22 -23.67 -30.72
C PHE A 699 39.48 -24.97 -30.39
N VAL A 700 38.16 -24.94 -30.45
CA VAL A 700 37.38 -26.15 -30.16
C VAL A 700 37.67 -27.23 -31.19
N VAL A 701 37.74 -26.85 -32.47
CA VAL A 701 38.00 -27.83 -33.51
C VAL A 701 39.37 -28.46 -33.33
N GLN A 702 40.38 -27.64 -33.03
CA GLN A 702 41.72 -28.18 -32.82
C GLN A 702 41.76 -29.09 -31.60
N ASP A 703 41.11 -28.69 -30.51
CA ASP A 703 41.08 -29.53 -29.31
C ASP A 703 40.35 -30.84 -29.57
N LYS A 704 39.23 -30.78 -30.28
CA LYS A 704 38.45 -31.98 -30.58
C LYS A 704 39.19 -32.88 -31.56
N SER A 723 30.07 -33.43 -45.13
CA SER A 723 31.00 -32.38 -45.53
C SER A 723 31.04 -31.25 -44.50
N SER A 724 30.81 -31.60 -43.24
CA SER A 724 30.81 -30.61 -42.17
C SER A 724 32.18 -29.95 -42.04
N LEU A 725 33.25 -30.75 -42.12
CA LEU A 725 34.59 -30.21 -41.96
C LEU A 725 34.92 -29.21 -43.05
N GLN A 726 34.57 -29.52 -44.30
CA GLN A 726 34.87 -28.62 -45.41
C GLN A 726 34.12 -27.30 -45.25
N LYS A 727 32.84 -27.38 -44.90
CA LYS A 727 32.05 -26.17 -44.71
C LYS A 727 32.60 -25.33 -43.57
N ILE A 728 32.96 -25.97 -42.46
CA ILE A 728 33.50 -25.25 -41.32
C ILE A 728 34.81 -24.56 -41.70
N GLU A 729 35.70 -25.28 -42.39
CA GLU A 729 36.97 -24.68 -42.79
C GLU A 729 36.75 -23.51 -43.74
N ASP A 730 35.85 -23.66 -44.71
CA ASP A 730 35.59 -22.57 -45.65
C ASP A 730 35.03 -21.35 -44.93
N ALA A 731 34.08 -21.56 -44.01
CA ALA A 731 33.52 -20.45 -43.25
C ALA A 731 34.58 -19.76 -42.41
N LEU A 732 35.43 -20.54 -41.74
CA LEU A 732 36.48 -19.95 -40.92
C LEU A 732 37.45 -19.15 -41.77
N ARG A 733 37.86 -19.69 -42.92
CA ARG A 733 38.76 -18.96 -43.79
C ARG A 733 38.14 -17.66 -44.30
N ILE A 734 36.87 -17.72 -44.69
CA ILE A 734 36.18 -16.52 -45.18
C ILE A 734 36.09 -15.47 -44.07
N SER A 735 35.74 -15.90 -42.86
CA SER A 735 35.65 -14.97 -41.73
C SER A 735 37.01 -14.35 -41.42
N ASN A 736 38.06 -15.15 -41.43
CA ASN A 736 39.40 -14.62 -41.17
C ASN A 736 39.81 -13.62 -42.23
N TYR A 737 39.55 -13.93 -43.50
CA TYR A 737 39.89 -12.99 -44.57
C TYR A 737 39.11 -11.70 -44.44
N VAL A 738 37.81 -11.80 -44.12
CA VAL A 738 36.99 -10.59 -43.97
C VAL A 738 37.49 -9.75 -42.81
N PHE A 739 37.84 -10.39 -41.69
CA PHE A 739 38.35 -9.66 -40.54
C PHE A 739 39.67 -8.98 -40.86
N PHE A 740 40.56 -9.68 -41.57
CA PHE A 740 41.84 -9.08 -41.95
C PHE A 740 41.62 -7.89 -42.88
N VAL A 741 40.69 -8.01 -43.83
CA VAL A 741 40.41 -6.90 -44.73
C VAL A 741 39.84 -5.72 -43.96
N ILE A 742 38.94 -5.98 -43.01
CA ILE A 742 38.37 -4.90 -42.21
C ILE A 742 39.45 -4.21 -41.38
N TYR A 743 40.35 -4.99 -40.79
CA TYR A 743 41.44 -4.40 -40.01
C TYR A 743 42.35 -3.55 -40.89
N ALA A 744 42.66 -4.04 -42.10
CA ALA A 744 43.48 -3.26 -43.01
C ALA A 744 42.78 -1.96 -43.40
N ILE A 745 41.47 -2.02 -43.66
CA ILE A 745 40.73 -0.82 -44.01
C ILE A 745 40.74 0.17 -42.84
N GLU A 746 40.54 -0.32 -41.62
CA GLU A 746 40.57 0.55 -40.45
C GLU A 746 41.94 1.20 -40.30
N ALA A 747 43.01 0.44 -40.50
CA ALA A 747 44.35 1.01 -40.43
C ALA A 747 44.54 2.08 -41.51
N ILE A 748 44.02 1.82 -42.72
CA ILE A 748 44.11 2.81 -43.79
C ILE A 748 43.37 4.08 -43.40
N VAL A 749 42.23 3.93 -42.71
CA VAL A 749 41.50 5.10 -42.25
C VAL A 749 42.38 5.96 -41.35
N LYS A 750 43.09 5.31 -40.43
CA LYS A 750 44.10 6.00 -39.63
C LYS A 750 45.39 6.10 -40.45
N ILE A 751 46.47 6.52 -39.81
CA ILE A 751 47.75 6.67 -40.50
C ILE A 751 47.63 7.76 -41.57
N LEU A 752 46.81 7.50 -42.59
CA LEU A 752 46.56 8.50 -43.62
C LEU A 752 46.00 9.76 -42.98
N GLY A 753 46.55 10.91 -43.38
CA GLY A 753 46.19 12.17 -42.73
C GLY A 753 46.84 12.37 -41.38
N LEU A 754 46.68 11.39 -40.48
CA LEU A 754 47.37 11.46 -39.20
C LEU A 754 48.89 11.39 -39.38
N GLY A 755 49.35 10.58 -40.33
CA GLY A 755 50.79 10.45 -40.55
C GLY A 755 51.48 9.90 -39.32
N ARG A 756 52.54 10.61 -38.90
CA ARG A 756 53.28 10.17 -37.71
C ARG A 756 52.38 10.09 -36.49
N HIS A 757 51.32 10.90 -36.45
CA HIS A 757 50.39 10.84 -35.32
C HIS A 757 49.81 9.45 -35.14
N TYR A 758 49.66 8.70 -36.23
CA TYR A 758 49.14 7.34 -36.12
C TYR A 758 50.01 6.48 -35.21
N ILE A 759 51.33 6.73 -35.23
CA ILE A 759 52.25 6.01 -34.35
C ILE A 759 52.51 6.78 -33.05
N VAL A 760 51.97 7.98 -32.91
CA VAL A 760 52.22 8.77 -31.69
C VAL A 760 51.62 8.07 -30.49
N SER A 761 50.40 7.57 -30.61
CA SER A 761 49.71 6.91 -29.51
C SER A 761 50.20 5.47 -29.39
N HIS A 762 50.70 5.10 -28.20
CA HIS A 762 51.16 3.75 -27.98
C HIS A 762 50.03 2.74 -28.11
N TRP A 763 48.79 3.18 -27.90
CA TRP A 763 47.65 2.27 -28.05
C TRP A 763 47.54 1.74 -29.47
N ASN A 764 47.74 2.61 -30.47
CA ASN A 764 47.69 2.17 -31.85
C ASN A 764 48.75 1.12 -32.16
N LYS A 765 49.81 1.05 -31.36
CA LYS A 765 50.82 0.01 -31.56
C LYS A 765 50.23 -1.38 -31.37
N PHE A 766 49.36 -1.55 -30.37
CA PHE A 766 48.71 -2.84 -30.17
C PHE A 766 47.84 -3.21 -31.37
N ASP A 767 47.10 -2.24 -31.91
CA ASP A 767 46.28 -2.51 -33.10
C ASP A 767 47.15 -2.89 -34.28
N ALA A 768 48.27 -2.19 -34.48
CA ALA A 768 49.18 -2.53 -35.58
C ALA A 768 49.75 -3.93 -35.40
N PHE A 769 50.13 -4.29 -34.18
CA PHE A 769 50.66 -5.63 -33.93
C PHE A 769 49.60 -6.69 -34.19
N ILE A 770 48.36 -6.43 -33.77
CA ILE A 770 47.28 -7.39 -34.01
C ILE A 770 47.05 -7.57 -35.50
N LEU A 771 47.03 -6.46 -36.24
CA LEU A 771 46.84 -6.55 -37.69
C LEU A 771 47.98 -7.32 -38.35
N VAL A 772 49.22 -7.07 -37.92
CA VAL A 772 50.37 -7.76 -38.49
C VAL A 772 50.27 -9.26 -38.22
N VAL A 773 49.91 -9.62 -36.98
CA VAL A 773 49.80 -11.03 -36.62
C VAL A 773 48.71 -11.71 -37.43
N ALA A 774 47.56 -11.04 -37.57
CA ALA A 774 46.47 -11.62 -38.35
C ALA A 774 46.87 -11.79 -39.81
N LEU A 775 47.55 -10.79 -40.39
CA LEU A 775 47.99 -10.90 -41.77
C LEU A 775 48.99 -12.05 -41.94
N VAL A 776 49.92 -12.19 -40.99
CA VAL A 776 50.91 -13.26 -41.06
C VAL A 776 50.22 -14.61 -41.01
N ASP A 777 49.27 -14.77 -40.09
CA ASP A 777 48.56 -16.04 -39.97
C ASP A 777 47.77 -16.34 -41.24
N ILE A 778 47.10 -15.33 -41.80
CA ILE A 778 46.32 -15.54 -43.01
C ILE A 778 47.23 -15.93 -44.16
N ILE A 779 48.38 -15.25 -44.30
CA ILE A 779 49.31 -15.58 -45.38
C ILE A 779 49.83 -17.00 -45.21
N ILE A 780 50.18 -17.39 -43.99
CA ILE A 780 50.71 -18.73 -43.75
C ILE A 780 49.65 -19.78 -44.09
N ALA A 781 48.40 -19.55 -43.70
CA ALA A 781 47.35 -20.55 -43.90
C ALA A 781 46.77 -20.55 -45.30
N GLU A 782 46.99 -19.49 -46.09
CA GLU A 782 46.37 -19.42 -47.41
C GLU A 782 46.87 -20.53 -48.33
N THR A 783 48.19 -20.65 -48.49
CA THR A 783 48.76 -21.64 -49.39
C THR A 783 49.60 -22.68 -48.66
N LEU A 784 50.61 -22.26 -47.91
CA LEU A 784 51.49 -23.18 -47.18
C LEU A 784 52.10 -24.22 -48.10
N LEU A 785 52.36 -23.85 -49.36
CA LEU A 785 52.92 -24.79 -50.33
C LEU A 785 54.13 -24.19 -51.04
N LYS A 786 54.17 -22.86 -51.17
CA LYS A 786 55.26 -22.23 -51.89
C LYS A 786 56.59 -22.46 -51.20
N GLY A 787 56.63 -22.37 -49.87
CA GLY A 787 57.87 -22.54 -49.15
C GLY A 787 57.91 -21.77 -47.84
N SER A 788 58.94 -20.93 -47.66
CA SER A 788 59.10 -20.15 -46.44
C SER A 788 59.48 -21.04 -45.27
N ILE A 789 58.55 -21.23 -44.33
CA ILE A 789 58.85 -22.05 -43.15
C ILE A 789 58.79 -23.53 -43.50
N THR A 790 57.61 -24.01 -43.92
CA THR A 790 57.43 -25.39 -44.31
C THR A 790 57.90 -26.34 -43.21
N ILE A 791 59.14 -26.85 -43.34
CA ILE A 791 59.66 -27.79 -42.36
C ILE A 791 59.79 -27.13 -40.98
N ASN A 792 60.16 -25.85 -40.96
CA ASN A 792 60.33 -25.14 -39.69
C ASN A 792 59.03 -25.15 -38.90
N LEU A 793 59.15 -25.28 -37.58
CA LEU A 793 57.98 -25.31 -36.71
C LEU A 793 57.09 -24.10 -36.97
N SER A 794 55.88 -24.35 -37.44
CA SER A 794 54.95 -23.29 -37.79
C SER A 794 53.53 -23.85 -37.69
N SER A 795 52.56 -23.13 -38.26
CA SER A 795 51.17 -23.58 -38.23
C SER A 795 50.98 -24.92 -38.92
N ILE A 796 51.92 -25.33 -39.76
CA ILE A 796 51.81 -26.62 -40.44
C ILE A 796 51.75 -27.76 -39.43
N LYS A 797 52.60 -27.71 -38.41
CA LYS A 797 52.62 -28.70 -37.33
C LYS A 797 51.88 -28.23 -36.09
N VAL A 798 51.94 -26.95 -35.77
CA VAL A 798 51.24 -26.37 -34.61
C VAL A 798 50.61 -25.07 -35.10
N VAL A 799 49.30 -25.10 -35.36
CA VAL A 799 48.59 -23.92 -35.84
C VAL A 799 48.01 -23.09 -34.71
N LYS A 800 48.23 -23.48 -33.46
CA LYS A 800 47.69 -22.72 -32.34
C LYS A 800 48.20 -21.28 -32.35
N LEU A 801 49.50 -21.11 -32.63
CA LEU A 801 50.06 -19.76 -32.70
C LEU A 801 49.39 -18.92 -33.77
N PHE A 802 48.77 -19.54 -34.77
CA PHE A 802 48.07 -18.82 -35.81
C PHE A 802 46.63 -18.47 -35.43
N ARG A 803 46.14 -18.96 -34.29
CA ARG A 803 44.79 -18.66 -33.85
C ARG A 803 44.73 -18.12 -32.44
N LEU A 804 45.59 -18.62 -31.54
CA LEU A 804 45.55 -18.15 -30.15
C LEU A 804 45.83 -16.64 -30.08
N LEU A 805 46.82 -16.17 -30.83
CA LEU A 805 47.12 -14.75 -30.86
C LEU A 805 45.92 -13.93 -31.31
N ARG A 806 45.00 -14.52 -32.08
CA ARG A 806 43.80 -13.81 -32.49
C ARG A 806 43.02 -13.31 -31.28
N GLY A 807 43.05 -14.06 -30.17
CA GLY A 807 42.36 -13.61 -28.97
C GLY A 807 42.83 -12.25 -28.51
N LEU A 808 44.10 -11.92 -28.76
CA LEU A 808 44.61 -10.61 -28.37
C LEU A 808 43.81 -9.47 -29.00
N ARG A 809 43.17 -9.72 -30.15
CA ARG A 809 42.34 -8.69 -30.76
C ARG A 809 41.26 -8.21 -29.79
N MET A 810 40.71 -9.13 -28.98
CA MET A 810 39.71 -8.73 -28.00
C MET A 810 40.26 -7.68 -27.04
N LEU A 811 41.55 -7.81 -26.67
CA LEU A 811 42.16 -6.83 -25.80
C LEU A 811 42.09 -5.42 -26.36
N ARG A 812 41.99 -5.29 -27.69
CA ARG A 812 41.88 -3.97 -28.30
C ARG A 812 40.65 -3.22 -27.81
N LEU A 813 39.63 -3.93 -27.31
CA LEU A 813 38.44 -3.28 -26.78
C LEU A 813 38.64 -2.67 -25.40
N THR A 814 39.72 -3.05 -24.70
CA THR A 814 39.95 -2.54 -23.35
C THR A 814 39.99 -1.01 -23.31
N LYS A 815 40.36 -0.37 -24.43
CA LYS A 815 40.38 1.09 -24.47
C LYS A 815 39.02 1.66 -24.07
N ALA A 816 37.94 1.03 -24.55
CA ALA A 816 36.61 1.50 -24.17
C ALA A 816 36.26 1.11 -22.74
N LEU A 817 36.83 0.01 -22.25
CA LEU A 817 36.52 -0.44 -20.89
C LEU A 817 37.00 0.56 -19.85
N ILE A 818 38.18 1.15 -20.06
CA ILE A 818 38.74 2.06 -19.06
C ILE A 818 37.76 3.19 -18.72
N PRO A 819 37.18 3.91 -19.68
CA PRO A 819 36.27 4.99 -19.32
C PRO A 819 35.09 4.52 -18.47
N LYS A 820 34.33 3.54 -18.96
CA LYS A 820 33.16 3.07 -18.24
C LYS A 820 33.52 2.68 -16.81
N LEU A 821 34.61 1.92 -16.64
CA LEU A 821 35.05 1.57 -15.30
C LEU A 821 35.19 2.81 -14.42
N ILE A 822 35.90 3.82 -14.92
CA ILE A 822 36.02 5.07 -14.17
C ILE A 822 34.65 5.51 -13.68
N LEU A 823 33.68 5.54 -14.58
CA LEU A 823 32.31 5.91 -14.23
C LEU A 823 31.88 5.21 -12.94
N VAL A 824 31.89 3.87 -12.95
CA VAL A 824 31.41 3.14 -11.79
C VAL A 824 32.19 3.56 -10.55
N VAL A 825 33.52 3.65 -10.67
CA VAL A 825 34.33 4.08 -9.54
C VAL A 825 33.83 5.42 -9.02
N ASN A 826 33.66 6.39 -9.94
CA ASN A 826 33.13 7.68 -9.54
C ASN A 826 31.84 7.50 -8.74
N GLY A 827 30.92 6.71 -9.28
CA GLY A 827 29.70 6.40 -8.57
C GLY A 827 30.00 6.10 -7.13
N LYS A 828 30.76 5.03 -6.89
CA LYS A 828 31.11 4.66 -5.53
C LYS A 828 31.53 5.89 -4.75
N ILE A 829 32.61 6.55 -5.20
CA ILE A 829 33.10 7.73 -4.51
C ILE A 829 31.94 8.67 -4.21
N ASN A 830 31.24 9.10 -5.27
CA ASN A 830 30.10 9.98 -5.11
C ASN A 830 29.22 9.51 -3.95
N ASN A 831 28.68 8.30 -4.08
CA ASN A 831 27.82 7.77 -3.03
C ASN A 831 28.44 8.00 -1.67
N GLN A 832 29.63 7.44 -1.44
CA GLN A 832 30.29 7.63 -0.16
C GLN A 832 30.30 9.10 0.21
N LEU A 833 30.95 9.92 -0.62
CA LEU A 833 31.01 11.35 -0.33
C LEU A 833 29.62 11.90 -0.07
N SER A 834 28.68 11.59 -0.97
CA SER A 834 27.30 12.04 -0.80
C SER A 834 26.85 11.81 0.64
N LEU A 835 26.88 10.55 1.09
CA LEU A 835 26.38 10.26 2.43
C LEU A 835 27.04 11.17 3.45
N GLY A 836 28.38 11.24 3.42
CA GLY A 836 29.10 12.09 4.34
C GLY A 836 28.44 13.46 4.41
N TYR A 837 28.36 14.13 3.26
CA TYR A 837 27.76 15.44 3.19
C TYR A 837 26.51 15.50 4.05
N ASP A 838 25.55 14.65 3.74
CA ASP A 838 24.25 14.74 4.40
C ASP A 838 24.44 14.72 5.91
N VAL A 839 25.16 13.73 6.42
CA VAL A 839 25.31 13.61 7.87
C VAL A 839 25.87 14.92 8.43
N GLY A 840 26.95 15.40 7.82
CA GLY A 840 27.52 16.66 8.25
C GLY A 840 26.44 17.69 8.37
N LYS A 841 25.75 17.96 7.26
CA LYS A 841 24.71 18.97 7.27
C LYS A 841 23.74 18.71 8.40
N GLY A 842 23.25 17.47 8.50
CA GLY A 842 22.34 17.12 9.55
C GLY A 842 22.84 17.64 10.88
N TYR A 843 24.03 17.18 11.28
CA TYR A 843 24.55 17.57 12.58
C TYR A 843 24.51 19.08 12.72
N ILE A 844 25.05 19.80 11.73
CA ILE A 844 25.05 21.25 11.79
C ILE A 844 23.65 21.75 12.14
N ILE A 845 22.68 21.41 11.29
CA ILE A 845 21.33 21.90 11.52
C ILE A 845 20.87 21.53 12.92
N GLY A 846 21.07 20.27 13.29
CA GLY A 846 20.62 19.83 14.60
C GLY A 846 21.18 20.73 15.69
N GLU A 847 22.48 20.98 15.65
CA GLU A 847 23.10 21.80 16.69
C GLU A 847 22.34 23.10 16.85
N GLU A 848 22.07 23.78 15.73
CA GLU A 848 21.39 25.07 15.82
C GLU A 848 20.12 24.96 16.63
N GLU A 849 19.26 23.99 16.28
CA GLU A 849 18.02 23.82 17.02
C GLU A 849 18.33 23.64 18.50
N VAL A 850 19.21 22.70 18.83
CA VAL A 850 19.51 22.43 20.23
C VAL A 850 19.96 23.71 20.90
N GLY A 851 20.75 24.52 20.20
CA GLY A 851 21.16 25.80 20.73
C GLY A 851 20.00 26.52 21.38
N LYS A 852 18.98 26.84 20.59
CA LYS A 852 17.83 27.54 21.13
C LYS A 852 17.21 26.76 22.28
N ILE A 853 17.05 25.45 22.10
CA ILE A 853 16.48 24.63 23.16
C ILE A 853 17.32 24.73 24.42
N ILE A 854 18.66 24.70 24.27
CA ILE A 854 19.52 24.75 25.43
C ILE A 854 19.28 26.02 26.23
N ASP A 855 18.83 27.08 25.56
CA ASP A 855 18.57 28.33 26.27
C ASP A 855 17.37 28.20 27.20
N ARG A 856 16.35 27.45 26.78
CA ARG A 856 15.10 27.40 27.53
C ARG A 856 15.27 26.66 28.86
N MET A 857 15.89 25.47 28.82
CA MET A 857 15.94 24.60 29.97
C MET A 857 17.23 24.84 30.76
N VAL A 858 17.50 23.96 31.73
CA VAL A 858 18.67 24.06 32.59
C VAL A 858 18.53 25.25 33.51
N ASP A 859 18.65 26.46 32.97
CA ASP A 859 18.52 27.73 33.70
C ASP A 859 19.65 27.95 34.70
N ASN A 860 20.60 27.02 34.81
CA ASN A 860 21.71 27.14 35.76
C ASN A 860 22.95 27.61 35.01
N LYS A 861 23.50 28.74 35.45
CA LYS A 861 24.71 29.27 34.82
C LYS A 861 25.87 28.30 35.04
N LYS A 862 26.97 28.59 34.36
CA LYS A 862 28.21 27.82 34.36
C LYS A 862 28.04 26.41 33.78
N ILE A 863 26.84 26.05 33.34
CA ILE A 863 26.61 24.81 32.61
C ILE A 863 26.26 25.08 31.15
N LEU A 864 25.45 26.13 30.91
CA LEU A 864 25.15 26.52 29.54
C LEU A 864 26.43 26.69 28.73
N ARG A 865 27.46 27.27 29.34
CA ARG A 865 28.77 27.30 28.68
C ARG A 865 29.27 25.89 28.42
N GLU A 866 29.13 25.00 29.42
CA GLU A 866 29.58 23.63 29.25
C GLU A 866 29.01 23.01 27.98
N LEU A 867 27.72 23.25 27.70
CA LEU A 867 27.12 22.68 26.50
C LEU A 867 27.50 23.47 25.24
N LYS A 868 27.43 24.80 25.31
CA LYS A 868 27.56 25.63 24.12
C LYS A 868 28.97 25.61 23.57
N HIS A 869 29.99 25.57 24.43
CA HIS A 869 31.36 25.51 23.95
C HIS A 869 31.57 24.27 23.08
N ILE A 870 31.15 23.11 23.57
CA ILE A 870 31.29 21.88 22.81
C ILE A 870 30.47 21.95 21.52
N SER A 871 29.24 22.44 21.62
CA SER A 871 28.38 22.50 20.44
C SER A 871 29.02 23.35 19.34
N GLU A 872 29.46 24.55 19.70
CA GLU A 872 30.05 25.46 18.72
C GLU A 872 31.34 24.90 18.15
N THR A 873 32.19 24.31 19.00
CA THR A 873 33.44 23.74 18.52
C THR A 873 33.17 22.65 17.49
N GLY A 874 32.26 21.74 17.81
CA GLY A 874 31.93 20.68 16.86
C GLY A 874 31.35 21.22 15.57
N ARG A 875 30.45 22.20 15.67
CA ARG A 875 29.84 22.76 14.47
C ARG A 875 30.90 23.40 13.57
N LEU A 876 31.79 24.21 14.15
CA LEU A 876 32.82 24.86 13.34
C LEU A 876 33.75 23.83 12.71
N GLN A 877 34.15 22.82 13.47
CA GLN A 877 35.04 21.80 12.92
C GLN A 877 34.38 21.08 11.74
N VAL A 878 33.12 20.70 11.89
CA VAL A 878 32.43 20.00 10.81
C VAL A 878 32.29 20.90 9.60
N VAL A 879 31.99 22.19 9.82
CA VAL A 879 31.85 23.12 8.70
C VAL A 879 33.14 23.21 7.92
N LYS A 880 34.26 23.38 8.62
CA LYS A 880 35.55 23.47 7.94
C LYS A 880 35.87 22.18 7.19
N GLU A 881 35.60 21.04 7.81
CA GLU A 881 35.86 19.76 7.14
C GLU A 881 35.06 19.64 5.85
N LEU A 882 33.77 19.99 5.90
CA LEU A 882 32.94 19.90 4.71
C LEU A 882 33.43 20.86 3.63
N GLY A 883 33.82 22.08 4.02
CA GLY A 883 34.31 23.02 3.03
C GLY A 883 35.57 22.51 2.33
N LEU A 884 36.52 22.00 3.11
CA LEU A 884 37.74 21.47 2.52
C LEU A 884 37.44 20.27 1.62
N LEU A 885 36.56 19.38 2.06
CA LEU A 885 36.23 18.21 1.25
C LEU A 885 35.60 18.63 -0.08
N GLN A 886 34.72 19.63 -0.06
CA GLN A 886 34.18 20.14 -1.31
C GLN A 886 35.28 20.71 -2.18
N ARG A 887 36.18 21.50 -1.60
CA ARG A 887 37.26 22.09 -2.39
C ARG A 887 38.11 21.02 -3.04
N GLU A 888 38.28 19.87 -2.37
CA GLU A 888 39.12 18.81 -2.94
C GLU A 888 38.49 18.21 -4.19
N HIS A 889 37.16 18.06 -4.22
CA HIS A 889 36.44 17.43 -5.33
C HIS A 889 35.36 18.40 -5.83
N PRO A 890 35.71 19.32 -6.72
CA PRO A 890 34.72 20.32 -7.17
C PRO A 890 33.54 19.72 -7.92
N GLY A 891 33.68 18.51 -8.47
CA GLY A 891 32.65 17.95 -9.31
C GLY A 891 31.44 17.39 -8.59
N ILE A 892 31.67 16.40 -7.72
CA ILE A 892 30.56 15.68 -7.08
C ILE A 892 29.69 16.61 -6.25
N ALA A 893 30.27 17.69 -5.73
CA ALA A 893 29.49 18.62 -4.92
C ALA A 893 28.36 19.24 -5.74
N VAL A 894 28.64 19.61 -6.98
CA VAL A 894 27.60 20.20 -7.83
C VAL A 894 26.47 19.19 -8.04
N SER A 895 26.81 17.93 -8.29
CA SER A 895 25.79 16.92 -8.48
C SER A 895 24.94 16.77 -7.23
N VAL A 896 25.57 16.71 -6.06
CA VAL A 896 24.82 16.53 -4.82
C VAL A 896 23.86 17.71 -4.60
N LYS A 897 24.37 18.93 -4.79
CA LYS A 897 23.54 20.11 -4.57
C LYS A 897 22.37 20.14 -5.56
N THR A 898 22.63 19.82 -6.82
CA THR A 898 21.55 19.80 -7.81
C THR A 898 20.50 18.76 -7.46
N ARG A 899 20.94 17.57 -7.04
CA ARG A 899 19.97 16.54 -6.65
C ARG A 899 19.12 16.99 -5.49
N GLN A 900 19.74 17.62 -4.48
CA GLN A 900 18.96 18.11 -3.34
C GLN A 900 17.94 19.16 -3.78
N ALA A 901 18.36 20.07 -4.67
CA ALA A 901 17.44 21.10 -5.13
C ALA A 901 16.25 20.49 -5.86
N ILE A 902 16.51 19.54 -6.76
CA ILE A 902 15.42 18.90 -7.49
C ILE A 902 14.48 18.20 -6.53
N ARG A 903 15.04 17.48 -5.55
CA ARG A 903 14.21 16.75 -4.61
C ARG A 903 13.31 17.69 -3.83
N THR A 904 13.86 18.80 -3.34
CA THR A 904 13.04 19.75 -2.58
C THR A 904 11.94 20.34 -3.45
N ILE A 905 12.27 20.74 -4.67
CA ILE A 905 11.27 21.35 -5.55
C ILE A 905 10.15 20.37 -5.84
N LEU A 906 10.52 19.12 -6.15
CA LEU A 906 9.50 18.12 -6.47
C LEU A 906 8.63 17.81 -5.26
N ASN A 907 9.24 17.72 -4.07
CA ASN A 907 8.44 17.46 -2.88
C ASN A 907 7.42 18.57 -2.65
N HIS A 908 7.84 19.82 -2.79
CA HIS A 908 6.90 20.92 -2.57
C HIS A 908 5.83 20.96 -3.65
N SER A 909 6.19 20.64 -4.89
CA SER A 909 5.18 20.59 -5.94
C SER A 909 4.14 19.51 -5.66
N ARG A 910 4.60 18.33 -5.21
CA ARG A 910 3.66 17.27 -4.87
C ARG A 910 2.75 17.68 -3.71
N GLU A 911 3.31 18.35 -2.70
CA GLU A 911 2.49 18.81 -1.60
C GLU A 911 1.44 19.81 -2.08
N THR A 912 1.82 20.71 -2.98
CA THR A 912 0.86 21.67 -3.52
C THR A 912 -0.24 20.96 -4.30
N ILE A 913 0.13 19.94 -5.07
CA ILE A 913 -0.89 19.17 -5.80
C ILE A 913 -1.85 18.50 -4.83
N HIS A 914 -1.32 17.92 -3.76
CA HIS A 914 -2.17 17.29 -2.76
C HIS A 914 -3.12 18.31 -2.14
N GLU A 915 -2.61 19.50 -1.81
CA GLU A 915 -3.47 20.52 -1.22
C GLU A 915 -4.57 20.94 -2.19
N LEU A 916 -4.22 21.12 -3.46
CA LEU A 916 -5.23 21.49 -4.45
C LEU A 916 -6.30 20.41 -4.58
N GLN A 917 -5.88 19.14 -4.63
CA GLN A 917 -6.85 18.06 -4.72
C GLN A 917 -7.75 18.03 -3.49
N GLY A 918 -7.18 18.21 -2.31
CA GLY A 918 -7.98 18.23 -1.10
C GLY A 918 -8.96 19.38 -1.06
N ALA A 919 -8.59 20.52 -1.63
CA ALA A 919 -9.50 21.66 -1.69
C ALA A 919 -10.70 21.42 -2.58
N GLY A 920 -10.69 20.35 -3.39
CA GLY A 920 -11.79 20.05 -4.26
C GLY A 920 -11.76 20.73 -5.61
N LEU A 921 -10.73 21.52 -5.89
CA LEU A 921 -10.63 22.22 -7.16
C LEU A 921 -10.10 21.35 -8.29
N LEU A 922 -9.65 20.13 -7.99
CA LEU A 922 -9.09 19.23 -8.99
C LEU A 922 -9.71 17.85 -8.83
N ASP A 923 -10.14 17.26 -9.95
CA ASP A 923 -10.63 15.89 -9.95
C ASP A 923 -9.48 14.90 -9.83
N GLU A 924 -9.80 13.71 -9.31
CA GLU A 924 -8.77 12.69 -9.11
C GLU A 924 -8.14 12.26 -10.42
N MET A 925 -8.83 12.42 -11.55
CA MET A 925 -8.19 12.11 -12.82
C MET A 925 -6.98 13.02 -13.04
N GLU A 926 -7.18 14.33 -12.96
CA GLU A 926 -6.08 15.27 -13.14
C GLU A 926 -5.04 15.14 -12.04
N ALA A 927 -5.50 14.94 -10.80
CA ALA A 927 -4.56 14.78 -9.69
C ALA A 927 -3.67 13.56 -9.90
N HIS A 928 -4.25 12.45 -10.34
CA HIS A 928 -3.47 11.25 -10.61
C HIS A 928 -2.51 11.48 -11.78
N LYS A 929 -2.95 12.20 -12.81
CA LYS A 929 -2.04 12.52 -13.91
C LYS A 929 -0.82 13.29 -13.41
N LEU A 930 -1.06 14.33 -12.61
CA LEU A 930 0.04 15.14 -12.11
C LEU A 930 0.94 14.32 -11.19
N GLU A 931 0.35 13.49 -10.33
CA GLU A 931 1.15 12.66 -9.44
C GLU A 931 2.00 11.69 -10.23
N LEU A 932 1.45 11.10 -11.29
CA LEU A 932 2.23 10.19 -12.12
C LEU A 932 3.39 10.93 -12.79
N THR A 933 3.13 12.14 -13.29
CA THR A 933 4.21 12.91 -13.89
C THR A 933 5.31 13.17 -12.88
N VAL A 934 4.94 13.60 -11.67
CA VAL A 934 5.93 13.90 -10.65
C VAL A 934 6.73 12.66 -10.28
N GLU A 935 6.04 11.52 -10.11
CA GLU A 935 6.72 10.29 -9.74
C GLU A 935 7.69 9.85 -10.83
N ILE A 936 7.27 9.95 -12.10
CA ILE A 936 8.17 9.58 -13.19
C ILE A 936 9.39 10.47 -13.19
N LYS A 937 9.20 11.78 -13.01
CA LYS A 937 10.34 12.69 -12.98
C LYS A 937 11.28 12.37 -11.83
N MET A 938 10.73 12.07 -10.65
CA MET A 938 11.57 11.72 -9.52
C MET A 938 12.38 10.45 -9.80
N LYS A 939 11.72 9.42 -10.35
CA LYS A 939 12.42 8.18 -10.63
C LYS A 939 13.54 8.40 -11.65
N ARG A 940 13.26 9.19 -12.69
CA ARG A 940 14.32 9.53 -13.64
C ARG A 940 15.45 10.29 -12.96
N LEU A 941 15.11 11.14 -11.98
CA LEU A 941 16.14 11.83 -11.22
C LEU A 941 17.03 10.85 -10.48
N MET A 942 16.44 9.79 -9.91
CA MET A 942 17.23 8.83 -9.14
C MET A 942 18.36 8.24 -9.96
N ASN A 943 18.22 8.22 -11.29
CA ASN A 943 19.28 7.75 -12.19
C ASN A 943 19.80 8.99 -12.93
N ALA A 944 20.84 9.59 -12.37
CA ALA A 944 21.43 10.82 -12.88
C ALA A 944 22.94 10.69 -12.91
N PRO A 945 23.61 11.54 -13.70
CA PRO A 945 25.08 11.44 -13.79
C PRO A 945 25.72 11.64 -12.41
N SER A 946 26.80 10.89 -12.18
CA SER A 946 27.47 10.94 -10.89
C SER A 946 28.08 12.32 -10.62
N SER A 947 28.70 12.91 -11.63
CA SER A 947 29.40 14.18 -11.48
C SER A 947 29.01 15.13 -12.60
N ILE A 948 29.11 16.43 -12.31
CA ILE A 948 28.81 17.48 -13.28
C ILE A 948 30.01 18.42 -13.36
N PRO A 949 30.30 19.01 -14.51
CA PRO A 949 31.37 19.99 -14.61
C PRO A 949 30.99 21.28 -13.91
N PRO A 950 31.86 21.82 -13.07
CA PRO A 950 31.55 23.07 -12.38
C PRO A 950 31.26 24.18 -13.36
N PRO A 951 30.25 25.02 -13.08
CA PRO A 951 29.92 26.09 -14.01
C PRO A 951 31.01 27.15 -14.05
N PRO A 952 31.17 27.85 -15.16
CA PRO A 952 32.17 28.92 -15.23
C PRO A 952 31.78 30.11 -14.38
N PRO A 953 32.73 30.97 -14.02
CA PRO A 953 32.41 32.09 -13.13
C PRO A 953 31.36 33.03 -13.68
N GLU A 954 31.27 33.20 -15.00
CA GLU A 954 30.33 34.17 -15.56
C GLU A 954 28.90 33.82 -15.21
N ASN A 955 28.53 32.54 -15.36
CA ASN A 955 27.19 32.12 -14.98
C ASN A 955 26.97 32.24 -13.48
N LEU A 956 28.03 32.01 -12.69
CA LEU A 956 27.91 32.19 -11.24
C LEU A 956 27.55 33.62 -10.91
N LEU A 957 28.23 34.58 -11.54
CA LEU A 957 27.87 35.98 -11.33
C LEU A 957 26.46 36.27 -11.82
N LYS A 958 26.09 35.71 -12.97
CA LYS A 958 24.76 35.95 -13.53
C LYS A 958 23.65 35.34 -12.68
N ASN A 959 23.96 34.36 -11.84
CA ASN A 959 22.95 33.66 -11.06
C ASN A 959 22.76 34.23 -9.66
N VAL A 960 23.48 35.29 -9.29
CA VAL A 960 23.29 35.88 -7.98
C VAL A 960 21.84 36.36 -7.86
N SER A 961 21.22 36.07 -6.72
CA SER A 961 19.78 36.26 -6.58
C SER A 961 19.38 37.72 -6.71
N TRP A 962 20.03 38.61 -5.94
CA TRP A 962 19.53 39.97 -5.82
C TRP A 962 19.61 40.72 -7.15
N LEU A 963 20.68 40.53 -7.92
CA LEU A 963 20.76 41.19 -9.22
C LEU A 963 20.15 40.34 -10.33
N ALA A 964 19.77 39.10 -10.05
CA ALA A 964 19.16 38.26 -11.07
C ALA A 964 17.85 38.87 -11.55
N GLY A 965 17.55 38.67 -12.83
CA GLY A 965 16.38 39.27 -13.42
C GLY A 965 16.70 40.06 -14.67
N ASP A 966 16.53 41.38 -14.60
CA ASP A 966 16.77 42.22 -15.77
C ASP A 966 18.17 42.00 -16.30
N MET A 967 18.27 41.84 -17.63
CA MET A 967 19.57 41.60 -18.25
C MET A 967 20.43 42.86 -18.29
N LYS A 968 19.80 44.03 -18.22
CA LYS A 968 20.56 45.29 -18.20
C LYS A 968 21.46 45.36 -16.97
N LEU A 969 20.95 44.94 -15.81
CA LEU A 969 21.78 44.91 -14.60
C LEU A 969 22.95 43.96 -14.77
N ILE A 970 22.70 42.79 -15.35
CA ILE A 970 23.78 41.82 -15.56
C ILE A 970 24.83 42.39 -16.49
N ASP A 971 24.42 43.14 -17.51
CA ASP A 971 25.38 43.80 -18.37
C ASP A 971 26.18 44.84 -17.59
N PHE A 972 25.48 45.69 -16.84
CA PHE A 972 26.16 46.70 -16.04
C PHE A 972 27.19 46.07 -15.10
N ILE A 973 26.92 44.87 -14.62
CA ILE A 973 27.84 44.20 -13.72
C ILE A 973 29.00 43.58 -14.47
N LYS A 974 28.70 42.75 -15.48
CA LYS A 974 29.76 42.04 -16.20
C LYS A 974 30.71 43.00 -16.88
N ALA A 975 30.19 44.03 -17.53
CA ALA A 975 31.06 45.06 -18.09
C ALA A 975 31.88 45.73 -16.99
N ARG A 976 31.32 45.83 -15.79
CA ARG A 976 32.04 46.33 -14.62
C ARG A 976 32.68 45.16 -13.89
N ALA A 977 33.15 45.41 -12.66
CA ALA A 977 33.67 44.38 -11.78
C ALA A 977 35.11 44.03 -12.14
N SER A 978 35.69 43.09 -11.39
CA SER A 978 37.05 42.63 -11.62
C SER A 978 37.24 41.31 -10.89
N LEU A 979 38.28 40.59 -11.29
CA LEU A 979 38.59 39.30 -10.69
C LEU A 979 39.93 39.41 -9.96
N LEU A 980 39.97 38.92 -8.73
CA LEU A 980 41.16 38.98 -7.90
C LEU A 980 41.56 37.58 -7.45
N HIS A 981 42.86 37.32 -7.48
CA HIS A 981 43.45 36.06 -7.05
C HIS A 981 44.19 36.25 -5.74
N PHE A 982 43.99 35.33 -4.80
CA PHE A 982 44.63 35.38 -3.51
C PHE A 982 45.18 34.00 -3.17
N ASP A 983 46.19 33.98 -2.29
CA ASP A 983 46.84 32.76 -1.85
C ASP A 983 46.65 32.58 -0.35
N TYR A 984 47.26 31.53 0.18
CA TYR A 984 47.13 31.20 1.59
C TYR A 984 47.57 32.38 2.46
N GLY A 985 46.78 32.68 3.49
CA GLY A 985 47.14 33.69 4.45
C GLY A 985 46.98 35.12 3.99
N GLU A 986 46.30 35.36 2.88
CA GLU A 986 46.08 36.72 2.38
C GLU A 986 44.84 37.31 3.05
N VAL A 987 45.01 38.49 3.64
CA VAL A 987 43.93 39.13 4.40
C VAL A 987 43.16 40.00 3.41
N ILE A 988 42.01 39.50 2.95
CA ILE A 988 41.20 40.24 1.99
C ILE A 988 40.71 41.53 2.61
N VAL A 989 40.19 41.46 3.83
CA VAL A 989 39.56 42.59 4.49
C VAL A 989 40.14 42.74 5.89
N ARG A 990 40.38 43.98 6.31
CA ARG A 990 40.88 44.29 7.63
C ARG A 990 39.74 44.79 8.51
N GLU A 991 39.67 44.28 9.74
CA GLU A 991 38.63 44.67 10.67
C GLU A 991 38.65 46.19 10.87
N GLY A 992 37.48 46.81 10.78
CA GLY A 992 37.38 48.25 10.90
C GLY A 992 37.63 49.02 9.63
N ASP A 993 38.01 48.35 8.54
CA ASP A 993 38.25 49.02 7.28
C ASP A 993 36.93 49.44 6.64
N GLU A 994 36.90 50.66 6.11
CA GLU A 994 35.66 51.19 5.54
C GLU A 994 35.15 50.29 4.43
N SER A 995 33.84 50.04 4.44
CA SER A 995 33.21 49.22 3.41
C SER A 995 33.28 49.95 2.08
N ASP A 996 33.98 49.36 1.11
CA ASP A 996 34.19 49.99 -0.18
C ASP A 996 33.84 49.11 -1.37
N GLY A 997 33.44 47.86 -1.14
CA GLY A 997 33.07 46.99 -2.25
C GLY A 997 32.57 45.66 -1.73
N LEU A 998 32.00 44.89 -2.66
CA LEU A 998 31.47 43.57 -2.35
C LEU A 998 32.54 42.51 -2.60
N PHE A 999 32.13 41.25 -2.47
CA PHE A 999 33.01 40.12 -2.75
C PHE A 999 32.14 38.92 -3.07
N LEU A 1000 32.52 38.18 -4.10
CA LEU A 1000 31.83 36.95 -4.47
C LEU A 1000 32.86 35.83 -4.54
N ILE A 1001 32.65 34.77 -3.77
CA ILE A 1001 33.59 33.66 -3.71
C ILE A 1001 33.31 32.78 -4.92
N VAL A 1002 34.09 32.95 -5.98
CA VAL A 1002 33.96 32.10 -7.15
C VAL A 1002 34.77 30.81 -7.00
N SER A 1003 35.70 30.75 -6.05
CA SER A 1003 36.41 29.52 -5.75
C SER A 1003 37.29 29.77 -4.54
N GLY A 1004 37.44 28.72 -3.72
CA GLY A 1004 38.28 28.76 -2.55
C GLY A 1004 37.48 28.57 -1.27
N LEU A 1005 37.98 29.17 -0.19
CA LEU A 1005 37.34 29.10 1.13
C LEU A 1005 38.01 30.12 2.03
N VAL A 1006 37.20 30.84 2.81
CA VAL A 1006 37.70 31.88 3.68
C VAL A 1006 37.16 31.67 5.09
N LYS A 1007 37.89 32.21 6.07
CA LYS A 1007 37.51 32.15 7.47
C LYS A 1007 37.32 33.57 7.99
N LEU A 1008 36.16 33.81 8.60
CA LEU A 1008 35.80 35.11 9.16
C LEU A 1008 35.92 35.04 10.67
N TYR A 1009 36.63 36.00 11.26
CA TYR A 1009 36.85 36.05 12.69
C TYR A 1009 36.67 37.49 13.18
N GLY A 1010 36.08 37.63 14.36
CA GLY A 1010 35.90 38.95 14.92
C GLY A 1010 34.81 38.93 15.98
N LYS A 1011 34.45 40.12 16.42
CA LYS A 1011 33.44 40.32 17.45
C LYS A 1011 32.19 40.93 16.81
N SER A 1012 31.04 40.33 17.12
CA SER A 1012 29.77 40.81 16.57
C SER A 1012 28.66 40.72 17.62
N GLU A 1030 32.46 35.43 23.11
CA GLU A 1030 31.72 36.43 22.35
C GLU A 1030 32.29 36.59 20.96
N VAL A 1031 33.48 36.03 20.73
CA VAL A 1031 34.11 36.11 19.43
C VAL A 1031 33.30 35.31 18.41
N PHE A 1032 33.10 35.89 17.24
CA PHE A 1032 32.34 35.26 16.17
C PHE A 1032 33.29 34.71 15.13
N GLU A 1033 33.19 33.41 14.84
CA GLU A 1033 34.05 32.74 13.89
C GLU A 1033 33.19 31.88 12.97
N ASP A 1034 33.45 31.94 11.67
CA ASP A 1034 32.70 31.16 10.70
C ASP A 1034 33.54 30.96 9.45
N TYR A 1035 33.00 30.20 8.50
CA TYR A 1035 33.66 29.92 7.25
C TYR A 1035 32.71 30.17 6.09
N LEU A 1036 33.27 30.63 4.97
CA LEU A 1036 32.50 30.88 3.76
C LEU A 1036 33.19 30.22 2.58
N THR A 1037 32.41 29.93 1.54
CA THR A 1037 32.88 29.18 0.39
C THR A 1037 32.31 29.78 -0.88
N VAL A 1038 32.39 29.03 -1.97
CA VAL A 1038 31.98 29.54 -3.28
C VAL A 1038 30.51 29.92 -3.26
N GLY A 1039 30.17 30.90 -4.09
CA GLY A 1039 28.79 31.37 -4.20
C GLY A 1039 28.26 32.09 -2.99
N ASN A 1040 29.07 32.94 -2.36
CA ASN A 1040 28.63 33.72 -1.21
C ASN A 1040 29.12 35.16 -1.37
N VAL A 1041 28.31 36.10 -0.90
CA VAL A 1041 28.66 37.51 -0.90
C VAL A 1041 29.09 37.91 0.50
N ILE A 1042 29.78 39.03 0.62
CA ILE A 1042 30.40 39.39 1.88
C ILE A 1042 29.93 40.74 2.39
N GLY A 1043 30.19 41.81 1.64
CA GLY A 1043 30.01 43.15 2.15
C GLY A 1043 28.74 43.86 1.79
N GLU A 1044 27.62 43.15 1.79
CA GLU A 1044 26.34 43.77 1.46
C GLU A 1044 25.95 44.84 2.49
N MET A 1045 26.07 44.49 3.78
CA MET A 1045 25.63 45.41 4.82
C MET A 1045 26.43 46.71 4.81
N GLY A 1046 27.75 46.61 4.62
CA GLY A 1046 28.57 47.80 4.59
C GLY A 1046 28.14 48.76 3.49
N VAL A 1047 27.86 48.23 2.31
CA VAL A 1047 27.42 49.09 1.20
C VAL A 1047 26.03 49.65 1.48
N LEU A 1048 25.14 48.84 2.06
CA LEU A 1048 23.77 49.27 2.29
C LEU A 1048 23.63 50.23 3.45
N THR A 1049 24.63 50.33 4.33
CA THR A 1049 24.56 51.20 5.49
C THR A 1049 25.82 52.01 5.75
N LYS A 1050 26.86 51.83 4.96
CA LYS A 1050 28.10 52.61 5.09
C LYS A 1050 28.64 52.55 6.52
N LYS A 1051 29.02 51.36 6.93
CA LYS A 1051 29.56 51.11 8.25
C LYS A 1051 30.89 50.37 8.12
N PRO A 1052 31.75 50.46 9.14
CA PRO A 1052 33.05 49.79 9.06
C PRO A 1052 32.88 48.27 9.01
N ARG A 1053 33.87 47.61 8.44
CA ARG A 1053 33.82 46.16 8.27
C ARG A 1053 33.45 45.48 9.59
N ASN A 1054 32.81 44.32 9.47
CA ASN A 1054 32.32 43.59 10.64
C ASN A 1054 33.38 42.68 11.23
N ALA A 1055 33.91 41.76 10.41
CA ALA A 1055 34.91 40.81 10.88
C ALA A 1055 36.02 40.72 9.84
N THR A 1056 37.21 40.32 10.30
CA THR A 1056 38.34 40.14 9.41
C THR A 1056 38.29 38.77 8.76
N VAL A 1057 38.48 38.74 7.44
CA VAL A 1057 38.36 37.52 6.65
C VAL A 1057 39.72 37.18 6.09
N THR A 1058 40.15 35.94 6.30
CA THR A 1058 41.45 35.47 5.81
C THR A 1058 41.26 34.18 5.02
N CYS A 1059 42.00 34.05 3.92
CA CYS A 1059 41.88 32.88 3.07
C CYS A 1059 42.55 31.67 3.70
N GLU A 1060 41.84 30.54 3.72
CA GLU A 1060 42.40 29.26 4.11
C GLU A 1060 42.86 28.45 2.91
N THR A 1061 42.74 28.99 1.70
CA THR A 1061 43.14 28.32 0.47
C THR A 1061 43.17 29.37 -0.63
N THR A 1062 43.92 29.07 -1.69
CA THR A 1062 43.95 29.96 -2.84
C THR A 1062 42.54 30.27 -3.30
N VAL A 1063 42.20 31.56 -3.35
CA VAL A 1063 40.83 32.00 -3.51
C VAL A 1063 40.72 32.95 -4.69
N GLN A 1064 39.52 33.03 -5.25
CA GLN A 1064 39.22 33.94 -6.35
C GLN A 1064 37.97 34.72 -6.00
N VAL A 1065 38.02 36.03 -6.20
CA VAL A 1065 36.94 36.92 -5.75
C VAL A 1065 36.53 37.86 -6.86
N TYR A 1066 35.27 38.28 -6.82
CA TYR A 1066 34.73 39.34 -7.66
C TYR A 1066 34.51 40.57 -6.78
N PHE A 1067 35.19 41.66 -7.10
CA PHE A 1067 35.18 42.86 -6.27
C PHE A 1067 34.45 43.97 -7.02
N ILE A 1068 33.20 44.23 -6.62
CA ILE A 1068 32.40 45.30 -7.20
C ILE A 1068 32.51 46.52 -6.29
N THR A 1069 32.95 47.63 -6.86
CA THR A 1069 33.22 48.82 -6.06
C THR A 1069 31.93 49.39 -5.47
N ALA A 1070 32.07 50.05 -4.32
CA ALA A 1070 30.93 50.69 -3.69
C ALA A 1070 30.37 51.80 -4.57
N GLU A 1071 31.24 52.59 -5.19
CA GLU A 1071 30.77 53.68 -6.04
C GLU A 1071 29.95 53.15 -7.21
N ASP A 1072 30.41 52.08 -7.84
CA ASP A 1072 29.65 51.49 -8.94
C ASP A 1072 28.32 50.92 -8.44
N MET A 1073 28.31 50.36 -7.23
CA MET A 1073 27.07 49.87 -6.66
C MET A 1073 26.07 51.00 -6.46
N ASN A 1074 26.55 52.14 -5.95
CA ASN A 1074 25.66 53.30 -5.77
C ASN A 1074 25.17 53.81 -7.12
N ILE A 1075 26.05 53.82 -8.12
CA ILE A 1075 25.63 54.24 -9.46
C ILE A 1075 24.53 53.33 -9.98
N ALA A 1076 24.71 52.02 -9.82
CA ALA A 1076 23.70 51.07 -10.29
C ALA A 1076 22.38 51.25 -9.55
N ILE A 1077 22.43 51.43 -8.23
CA ILE A 1077 21.19 51.60 -7.47
C ILE A 1077 20.47 52.86 -7.91
N ASP A 1078 21.21 53.96 -8.09
CA ASP A 1078 20.58 55.20 -8.55
C ASP A 1078 19.99 55.03 -9.94
N THR A 1079 20.70 54.36 -10.84
CA THR A 1079 20.21 54.20 -12.21
C THR A 1079 18.90 53.41 -12.24
N PHE A 1080 18.80 52.34 -11.46
CA PHE A 1080 17.65 51.46 -11.48
C PHE A 1080 16.75 51.76 -10.30
N THR A 1081 15.51 52.18 -10.58
CA THR A 1081 14.55 52.50 -9.53
C THR A 1081 13.15 51.99 -9.87
N LEU A 1082 13.06 50.88 -10.59
CA LEU A 1082 11.77 50.28 -10.89
C LEU A 1082 11.12 49.79 -9.60
N TYR A 1083 9.88 49.31 -9.72
CA TYR A 1083 9.16 48.80 -8.56
C TYR A 1083 9.96 47.73 -7.81
N PRO A 1084 10.50 46.70 -8.46
CA PRO A 1084 11.43 45.78 -7.78
C PRO A 1084 12.86 46.30 -7.81
N SER A 1085 13.07 47.44 -7.17
CA SER A 1085 14.35 48.12 -7.25
C SER A 1085 15.47 47.22 -6.72
N LEU A 1086 16.69 47.45 -7.24
CA LEU A 1086 17.84 46.70 -6.76
C LEU A 1086 18.08 46.94 -5.27
N GLU A 1087 17.96 48.20 -4.84
CA GLU A 1087 18.09 48.50 -3.42
C GLU A 1087 17.04 47.76 -2.60
N TYR A 1088 15.80 47.70 -3.10
CA TYR A 1088 14.76 46.97 -2.41
C TYR A 1088 15.10 45.50 -2.29
N ARG A 1089 15.62 44.90 -3.36
CA ARG A 1089 15.98 43.48 -3.32
C ARG A 1089 17.11 43.23 -2.33
N LEU A 1090 18.13 44.09 -2.33
CA LEU A 1090 19.23 43.93 -1.40
C LEU A 1090 18.75 44.04 0.04
N TRP A 1091 17.90 45.03 0.32
CA TRP A 1091 17.37 45.18 1.67
C TRP A 1091 16.51 43.99 2.07
N ARG A 1092 15.74 43.46 1.11
CA ARG A 1092 14.94 42.27 1.40
C ARG A 1092 15.83 41.09 1.77
N VAL A 1093 16.92 40.90 1.02
CA VAL A 1093 17.83 39.80 1.33
C VAL A 1093 18.41 39.97 2.73
N VAL A 1094 18.88 41.18 3.04
CA VAL A 1094 19.48 41.42 4.35
C VAL A 1094 18.46 41.21 5.46
N ALA A 1095 17.24 41.69 5.26
CA ALA A 1095 16.21 41.57 6.29
C ALA A 1095 15.84 40.11 6.53
N ILE A 1096 15.68 39.33 5.45
CA ILE A 1096 15.36 37.91 5.63
C ILE A 1096 16.51 37.20 6.31
N ARG A 1097 17.75 37.60 6.02
CA ARG A 1097 18.89 37.00 6.70
C ARG A 1097 18.86 37.29 8.20
N ILE A 1098 18.55 38.54 8.56
CA ILE A 1098 18.57 38.92 9.97
C ILE A 1098 17.41 38.28 10.73
N ALA A 1099 16.23 38.22 10.10
CA ALA A 1099 15.02 37.87 10.84
C ALA A 1099 15.05 36.45 11.39
N THR A 1100 15.63 35.51 10.65
CA THR A 1100 15.52 34.09 11.00
C THR A 1100 15.92 33.78 12.43
N PRO A 1101 17.05 34.26 12.96
CA PRO A 1101 17.41 33.91 14.34
C PRO A 1101 16.38 34.30 15.36
N LEU A 1102 15.73 35.45 15.21
CA LEU A 1102 14.74 35.89 16.18
C LEU A 1102 13.54 34.96 16.19
N ILE A 1103 12.98 34.67 15.00
CA ILE A 1103 11.84 33.77 14.92
C ILE A 1103 12.21 32.40 15.46
N MET A 1104 13.43 31.94 15.17
CA MET A 1104 13.87 30.65 15.70
C MET A 1104 13.90 30.67 17.23
N GLU A 1105 14.40 31.76 17.82
CA GLU A 1105 14.40 31.87 19.26
C GLU A 1105 12.98 31.89 19.81
N GLN A 1106 12.03 32.45 19.07
CA GLN A 1106 10.64 32.43 19.49
C GLN A 1106 10.16 30.99 19.70
N MET A 1107 10.78 30.03 19.02
CA MET A 1107 10.40 28.64 19.14
C MET A 1107 10.88 28.08 20.48
N ALA A 1108 10.04 28.20 21.50
CA ALA A 1108 10.34 27.64 22.82
C ALA A 1108 9.69 26.28 22.95
N PHE A 1109 10.24 25.32 22.20
CA PHE A 1109 9.79 23.95 22.08
C PHE A 1109 8.57 23.84 21.17
N GLN A 1110 8.06 24.94 20.63
CA GLN A 1110 6.89 24.86 19.76
C GLN A 1110 7.19 24.02 18.52
N GLY A 1111 8.36 24.21 17.92
CA GLY A 1111 8.75 23.44 16.76
C GLY A 1111 8.58 24.19 15.46
N TRP A 1112 9.70 24.61 14.86
CA TRP A 1112 9.69 25.27 13.56
C TRP A 1112 10.69 24.71 12.57
N THR A 1113 11.65 23.89 13.01
CA THR A 1113 12.55 23.17 12.12
C THR A 1113 13.59 24.07 11.48
N GLN A 1114 13.49 25.38 11.71
CA GLN A 1114 14.40 26.39 11.16
C GLN A 1114 14.31 26.48 9.65
N GLU A 1115 13.46 25.68 9.00
CA GLU A 1115 13.24 25.76 7.56
C GLU A 1115 11.84 26.28 7.23
N LYS A 1116 10.82 25.74 7.90
CA LYS A 1116 9.48 26.28 7.74
C LYS A 1116 9.45 27.77 8.08
N VAL A 1117 10.32 28.21 8.99
CA VAL A 1117 10.40 29.63 9.29
C VAL A 1117 10.91 30.39 8.07
N LYS A 1118 11.79 29.79 7.29
CA LYS A 1118 12.27 30.44 6.07
C LYS A 1118 11.13 30.64 5.09
N LEU A 1119 10.30 29.62 4.87
CA LEU A 1119 9.16 29.75 3.98
C LEU A 1119 8.18 30.79 4.52
N HIS A 1120 7.94 30.78 5.83
CA HIS A 1120 7.03 31.75 6.42
C HIS A 1120 7.53 33.18 6.20
N LEU A 1121 8.84 33.40 6.38
CA LEU A 1121 9.41 34.72 6.17
C LEU A 1121 9.46 35.10 4.69
N GLU A 1122 9.45 34.11 3.79
CA GLU A 1122 9.52 34.42 2.36
C GLU A 1122 8.32 35.25 1.92
N ARG A 1123 7.13 34.91 2.40
CA ARG A 1123 5.93 35.64 1.99
C ARG A 1123 5.94 37.08 2.47
N GLY A 1124 6.79 37.43 3.42
CA GLY A 1124 6.82 38.77 3.96
C GLY A 1124 7.22 39.81 2.93
N TYR A 1125 7.34 41.05 3.41
CA TYR A 1125 7.75 42.15 2.55
C TYR A 1125 8.27 43.28 3.41
N LEU A 1126 9.03 44.17 2.77
CA LEU A 1126 9.54 45.35 3.43
C LEU A 1126 8.42 46.36 3.66
N VAL A 1127 8.68 47.31 4.56
CA VAL A 1127 7.71 48.36 4.86
C VAL A 1127 7.80 49.44 3.80
N ASP A 1128 6.68 49.68 3.10
CA ASP A 1128 6.60 50.73 2.08
C ASP A 1128 6.19 52.02 2.78
N LEU A 1129 7.18 52.68 3.37
CA LEU A 1129 6.94 53.85 4.23
C LEU A 1129 6.80 55.11 3.36
N ALA A 1130 5.66 55.20 2.69
CA ALA A 1130 5.35 56.42 1.95
C ALA A 1130 5.20 57.61 2.88
N GLU A 1131 4.51 57.40 4.00
CA GLU A 1131 4.37 58.40 5.05
C GLU A 1131 5.01 57.88 6.33
N SER A 1132 5.66 58.77 7.07
CA SER A 1132 6.44 58.33 8.22
C SER A 1132 5.57 57.78 9.34
N HIS A 1133 4.27 58.04 9.31
CA HIS A 1133 3.39 57.76 10.44
C HIS A 1133 2.29 56.74 10.09
N PHE A 1134 2.65 55.68 9.37
CA PHE A 1134 1.71 54.59 9.18
C PHE A 1134 1.38 53.89 10.49
N GLN A 1135 0.12 53.55 10.67
CA GLN A 1135 -0.37 52.79 11.82
C GLN A 1135 -0.88 51.44 11.28
N PHE A 1136 0.04 50.49 11.15
CA PHE A 1136 -0.29 49.16 10.66
C PHE A 1136 -0.99 48.39 11.77
N ASN A 1137 -2.31 48.17 11.60
CA ASN A 1137 -3.05 47.42 12.61
C ASN A 1137 -2.45 46.03 12.75
N ILE A 1138 -2.24 45.62 14.01
CA ILE A 1138 -1.65 44.30 14.29
C ILE A 1138 -2.83 43.34 14.42
N ASP A 1139 -3.30 42.85 13.28
CA ASP A 1139 -4.37 41.88 13.23
C ASP A 1139 -3.81 40.47 13.21
N ALA A 1140 -4.68 39.49 13.48
CA ALA A 1140 -4.26 38.10 13.53
C ALA A 1140 -3.74 37.62 12.17
N THR A 1141 -4.12 38.28 11.08
CA THR A 1141 -3.68 37.84 9.76
C THR A 1141 -2.18 38.06 9.57
N LEU A 1142 -1.65 39.19 10.06
CA LEU A 1142 -0.25 39.52 9.82
C LEU A 1142 0.70 38.59 10.58
N GLU A 1143 0.24 37.92 11.62
CA GLU A 1143 1.10 37.07 12.43
C GLU A 1143 2.15 37.89 13.17
N ASP A 1144 3.37 37.92 12.62
CA ASP A 1144 4.50 38.56 13.29
C ASP A 1144 5.14 39.60 12.39
N VAL A 1145 5.79 40.58 13.01
CA VAL A 1145 6.51 41.63 12.32
C VAL A 1145 7.81 41.89 13.05
N ILE A 1146 8.89 42.13 12.29
CA ILE A 1146 10.23 42.30 12.84
C ILE A 1146 10.71 43.70 12.54
N LEU A 1147 11.60 44.20 13.40
CA LEU A 1147 12.25 45.50 13.22
C LEU A 1147 13.68 45.23 12.77
N ILE A 1148 13.95 45.46 11.49
CA ILE A 1148 15.26 45.14 10.92
C ILE A 1148 16.28 46.19 11.35
N ASN A 1149 16.09 47.43 10.90
CA ASN A 1149 17.01 48.51 11.28
C ASN A 1149 16.22 49.82 11.25
N GLY A 1150 15.68 50.20 12.41
CA GLY A 1150 14.90 51.41 12.47
C GLY A 1150 14.25 51.57 13.83
N THR A 1151 13.55 52.68 13.98
CA THR A 1151 12.87 53.04 15.22
C THR A 1151 11.37 53.06 14.99
N ALA A 1152 10.63 52.36 15.86
CA ALA A 1152 9.18 52.29 15.78
C ALA A 1152 8.59 52.52 17.17
N TYR A 1153 7.32 52.94 17.19
CA TYR A 1153 6.65 53.30 18.42
C TYR A 1153 5.28 52.65 18.48
N ASN A 1154 4.79 52.47 19.71
CA ASN A 1154 3.47 51.92 19.93
C ASN A 1154 2.41 53.02 19.82
N ALA A 1155 1.15 52.61 19.74
CA ALA A 1155 0.06 53.57 19.61
C ALA A 1155 -0.03 54.47 20.84
N HIS A 1156 -0.05 53.87 22.04
CA HIS A 1156 -0.18 54.65 23.27
C HIS A 1156 1.18 54.96 23.89
N THR A 1157 1.93 53.92 24.26
CA THR A 1157 3.19 54.14 24.97
C THR A 1157 4.21 54.88 24.10
N ARG A 1158 4.29 54.53 22.82
CA ARG A 1158 5.29 55.12 21.93
C ARG A 1158 6.70 54.85 22.45
N GLU A 1159 6.89 53.68 23.04
CA GLU A 1159 8.18 53.33 23.64
C GLU A 1159 9.27 53.32 22.57
N GLU A 1160 10.42 53.90 22.91
CA GLU A 1160 11.53 53.97 21.97
C GLU A 1160 12.12 52.58 21.75
N ILE A 1161 12.27 52.19 20.49
CA ILE A 1161 12.80 50.89 20.11
C ILE A 1161 13.95 51.10 19.13
N ARG A 1162 15.05 50.41 19.36
CA ARG A 1162 16.23 50.46 18.49
C ARG A 1162 16.49 49.07 17.93
N SER A 1163 16.70 48.99 16.61
CA SER A 1163 16.96 47.71 15.97
C SER A 1163 18.36 47.22 16.31
N PRO A 1164 18.61 45.91 16.17
CA PRO A 1164 17.67 44.86 15.75
C PRO A 1164 16.91 44.26 16.92
N CYS A 1165 15.61 44.04 16.77
CA CYS A 1165 14.81 43.43 17.83
C CYS A 1165 13.41 43.17 17.29
N LEU A 1166 12.72 42.26 17.95
CA LEU A 1166 11.35 41.92 17.57
C LEU A 1166 10.37 42.78 18.35
N ILE A 1167 9.36 43.29 17.66
CA ILE A 1167 8.38 44.17 18.30
C ILE A 1167 7.63 43.43 19.40
N SER A 1168 7.24 42.18 19.13
CA SER A 1168 6.52 41.37 20.09
C SER A 1168 5.07 41.83 20.20
N ARG A 1169 4.17 40.90 20.53
CA ARG A 1169 2.74 41.22 20.62
C ARG A 1169 2.42 42.20 21.74
N THR A 1170 3.36 42.44 22.67
CA THR A 1170 3.11 43.40 23.74
C THR A 1170 2.79 44.78 23.17
N VAL A 1171 3.63 45.29 22.27
CA VAL A 1171 3.33 46.54 21.59
C VAL A 1171 2.19 46.26 20.62
N HIS A 1172 0.99 46.75 20.95
CA HIS A 1172 -0.21 46.23 20.33
C HIS A 1172 -0.48 46.91 18.99
N LYS A 1173 -0.53 48.24 18.97
CA LYS A 1173 -0.72 49.02 17.76
C LYS A 1173 0.58 49.74 17.42
N LEU A 1174 1.07 49.55 16.19
CA LEU A 1174 2.38 50.04 15.77
C LEU A 1174 2.19 51.32 14.95
N THR A 1175 2.52 52.46 15.53
CA THR A 1175 2.58 53.72 14.81
C THR A 1175 3.98 53.86 14.21
N PHE A 1176 4.30 55.06 13.70
CA PHE A 1176 5.63 55.26 13.12
C PHE A 1176 5.94 56.75 13.11
N GLN A 1177 7.22 57.06 12.91
CA GLN A 1177 7.68 58.43 12.79
C GLN A 1177 8.88 58.46 11.86
N TYR A 1178 9.17 59.63 11.31
CA TYR A 1178 10.25 59.81 10.35
C TYR A 1178 11.55 60.03 11.09
N THR A 1179 12.36 58.99 11.18
CA THR A 1179 13.68 59.11 11.80
C THR A 1179 14.65 59.78 10.83
N ALA A 1180 15.77 60.27 11.38
CA ALA A 1180 16.76 61.00 10.60
C ALA A 1180 18.10 60.29 10.51
N THR A 1181 18.69 59.92 11.65
CA THR A 1181 20.03 59.34 11.61
C THR A 1181 20.04 58.00 10.87
N GLU A 1182 19.15 57.09 11.25
CA GLU A 1182 19.07 55.77 10.64
C GLU A 1182 17.74 55.63 9.92
N GLU A 1183 17.80 55.30 8.64
CA GLU A 1183 16.57 55.15 7.85
C GLU A 1183 15.80 53.94 8.35
N PRO A 1184 14.55 54.09 8.76
CA PRO A 1184 13.80 52.95 9.30
C PRO A 1184 13.55 51.89 8.24
N ARG A 1185 13.78 50.64 8.61
CA ARG A 1185 13.63 49.49 7.72
C ARG A 1185 12.98 48.37 8.51
N LEU A 1186 11.73 48.05 8.16
CA LEU A 1186 10.94 47.06 8.86
C LEU A 1186 10.50 45.95 7.91
N PHE A 1187 10.44 44.73 8.43
CA PHE A 1187 9.98 43.57 7.69
C PHE A 1187 8.69 43.07 8.32
N VAL A 1188 7.66 42.87 7.49
CA VAL A 1188 6.35 42.49 8.00
C VAL A 1188 5.80 41.31 7.21
N VAL A 1189 4.91 40.56 7.83
CA VAL A 1189 4.28 39.39 7.22
C VAL A 1189 2.78 39.46 7.47
N ARG A 1190 2.03 38.71 6.67
CA ARG A 1190 0.59 38.65 6.79
C ARG A 1190 0.05 37.28 6.39
N ASP B 68 21.89 -35.40 -11.66
CA ASP B 68 20.88 -36.41 -11.93
C ASP B 68 21.41 -37.47 -12.89
N ASP B 69 20.88 -38.69 -12.77
CA ASP B 69 21.35 -39.81 -13.58
C ASP B 69 20.25 -40.85 -13.67
N LEU B 70 20.39 -41.75 -14.63
CA LEU B 70 19.41 -42.81 -14.85
C LEU B 70 18.10 -42.24 -15.38
N HIS B 71 17.08 -42.22 -14.52
CA HIS B 71 15.78 -41.63 -14.86
C HIS B 71 15.51 -40.52 -13.86
N ALA B 72 16.02 -39.32 -14.16
CA ALA B 72 15.85 -38.15 -13.32
C ALA B 72 15.19 -37.06 -14.15
N HIS B 73 14.02 -36.60 -13.71
CA HIS B 73 13.23 -35.61 -14.43
C HIS B 73 13.39 -34.26 -13.76
N ALA B 74 14.29 -33.44 -14.28
CA ALA B 74 14.39 -32.06 -13.85
C ALA B 74 13.25 -31.28 -14.47
N PRO B 75 12.37 -30.66 -13.68
CA PRO B 75 11.20 -29.97 -14.26
C PRO B 75 11.61 -28.94 -15.30
N LYS B 76 11.26 -29.18 -16.56
CA LYS B 76 11.61 -28.27 -17.64
C LYS B 76 10.54 -27.22 -17.89
N VAL B 77 9.37 -27.34 -17.26
CA VAL B 77 8.33 -26.33 -17.44
C VAL B 77 8.76 -25.00 -16.85
N ILE B 78 9.66 -25.03 -15.86
CA ILE B 78 10.09 -23.79 -15.22
C ILE B 78 10.74 -22.86 -16.24
N VAL B 79 11.60 -23.42 -17.11
CA VAL B 79 12.27 -22.59 -18.09
C VAL B 79 11.25 -21.97 -19.05
N PHE B 80 10.27 -22.75 -19.49
CA PHE B 80 9.27 -22.22 -20.41
C PHE B 80 8.46 -21.10 -19.76
N ILE B 81 8.03 -21.28 -18.52
CA ILE B 81 7.23 -20.25 -17.86
C ILE B 81 8.05 -18.99 -17.65
N SER B 82 9.29 -19.13 -17.18
CA SER B 82 10.13 -17.96 -16.96
C SER B 82 10.41 -17.23 -18.27
N GLY B 83 10.68 -17.98 -19.34
CA GLY B 83 10.89 -17.35 -20.63
C GLY B 83 9.65 -16.63 -21.13
N SER B 84 8.48 -17.22 -20.91
CA SER B 84 7.24 -16.55 -21.29
C SER B 84 7.09 -15.23 -20.55
N CYS B 85 7.36 -15.23 -19.24
CA CYS B 85 7.29 -13.99 -18.48
C CYS B 85 8.27 -12.95 -18.99
N LEU B 86 9.50 -13.38 -19.28
CA LEU B 86 10.51 -12.45 -19.78
C LEU B 86 10.09 -11.85 -21.12
N PHE B 87 9.59 -12.69 -22.02
CA PHE B 87 9.16 -12.19 -23.33
C PHE B 87 7.97 -11.24 -23.19
N GLY B 88 7.04 -11.55 -22.29
CA GLY B 88 5.94 -10.65 -22.05
C GLY B 88 6.39 -9.31 -21.54
N ALA B 89 7.34 -9.30 -20.60
CA ALA B 89 7.86 -8.04 -20.09
C ALA B 89 8.54 -7.25 -21.20
N ILE B 90 9.35 -7.92 -22.02
CA ILE B 90 10.05 -7.23 -23.10
C ILE B 90 9.04 -6.62 -24.08
N SER B 91 8.03 -7.40 -24.45
CA SER B 91 7.03 -6.91 -25.40
C SER B 91 6.26 -5.72 -24.82
N ARG B 92 5.87 -5.81 -23.55
CA ARG B 92 5.17 -4.70 -22.92
C ARG B 92 6.02 -3.45 -22.92
N SER B 93 7.30 -3.58 -22.55
CA SER B 93 8.17 -2.40 -22.46
C SER B 93 8.42 -1.80 -23.84
N LEU B 94 8.63 -2.63 -24.86
CA LEU B 94 9.05 -2.11 -26.15
C LEU B 94 7.92 -1.37 -26.86
N PHE B 95 6.70 -1.90 -26.82
CA PHE B 95 5.57 -1.37 -27.58
C PHE B 95 4.65 -0.52 -26.72
N LYS B 96 5.19 0.23 -25.76
CA LYS B 96 4.35 1.08 -24.92
C LYS B 96 3.69 2.17 -25.74
N LYS B 97 4.42 2.75 -26.71
CA LYS B 97 3.89 3.83 -27.52
C LYS B 97 3.16 3.34 -28.75
N LEU B 98 3.60 2.25 -29.36
CA LEU B 98 2.98 1.77 -30.58
C LEU B 98 1.54 1.33 -30.30
N PRO B 99 0.60 1.63 -31.20
CA PRO B 99 -0.79 1.22 -30.97
C PRO B 99 -0.98 -0.29 -30.97
N ILE B 100 -0.08 -1.05 -31.59
CA ILE B 100 -0.26 -2.50 -31.68
C ILE B 100 -0.22 -3.10 -30.27
N PRO B 101 -1.21 -3.92 -29.90
CA PRO B 101 -1.14 -4.58 -28.58
C PRO B 101 0.02 -5.55 -28.52
N TYR B 102 0.57 -5.71 -27.32
CA TYR B 102 1.70 -6.59 -27.13
C TYR B 102 1.32 -8.06 -27.28
N THR B 103 0.03 -8.40 -27.20
CA THR B 103 -0.39 -9.78 -27.35
C THR B 103 -0.09 -10.31 -28.75
N VAL B 104 -0.20 -9.45 -29.76
CA VAL B 104 0.16 -9.86 -31.12
C VAL B 104 1.65 -10.21 -31.18
N VAL B 105 2.49 -9.39 -30.55
CA VAL B 105 3.92 -9.69 -30.49
C VAL B 105 4.15 -11.01 -29.78
N LEU B 106 3.40 -11.26 -28.70
CA LEU B 106 3.53 -12.53 -28.00
C LEU B 106 3.19 -13.71 -28.90
N LEU B 107 2.11 -13.57 -29.69
CA LEU B 107 1.73 -14.64 -30.60
C LEU B 107 2.81 -14.86 -31.65
N ILE B 108 3.38 -13.78 -32.19
CA ILE B 108 4.44 -13.92 -33.19
C ILE B 108 5.64 -14.63 -32.59
N LEU B 109 6.02 -14.25 -31.38
CA LEU B 109 7.15 -14.90 -30.71
C LEU B 109 6.86 -16.38 -30.49
N GLY B 110 5.65 -16.71 -30.07
CA GLY B 110 5.30 -18.11 -29.90
C GLY B 110 5.38 -18.90 -31.19
N ALA B 111 4.91 -18.30 -32.29
CA ALA B 111 4.99 -18.99 -33.58
C ALA B 111 6.43 -19.21 -34.00
N ILE B 112 7.29 -18.20 -33.80
CA ILE B 112 8.70 -18.35 -34.12
C ILE B 112 9.32 -19.46 -33.28
N LEU B 113 9.00 -19.49 -31.98
CA LEU B 113 9.52 -20.53 -31.12
C LEU B 113 9.07 -21.91 -31.58
N GLY B 114 7.80 -22.03 -31.99
CA GLY B 114 7.32 -23.32 -32.47
C GLY B 114 8.04 -23.76 -33.73
N VAL B 115 8.25 -22.83 -34.67
CA VAL B 115 8.93 -23.19 -35.91
C VAL B 115 10.37 -23.60 -35.60
N VAL B 116 11.03 -22.90 -34.67
CA VAL B 116 12.39 -23.28 -34.31
C VAL B 116 12.41 -24.66 -33.67
N ALA B 117 11.49 -24.92 -32.76
CA ALA B 117 11.46 -26.20 -32.05
C ALA B 117 11.13 -27.35 -32.99
N SER B 118 10.39 -27.09 -34.06
CA SER B 118 10.05 -28.16 -34.99
C SER B 118 11.28 -28.77 -35.65
N ASN B 119 12.40 -28.05 -35.69
CA ASN B 119 13.62 -28.53 -36.30
C ASN B 119 14.67 -28.95 -35.27
N VAL B 120 15.02 -28.07 -34.34
CA VAL B 120 16.05 -28.36 -33.35
C VAL B 120 15.47 -29.29 -32.29
N PRO B 121 16.00 -30.50 -32.13
CA PRO B 121 15.45 -31.41 -31.11
C PRO B 121 15.58 -30.88 -29.69
N LEU B 122 16.65 -30.14 -29.39
CA LEU B 122 16.89 -29.71 -28.02
C LEU B 122 15.77 -28.82 -27.51
N VAL B 123 15.34 -27.85 -28.32
CA VAL B 123 14.28 -26.95 -27.89
C VAL B 123 12.96 -27.68 -27.75
N GLU B 124 12.78 -28.80 -28.43
CA GLU B 124 11.52 -29.53 -28.34
C GLU B 124 11.27 -30.03 -26.93
N GLU B 125 12.30 -30.55 -26.27
CA GLU B 125 12.12 -31.08 -24.92
C GLU B 125 11.66 -30.01 -23.95
N HIS B 126 12.08 -28.77 -24.16
CA HIS B 126 11.68 -27.68 -23.27
C HIS B 126 10.34 -27.07 -23.62
N THR B 127 9.71 -27.49 -24.71
CA THR B 127 8.40 -27.01 -25.11
C THR B 127 7.51 -28.18 -25.49
N ARG B 128 7.59 -29.27 -24.73
CA ARG B 128 6.80 -30.48 -24.99
C ARG B 128 5.71 -30.71 -23.96
N ASP B 129 6.02 -30.58 -22.67
CA ASP B 129 5.04 -30.84 -21.63
C ASP B 129 4.16 -29.64 -21.31
N VAL B 130 4.50 -28.46 -21.82
CA VAL B 130 3.67 -27.28 -21.65
C VAL B 130 2.83 -26.97 -22.89
N ALA B 131 3.25 -27.42 -24.06
CA ALA B 131 2.46 -27.26 -25.28
C ALA B 131 1.56 -28.46 -25.54
N HIS B 132 1.50 -29.40 -24.60
CA HIS B 132 0.64 -30.58 -24.77
CA HIS B 132 0.67 -30.59 -24.76
C HIS B 132 -0.10 -30.90 -23.48
N MET B 133 -0.50 -29.87 -22.74
CA MET B 133 -1.20 -30.08 -21.48
C MET B 133 -2.52 -30.81 -21.69
N ASP B 134 -2.86 -31.64 -20.72
CA ASP B 134 -4.18 -32.27 -20.71
C ASP B 134 -5.24 -31.18 -20.56
N PRO B 135 -6.31 -31.21 -21.36
CA PRO B 135 -7.31 -30.13 -21.27
C PRO B 135 -7.85 -29.90 -19.87
N HIS B 136 -8.06 -30.96 -19.09
CA HIS B 136 -8.59 -30.77 -17.75
C HIS B 136 -7.69 -29.89 -16.90
N VAL B 137 -6.38 -30.12 -16.97
CA VAL B 137 -5.44 -29.30 -16.22
C VAL B 137 -5.53 -27.85 -16.67
N LEU B 138 -5.53 -27.63 -17.99
CA LEU B 138 -5.62 -26.28 -18.53
C LEU B 138 -6.83 -25.55 -17.97
N LEU B 139 -8.01 -26.17 -18.10
CA LEU B 139 -9.23 -25.55 -17.61
C LEU B 139 -9.14 -25.28 -16.11
N GLN B 140 -8.97 -26.34 -15.32
CA GLN B 140 -9.04 -26.22 -13.87
C GLN B 140 -7.99 -25.27 -13.31
N ILE B 141 -6.90 -25.03 -14.03
CA ILE B 141 -5.84 -24.18 -13.49
C ILE B 141 -6.02 -22.74 -13.94
N PHE B 142 -6.51 -22.53 -15.16
CA PHE B 142 -6.53 -21.18 -15.71
C PHE B 142 -7.89 -20.50 -15.66
N LEU B 143 -8.98 -21.20 -15.96
CA LEU B 143 -10.27 -20.53 -16.05
C LEU B 143 -10.67 -19.85 -14.75
N PRO B 144 -10.59 -20.50 -13.59
CA PRO B 144 -11.02 -19.83 -12.35
C PRO B 144 -10.29 -18.52 -12.10
N VAL B 145 -8.99 -18.46 -12.39
CA VAL B 145 -8.24 -17.24 -12.15
C VAL B 145 -8.81 -16.09 -12.97
N LEU B 146 -8.97 -16.33 -14.28
CA LEU B 146 -9.48 -15.28 -15.15
C LEU B 146 -10.88 -14.84 -14.73
N ILE B 147 -11.76 -15.80 -14.48
CA ILE B 147 -13.14 -15.46 -14.15
C ILE B 147 -13.21 -14.67 -12.85
N PHE B 148 -12.50 -15.15 -11.82
CA PHE B 148 -12.54 -14.45 -10.54
C PHE B 148 -11.93 -13.07 -10.64
N GLU B 149 -10.84 -12.92 -11.39
CA GLU B 149 -10.24 -11.60 -11.54
C GLU B 149 -11.21 -10.65 -12.24
N SER B 150 -11.86 -11.11 -13.30
CA SER B 150 -12.82 -10.25 -13.99
C SER B 150 -13.95 -9.85 -13.06
N ALA B 151 -14.49 -10.79 -12.28
CA ALA B 151 -15.57 -10.46 -11.37
C ALA B 151 -15.11 -9.49 -10.29
N PHE B 152 -13.92 -9.71 -9.73
CA PHE B 152 -13.42 -8.87 -8.65
C PHE B 152 -13.17 -7.44 -9.13
N ALA B 153 -12.59 -7.27 -10.32
CA ALA B 153 -12.20 -5.94 -10.76
C ALA B 153 -13.41 -5.04 -10.99
N MET B 154 -14.54 -5.61 -11.40
CA MET B 154 -15.68 -4.80 -11.80
C MET B 154 -16.27 -4.03 -10.62
N ASP B 155 -16.94 -2.93 -10.95
CA ASP B 155 -17.64 -2.11 -9.96
C ASP B 155 -19.05 -2.69 -9.79
N VAL B 156 -19.27 -3.35 -8.66
CA VAL B 156 -20.48 -4.16 -8.50
C VAL B 156 -21.73 -3.28 -8.40
N HIS B 157 -21.64 -2.14 -7.72
CA HIS B 157 -22.84 -1.36 -7.44
C HIS B 157 -23.44 -0.79 -8.72
N THR B 158 -22.63 -0.14 -9.54
CA THR B 158 -23.13 0.37 -10.82
C THR B 158 -23.65 -0.76 -11.68
N PHE B 159 -22.98 -1.91 -11.64
CA PHE B 159 -23.45 -3.07 -12.40
C PHE B 159 -24.84 -3.49 -11.97
N MET B 160 -25.08 -3.52 -10.65
CA MET B 160 -26.39 -3.93 -10.14
C MET B 160 -27.46 -2.88 -10.45
N ARG B 161 -27.07 -1.60 -10.50
CA ARG B 161 -28.06 -0.56 -10.77
C ARG B 161 -28.74 -0.75 -12.12
N SER B 162 -28.11 -1.47 -13.05
CA SER B 162 -28.66 -1.76 -14.36
C SER B 162 -28.50 -3.24 -14.69
N PHE B 163 -28.85 -4.09 -13.72
CA PHE B 163 -28.64 -5.52 -13.86
C PHE B 163 -29.48 -6.11 -14.98
N SER B 164 -30.75 -5.70 -15.09
CA SER B 164 -31.65 -6.32 -16.06
C SER B 164 -31.16 -6.07 -17.48
N GLN B 165 -30.73 -4.85 -17.78
CA GLN B 165 -30.22 -4.55 -19.13
C GLN B 165 -29.06 -5.46 -19.49
N VAL B 166 -28.08 -5.56 -18.60
CA VAL B 166 -26.89 -6.37 -18.88
C VAL B 166 -27.29 -7.84 -19.04
N CYS B 167 -28.15 -8.34 -18.16
CA CYS B 167 -28.55 -9.74 -18.24
C CYS B 167 -29.23 -10.04 -19.57
N ILE B 168 -30.23 -9.23 -19.93
CA ILE B 168 -30.94 -9.46 -21.19
C ILE B 168 -29.97 -9.42 -22.36
N LEU B 169 -29.16 -8.35 -22.43
CA LEU B 169 -28.20 -8.24 -23.52
C LEU B 169 -27.32 -9.47 -23.60
N ALA B 170 -26.53 -9.71 -22.55
CA ALA B 170 -25.62 -10.84 -22.54
C ALA B 170 -26.32 -12.12 -23.00
N LEU B 171 -27.34 -12.54 -22.26
CA LEU B 171 -27.95 -13.85 -22.52
C LEU B 171 -28.51 -13.94 -23.93
N PHE B 172 -29.47 -13.07 -24.25
CA PHE B 172 -30.17 -13.23 -25.53
C PHE B 172 -29.25 -12.97 -26.70
N GLY B 173 -28.42 -11.93 -26.64
CA GLY B 173 -27.48 -11.67 -27.72
C GLY B 173 -26.53 -12.82 -27.93
N LEU B 174 -26.00 -13.40 -26.85
CA LEU B 174 -25.10 -14.54 -27.01
C LEU B 174 -25.80 -15.72 -27.66
N VAL B 175 -27.03 -16.02 -27.22
CA VAL B 175 -27.74 -17.16 -27.79
C VAL B 175 -27.97 -16.95 -29.28
N VAL B 176 -28.48 -15.78 -29.64
CA VAL B 176 -28.80 -15.51 -31.05
C VAL B 176 -27.53 -15.51 -31.89
N ALA B 177 -26.46 -14.87 -31.39
CA ALA B 177 -25.22 -14.82 -32.15
C ALA B 177 -24.64 -16.22 -32.35
N SER B 178 -24.67 -17.05 -31.32
CA SER B 178 -24.17 -18.41 -31.46
C SER B 178 -24.98 -19.20 -32.48
N VAL B 179 -26.31 -19.07 -32.43
CA VAL B 179 -27.13 -19.81 -33.38
C VAL B 179 -26.85 -19.37 -34.81
N LEU B 180 -26.77 -18.05 -35.02
CA LEU B 180 -26.52 -17.52 -36.36
C LEU B 180 -25.15 -17.93 -36.87
N THR B 181 -24.13 -17.86 -36.01
CA THR B 181 -22.80 -18.27 -36.42
C THR B 181 -22.76 -19.75 -36.74
N ALA B 182 -23.47 -20.58 -35.96
CA ALA B 182 -23.49 -22.01 -36.23
C ALA B 182 -24.14 -22.30 -37.58
N VAL B 183 -25.27 -21.65 -37.88
CA VAL B 183 -25.91 -21.88 -39.16
C VAL B 183 -25.01 -21.41 -40.31
N LEU B 184 -24.35 -20.26 -40.12
CA LEU B 184 -23.44 -19.78 -41.15
C LEU B 184 -22.30 -20.75 -41.39
N ALA B 185 -21.72 -21.29 -40.32
CA ALA B 185 -20.63 -22.26 -40.47
C ALA B 185 -21.12 -23.52 -41.15
N MET B 186 -22.33 -23.98 -40.82
CA MET B 186 -22.86 -25.18 -41.44
C MET B 186 -23.07 -24.98 -42.94
N ASN B 187 -23.58 -23.82 -43.33
CA ASN B 187 -23.94 -23.61 -44.74
C ASN B 187 -22.73 -23.19 -45.57
N LEU B 188 -22.09 -22.08 -45.21
CA LEU B 188 -21.04 -21.52 -46.06
C LEU B 188 -19.85 -22.47 -46.19
N PHE B 189 -19.32 -22.94 -45.07
CA PHE B 189 -18.10 -23.75 -45.11
C PHE B 189 -18.35 -25.07 -45.85
N ASN B 190 -17.32 -25.53 -46.56
CA ASN B 190 -17.42 -26.81 -47.25
C ASN B 190 -17.28 -27.99 -46.30
N TYR B 191 -16.80 -27.78 -45.08
CA TYR B 191 -16.74 -28.85 -44.10
C TYR B 191 -18.15 -29.35 -43.82
N ASN B 192 -18.31 -30.68 -43.80
CA ASN B 192 -19.61 -31.27 -43.51
C ASN B 192 -19.72 -31.41 -41.98
N TRP B 193 -20.31 -30.40 -41.35
CA TRP B 193 -20.46 -30.35 -39.91
C TRP B 193 -21.92 -30.55 -39.53
N ASN B 194 -22.15 -31.29 -38.45
CA ASN B 194 -23.50 -31.40 -37.92
C ASN B 194 -23.79 -30.22 -36.99
N PHE B 195 -25.04 -30.15 -36.53
CA PHE B 195 -25.45 -28.99 -35.75
C PHE B 195 -24.67 -28.85 -34.45
N SER B 196 -24.30 -29.96 -33.81
CA SER B 196 -23.60 -29.88 -32.54
C SER B 196 -22.24 -29.21 -32.71
N GLU B 197 -21.48 -29.61 -33.73
CA GLU B 197 -20.17 -29.00 -33.96
C GLU B 197 -20.31 -27.52 -34.30
N ALA B 198 -21.31 -27.18 -35.12
CA ALA B 198 -21.51 -25.77 -35.46
C ALA B 198 -21.88 -24.96 -34.24
N MET B 199 -22.70 -25.52 -33.34
CA MET B 199 -23.06 -24.82 -32.12
C MET B 199 -21.84 -24.62 -31.22
N MET B 200 -20.98 -25.64 -31.13
CA MET B 200 -19.74 -25.46 -30.38
C MET B 200 -18.88 -24.36 -30.99
N PHE B 201 -18.79 -24.33 -32.32
CA PHE B 201 -18.04 -23.29 -33.01
C PHE B 201 -18.60 -21.91 -32.68
N GLY B 202 -19.91 -21.75 -32.76
CA GLY B 202 -20.52 -20.47 -32.46
C GLY B 202 -20.31 -20.05 -31.02
N ALA B 203 -20.44 -20.99 -30.09
CA ALA B 203 -20.22 -20.68 -28.69
C ALA B 203 -18.78 -20.21 -28.46
N ILE B 204 -17.82 -20.85 -29.12
CA ILE B 204 -16.43 -20.42 -29.00
C ILE B 204 -16.24 -19.03 -29.56
N MET B 205 -16.84 -18.76 -30.73
CA MET B 205 -16.61 -17.48 -31.41
C MET B 205 -17.46 -16.34 -30.87
N SER B 206 -18.39 -16.61 -29.96
CA SER B 206 -19.27 -15.56 -29.44
C SER B 206 -18.78 -14.98 -28.12
N ALA B 207 -17.58 -15.32 -27.67
CA ALA B 207 -17.04 -14.84 -26.41
C ALA B 207 -16.12 -13.65 -26.68
N THR B 208 -16.32 -12.58 -25.92
CA THR B 208 -15.59 -11.33 -26.10
C THR B 208 -14.75 -11.02 -24.86
N ASP B 209 -13.88 -10.02 -25.01
CA ASP B 209 -12.98 -9.61 -23.94
C ASP B 209 -12.52 -8.17 -24.15
N PRO B 210 -13.36 -7.19 -23.83
CA PRO B 210 -13.05 -5.76 -24.08
C PRO B 210 -12.28 -5.06 -22.97
N VAL B 211 -10.96 -5.27 -22.93
CA VAL B 211 -10.12 -4.61 -21.95
C VAL B 211 -9.67 -3.24 -22.43
N ALA B 212 -9.13 -3.16 -23.65
CA ALA B 212 -8.62 -1.89 -24.15
C ALA B 212 -9.71 -0.85 -24.28
N VAL B 213 -10.88 -1.25 -24.77
CA VAL B 213 -11.98 -0.30 -24.92
C VAL B 213 -12.41 0.24 -23.57
N VAL B 214 -12.50 -0.63 -22.57
CA VAL B 214 -12.88 -0.19 -21.23
C VAL B 214 -11.84 0.78 -20.68
N ALA B 215 -10.55 0.46 -20.87
CA ALA B 215 -9.50 1.34 -20.38
C ALA B 215 -9.59 2.71 -21.05
N LEU B 216 -9.81 2.74 -22.36
CA LEU B 216 -9.93 4.02 -23.06
C LEU B 216 -11.13 4.81 -22.54
N LEU B 217 -12.29 4.15 -22.42
CA LEU B 217 -13.47 4.85 -21.95
C LEU B 217 -13.25 5.40 -20.56
N LYS B 218 -12.55 4.66 -19.70
CA LYS B 218 -12.28 5.14 -18.35
C LYS B 218 -11.34 6.36 -18.39
N ASP B 219 -10.24 6.26 -19.14
CA ASP B 219 -9.25 7.32 -19.10
C ASP B 219 -9.77 8.61 -19.72
N LEU B 220 -10.53 8.51 -20.81
CA LEU B 220 -11.17 9.71 -21.36
C LEU B 220 -12.28 10.24 -20.46
N GLY B 221 -12.69 9.48 -19.44
CA GLY B 221 -13.68 9.98 -18.51
C GLY B 221 -15.03 10.28 -19.13
N ALA B 222 -15.51 9.38 -19.99
CA ALA B 222 -16.79 9.57 -20.67
C ALA B 222 -17.64 8.30 -20.52
N SER B 223 -18.87 8.48 -20.07
CA SER B 223 -19.87 7.39 -20.02
C SER B 223 -19.36 6.22 -19.18
N LYS B 224 -19.21 6.49 -17.88
CA LYS B 224 -18.84 5.44 -16.94
C LYS B 224 -19.83 4.28 -17.03
N GLN B 225 -21.13 4.60 -17.11
CA GLN B 225 -22.12 3.54 -17.25
C GLN B 225 -21.87 2.70 -18.50
N LEU B 226 -21.35 3.31 -19.56
CA LEU B 226 -21.04 2.54 -20.76
C LEU B 226 -19.96 1.51 -20.48
N GLY B 227 -18.88 1.92 -19.80
CA GLY B 227 -17.84 0.97 -19.45
C GLY B 227 -18.34 -0.14 -18.55
N THR B 228 -19.16 0.22 -17.56
CA THR B 228 -19.72 -0.80 -16.67
C THR B 228 -20.58 -1.78 -17.44
N ILE B 229 -21.39 -1.27 -18.36
CA ILE B 229 -22.25 -2.14 -19.17
C ILE B 229 -21.40 -3.10 -19.99
N ILE B 230 -20.34 -2.58 -20.62
CA ILE B 230 -19.48 -3.44 -21.44
C ILE B 230 -18.84 -4.52 -20.58
N GLU B 231 -18.34 -4.14 -19.41
CA GLU B 231 -17.67 -5.12 -18.54
C GLU B 231 -18.64 -6.21 -18.10
N GLY B 232 -19.84 -5.81 -17.65
CA GLY B 232 -20.81 -6.80 -17.22
C GLY B 232 -21.24 -7.72 -18.35
N GLU B 233 -21.47 -7.16 -19.53
CA GLU B 233 -21.85 -7.99 -20.67
C GLU B 233 -20.74 -8.98 -21.00
N SER B 234 -19.49 -8.54 -20.97
CA SER B 234 -18.37 -9.45 -21.25
C SER B 234 -18.33 -10.58 -20.23
N LEU B 235 -18.50 -10.26 -18.94
CA LEU B 235 -18.45 -11.29 -17.91
C LEU B 235 -19.54 -12.33 -18.13
N LEU B 236 -20.80 -11.87 -18.28
CA LEU B 236 -21.89 -12.82 -18.46
C LEU B 236 -21.73 -13.61 -19.76
N ASN B 237 -21.22 -12.96 -20.80
CA ASN B 237 -20.99 -13.66 -22.06
C ASN B 237 -19.98 -14.79 -21.88
N ASP B 238 -18.89 -14.53 -21.17
CA ASP B 238 -17.90 -15.57 -20.93
C ASP B 238 -18.52 -16.73 -20.16
N GLY B 239 -19.27 -16.43 -19.11
CA GLY B 239 -19.87 -17.51 -18.34
C GLY B 239 -20.81 -18.37 -19.17
N CYS B 240 -21.72 -17.73 -19.90
CA CYS B 240 -22.70 -18.48 -20.67
C CYS B 240 -22.05 -19.23 -21.82
N ALA B 241 -21.03 -18.64 -22.44
CA ALA B 241 -20.32 -19.33 -23.51
C ALA B 241 -19.64 -20.59 -22.99
N ILE B 242 -19.00 -20.50 -21.82
CA ILE B 242 -18.38 -21.69 -21.25
C ILE B 242 -19.44 -22.75 -20.97
N VAL B 243 -20.59 -22.34 -20.43
CA VAL B 243 -21.64 -23.32 -20.12
C VAL B 243 -22.09 -24.04 -21.38
N ILE B 244 -22.40 -23.28 -22.44
CA ILE B 244 -22.90 -23.88 -23.67
C ILE B 244 -21.83 -24.76 -24.31
N PHE B 245 -20.58 -24.31 -24.29
CA PHE B 245 -19.50 -25.13 -24.85
C PHE B 245 -19.37 -26.44 -24.10
N ASN B 246 -19.46 -26.41 -22.77
CA ASN B 246 -19.39 -27.66 -22.02
C ASN B 246 -20.53 -28.59 -22.40
N VAL B 247 -21.75 -28.05 -22.51
CA VAL B 247 -22.89 -28.87 -22.86
C VAL B 247 -22.66 -29.56 -24.19
N PHE B 248 -22.28 -28.79 -25.21
CA PHE B 248 -22.17 -29.39 -26.54
C PHE B 248 -20.93 -30.25 -26.69
N MET B 249 -19.85 -29.96 -25.94
CA MET B 249 -18.70 -30.84 -25.94
C MET B 249 -19.04 -32.19 -25.36
N LYS B 250 -19.79 -32.21 -24.25
CA LYS B 250 -20.27 -33.49 -23.72
C LYS B 250 -21.16 -34.19 -24.73
N MET B 251 -22.01 -33.43 -25.42
CA MET B 251 -22.89 -34.03 -26.41
C MET B 251 -22.10 -34.68 -27.55
N VAL B 252 -21.00 -34.06 -27.96
CA VAL B 252 -20.27 -34.49 -29.15
C VAL B 252 -19.26 -35.59 -28.81
N PHE B 253 -18.30 -35.28 -27.94
CA PHE B 253 -17.18 -36.19 -27.73
C PHE B 253 -17.49 -37.32 -26.77
N PHE B 254 -18.58 -37.23 -26.00
CA PHE B 254 -18.96 -38.27 -25.04
C PHE B 254 -20.44 -38.58 -25.21
N PRO B 255 -20.82 -39.19 -26.33
CA PRO B 255 -22.24 -39.56 -26.50
C PRO B 255 -22.69 -40.51 -25.40
N GLN B 256 -23.90 -40.27 -24.89
CA GLN B 256 -24.47 -41.04 -23.79
C GLN B 256 -25.88 -41.47 -24.17
N LEU B 257 -26.00 -42.59 -24.87
CA LEU B 257 -27.29 -43.19 -25.22
C LEU B 257 -28.30 -42.13 -25.68
N THR B 258 -29.57 -42.34 -25.37
CA THR B 258 -30.62 -41.41 -25.72
C THR B 258 -30.64 -40.26 -24.71
N SER B 259 -31.69 -39.44 -24.76
CA SER B 259 -31.84 -38.31 -23.86
C SER B 259 -33.32 -38.17 -23.50
N THR B 260 -33.71 -38.76 -22.37
CA THR B 260 -35.09 -38.66 -21.93
C THR B 260 -35.43 -37.21 -21.56
N VAL B 261 -36.71 -36.86 -21.70
CA VAL B 261 -37.13 -35.49 -21.41
C VAL B 261 -36.87 -35.17 -19.95
N GLY B 262 -37.23 -36.09 -19.05
CA GLY B 262 -37.00 -35.85 -17.63
C GLY B 262 -35.52 -35.72 -17.30
N GLN B 263 -34.69 -36.60 -17.85
CA GLN B 263 -33.26 -36.53 -17.58
C GLN B 263 -32.67 -35.21 -18.09
N ASN B 264 -33.07 -34.79 -19.28
CA ASN B 264 -32.56 -33.52 -19.82
C ASN B 264 -33.03 -32.33 -19.00
N VAL B 265 -34.30 -32.35 -18.57
CA VAL B 265 -34.80 -31.24 -17.75
C VAL B 265 -34.04 -31.18 -16.43
N LEU B 266 -33.80 -32.34 -15.80
CA LEU B 266 -33.03 -32.34 -14.56
C LEU B 266 -31.61 -31.86 -14.78
N TYR B 267 -30.99 -32.27 -15.88
CA TYR B 267 -29.63 -31.84 -16.17
C TYR B 267 -29.56 -30.32 -16.35
N PHE B 268 -30.50 -29.76 -17.10
CA PHE B 268 -30.53 -28.32 -17.29
C PHE B 268 -30.76 -27.60 -15.97
N LEU B 269 -31.74 -28.06 -15.19
CA LEU B 269 -32.02 -27.43 -13.90
C LEU B 269 -30.78 -27.43 -13.02
N GLN B 270 -30.12 -28.58 -12.91
CA GLN B 270 -28.89 -28.67 -12.14
C GLN B 270 -27.88 -27.65 -12.63
N VAL B 271 -27.45 -27.78 -13.88
CA VAL B 271 -26.35 -26.97 -14.38
C VAL B 271 -26.66 -25.48 -14.30
N ALA B 272 -27.93 -25.10 -14.42
CA ALA B 272 -28.27 -23.69 -14.50
C ALA B 272 -28.66 -23.06 -13.17
N VAL B 273 -29.01 -23.85 -12.15
CA VAL B 273 -29.46 -23.33 -10.87
C VAL B 273 -28.49 -23.68 -9.75
N ALA B 274 -28.09 -24.95 -9.66
CA ALA B 274 -27.26 -25.37 -8.54
C ALA B 274 -25.92 -24.64 -8.49
N GLY B 275 -25.46 -24.12 -9.62
CA GLY B 275 -24.21 -23.40 -9.67
C GLY B 275 -24.24 -22.14 -8.84
N PRO B 276 -25.12 -21.21 -9.21
CA PRO B 276 -25.22 -19.97 -8.42
C PRO B 276 -25.53 -20.20 -6.96
N LEU B 277 -26.35 -21.21 -6.64
CA LEU B 277 -26.67 -21.48 -5.24
C LEU B 277 -25.42 -21.93 -4.48
N TRP B 278 -24.66 -22.85 -5.07
CA TRP B 278 -23.43 -23.31 -4.44
C TRP B 278 -22.46 -22.16 -4.24
N GLY B 279 -22.31 -21.31 -5.27
CA GLY B 279 -21.44 -20.15 -5.13
C GLY B 279 -21.90 -19.21 -4.04
N TYR B 280 -23.21 -18.98 -3.95
CA TYR B 280 -23.75 -18.09 -2.92
C TYR B 280 -23.47 -18.63 -1.53
N ALA B 281 -23.69 -19.93 -1.31
CA ALA B 281 -23.42 -20.51 -0.01
C ALA B 281 -21.95 -20.39 0.35
N VAL B 282 -21.07 -20.71 -0.59
CA VAL B 282 -19.63 -20.63 -0.33
C VAL B 282 -19.24 -19.19 0.00
N ALA B 283 -19.78 -18.23 -0.76
CA ALA B 283 -19.46 -16.83 -0.53
C ALA B 283 -19.92 -16.38 0.84
N LYS B 284 -21.13 -16.78 1.24
CA LYS B 284 -21.61 -16.39 2.57
C LYS B 284 -20.70 -16.93 3.66
N VAL B 285 -20.33 -18.21 3.56
CA VAL B 285 -19.48 -18.81 4.59
C VAL B 285 -18.12 -18.12 4.63
N THR B 286 -17.53 -17.88 3.45
CA THR B 286 -16.20 -17.27 3.42
C THR B 286 -16.23 -15.85 3.95
N VAL B 287 -17.27 -15.08 3.60
CA VAL B 287 -17.37 -13.72 4.13
C VAL B 287 -17.53 -13.73 5.64
N PHE B 288 -18.35 -14.64 6.15
CA PHE B 288 -18.51 -14.73 7.61
C PHE B 288 -17.19 -15.02 8.28
N PHE B 289 -16.42 -15.98 7.75
CA PHE B 289 -15.13 -16.29 8.35
C PHE B 289 -14.17 -15.13 8.23
N LEU B 290 -14.15 -14.44 7.08
CA LEU B 290 -13.24 -13.31 6.91
C LEU B 290 -13.55 -12.19 7.87
N SER B 291 -14.83 -11.99 8.21
CA SER B 291 -15.20 -10.89 9.08
C SER B 291 -14.66 -11.04 10.51
N HIS B 292 -14.15 -12.22 10.87
CA HIS B 292 -13.68 -12.47 12.23
C HIS B 292 -12.16 -12.68 12.28
N ILE B 293 -11.42 -12.06 11.37
CA ILE B 293 -9.97 -12.16 11.32
C ILE B 293 -9.39 -10.78 11.60
N PHE B 294 -8.55 -10.69 12.64
CA PHE B 294 -7.92 -9.43 13.02
C PHE B 294 -6.41 -9.60 12.98
N ASN B 295 -5.73 -8.70 12.27
CA ASN B 295 -4.27 -8.66 12.22
C ASN B 295 -3.68 -9.93 11.60
N ASP B 296 -4.17 -10.27 10.41
CA ASP B 296 -3.64 -11.41 9.66
C ASP B 296 -3.95 -11.19 8.18
N ALA B 297 -2.94 -10.77 7.42
CA ALA B 297 -3.10 -10.59 5.98
C ALA B 297 -2.87 -11.88 5.21
N LEU B 298 -1.85 -12.64 5.60
CA LEU B 298 -1.58 -13.91 4.93
C LEU B 298 -2.77 -14.85 5.02
N VAL B 299 -3.40 -14.90 6.19
CA VAL B 299 -4.56 -15.77 6.36
C VAL B 299 -5.68 -15.35 5.43
N GLU B 300 -5.92 -14.05 5.32
CA GLU B 300 -7.01 -13.56 4.46
C GLU B 300 -6.74 -13.89 2.99
N ILE B 301 -5.52 -13.64 2.53
CA ILE B 301 -5.19 -13.91 1.13
C ILE B 301 -5.30 -15.41 0.84
N THR B 302 -4.76 -16.24 1.75
CA THR B 302 -4.84 -17.68 1.55
C THR B 302 -6.28 -18.16 1.56
N ILE B 303 -7.11 -17.59 2.43
CA ILE B 303 -8.52 -17.95 2.46
C ILE B 303 -9.17 -17.63 1.13
N THR B 304 -8.91 -16.44 0.58
CA THR B 304 -9.49 -16.09 -0.70
C THR B 304 -9.08 -17.09 -1.78
N LEU B 305 -7.79 -17.38 -1.88
CA LEU B 305 -7.30 -18.28 -2.91
C LEU B 305 -7.93 -19.67 -2.78
N ALA B 306 -7.87 -20.22 -1.56
CA ALA B 306 -8.39 -21.56 -1.34
C ALA B 306 -9.89 -21.61 -1.60
N ALA B 307 -10.63 -20.59 -1.17
CA ALA B 307 -12.07 -20.57 -1.41
C ALA B 307 -12.36 -20.60 -2.90
N THR B 308 -11.68 -19.75 -3.67
CA THR B 308 -11.92 -19.74 -5.11
C THR B 308 -11.66 -21.10 -5.73
N TYR B 309 -10.47 -21.67 -5.48
CA TYR B 309 -10.12 -22.90 -6.16
C TYR B 309 -10.97 -24.07 -5.70
N LEU B 310 -11.25 -24.16 -4.40
CA LEU B 310 -12.11 -25.22 -3.90
C LEU B 310 -13.51 -25.10 -4.47
N THR B 311 -14.05 -23.89 -4.52
CA THR B 311 -15.37 -23.71 -5.12
C THR B 311 -15.40 -24.26 -6.53
N TYR B 312 -14.47 -23.82 -7.37
CA TYR B 312 -14.49 -24.30 -8.76
C TYR B 312 -14.34 -25.81 -8.81
N TYR B 313 -13.33 -26.36 -8.14
CA TYR B 313 -13.04 -27.79 -8.26
C TYR B 313 -14.20 -28.63 -7.77
N ILE B 314 -14.67 -28.36 -6.56
CA ILE B 314 -15.75 -29.17 -5.99
C ILE B 314 -17.01 -29.03 -6.82
N GLY B 315 -17.36 -27.81 -7.24
CA GLY B 315 -18.57 -27.64 -8.03
C GLY B 315 -18.51 -28.35 -9.37
N ASP B 316 -17.33 -28.40 -9.99
CA ASP B 316 -17.25 -28.98 -11.32
C ASP B 316 -17.15 -30.50 -11.29
N ILE B 317 -16.44 -31.07 -10.33
CA ILE B 317 -16.15 -32.50 -10.35
C ILE B 317 -17.18 -33.26 -9.51
N TRP B 318 -17.21 -33.01 -8.21
CA TRP B 318 -18.21 -33.62 -7.35
C TRP B 318 -19.51 -32.83 -7.42
N LEU B 319 -20.63 -33.52 -7.35
CA LEU B 319 -21.95 -32.89 -7.47
C LEU B 319 -21.98 -31.98 -8.70
N GLU B 320 -21.86 -32.61 -9.86
CA GLU B 320 -21.71 -31.90 -11.13
C GLU B 320 -22.59 -30.67 -11.19
N VAL B 321 -21.96 -29.52 -11.42
CA VAL B 321 -22.64 -28.23 -11.39
C VAL B 321 -21.78 -27.24 -12.15
N SER B 322 -22.40 -26.16 -12.62
CA SER B 322 -21.67 -25.16 -13.41
C SER B 322 -20.68 -24.44 -12.51
N GLY B 323 -19.41 -24.80 -12.63
CA GLY B 323 -18.38 -24.19 -11.79
C GLY B 323 -18.17 -22.73 -12.13
N VAL B 324 -18.19 -22.38 -13.42
CA VAL B 324 -17.91 -21.00 -13.82
C VAL B 324 -18.93 -20.05 -13.22
N LEU B 325 -20.21 -20.41 -13.27
CA LEU B 325 -21.24 -19.55 -12.70
C LEU B 325 -21.06 -19.41 -11.20
N ALA B 326 -20.73 -20.50 -10.52
CA ALA B 326 -20.50 -20.42 -9.07
C ALA B 326 -19.34 -19.49 -8.74
N VAL B 327 -18.26 -19.58 -9.51
CA VAL B 327 -17.11 -18.71 -9.25
C VAL B 327 -17.48 -17.26 -9.54
N VAL B 328 -18.27 -17.03 -10.59
CA VAL B 328 -18.70 -15.66 -10.90
C VAL B 328 -19.50 -15.09 -9.75
N VAL B 329 -20.46 -15.86 -9.24
CA VAL B 329 -21.30 -15.39 -8.15
C VAL B 329 -20.46 -15.15 -6.90
N LEU B 330 -19.54 -16.06 -6.61
CA LEU B 330 -18.69 -15.89 -5.43
C LEU B 330 -17.85 -14.63 -5.55
N GLY B 331 -17.24 -14.39 -6.71
CA GLY B 331 -16.46 -13.19 -6.89
C GLY B 331 -17.29 -11.93 -6.74
N LEU B 332 -18.48 -11.91 -7.34
CA LEU B 332 -19.34 -10.75 -7.23
C LEU B 332 -19.72 -10.49 -5.79
N ILE B 333 -20.10 -11.54 -5.05
CA ILE B 333 -20.51 -11.38 -3.66
C ILE B 333 -19.35 -10.86 -2.82
N VAL B 334 -18.17 -11.43 -3.00
CA VAL B 334 -17.02 -10.98 -2.23
C VAL B 334 -16.69 -9.52 -2.55
N ASN B 335 -16.82 -9.15 -3.84
CA ASN B 335 -16.58 -7.76 -4.21
C ASN B 335 -17.57 -6.83 -3.53
N ALA B 336 -18.84 -7.22 -3.49
CA ALA B 336 -19.86 -6.37 -2.88
C ALA B 336 -19.56 -6.12 -1.41
N GLU B 337 -19.36 -7.18 -0.64
CA GLU B 337 -19.10 -7.07 0.79
C GLU B 337 -17.61 -7.11 1.10
N LYS B 338 -16.89 -6.14 0.53
CA LYS B 338 -15.45 -6.05 0.73
C LYS B 338 -15.08 -5.18 1.92
N THR B 339 -16.05 -4.66 2.67
CA THR B 339 -15.75 -3.91 3.88
C THR B 339 -15.18 -4.80 4.98
N SER B 340 -15.46 -6.11 4.93
CA SER B 340 -14.93 -7.02 5.95
C SER B 340 -13.41 -7.06 5.89
N ILE B 341 -12.84 -7.09 4.68
CA ILE B 341 -11.39 -7.12 4.54
C ILE B 341 -10.80 -5.80 4.99
N SER B 342 -9.59 -5.85 5.54
CA SER B 342 -8.90 -4.64 5.94
C SER B 342 -8.48 -3.84 4.71
N PRO B 343 -8.27 -2.53 4.87
CA PRO B 343 -7.96 -1.69 3.71
C PRO B 343 -6.70 -2.13 2.96
N GLU B 344 -5.58 -2.23 3.67
CA GLU B 344 -4.33 -2.60 3.03
C GLU B 344 -4.42 -3.98 2.42
N VAL B 345 -5.16 -4.89 3.05
CA VAL B 345 -5.30 -6.24 2.52
C VAL B 345 -6.00 -6.20 1.17
N GLU B 346 -7.07 -5.42 1.05
CA GLU B 346 -7.77 -5.31 -0.23
C GLU B 346 -6.91 -4.62 -1.28
N VAL B 347 -6.15 -3.60 -0.87
CA VAL B 347 -5.26 -2.93 -1.80
C VAL B 347 -4.25 -3.91 -2.37
N PHE B 348 -3.69 -4.77 -1.51
CA PHE B 348 -2.78 -5.81 -1.97
C PHE B 348 -3.50 -6.82 -2.86
N LEU B 349 -4.73 -7.20 -2.49
CA LEU B 349 -5.45 -8.23 -3.23
C LEU B 349 -5.72 -7.80 -4.67
N HIS B 350 -6.08 -6.54 -4.86
CA HIS B 350 -6.34 -6.06 -6.22
C HIS B 350 -5.16 -6.33 -7.13
N ARG B 351 -3.97 -5.88 -6.71
CA ARG B 351 -2.78 -6.06 -7.53
C ARG B 351 -2.42 -7.53 -7.66
N PHE B 352 -2.60 -8.31 -6.59
CA PHE B 352 -2.29 -9.73 -6.64
C PHE B 352 -3.10 -10.44 -7.73
N TRP B 353 -4.41 -10.23 -7.73
CA TRP B 353 -5.26 -10.88 -8.71
C TRP B 353 -4.98 -10.34 -10.12
N GLU B 354 -4.70 -9.05 -10.24
CA GLU B 354 -4.34 -8.50 -11.54
C GLU B 354 -3.11 -9.19 -12.10
N MET B 355 -2.08 -9.36 -11.26
CA MET B 355 -0.87 -10.02 -11.71
C MET B 355 -1.12 -11.47 -12.09
N LEU B 356 -1.94 -12.18 -11.31
CA LEU B 356 -2.24 -13.57 -11.66
C LEU B 356 -2.94 -13.66 -13.01
N ALA B 357 -3.92 -12.79 -13.25
CA ALA B 357 -4.60 -12.79 -14.54
C ALA B 357 -3.64 -12.48 -15.68
N TYR B 358 -2.74 -11.52 -15.47
CA TYR B 358 -1.74 -11.20 -16.49
C TYR B 358 -0.87 -12.40 -16.80
N LEU B 359 -0.44 -13.12 -15.76
CA LEU B 359 0.38 -14.32 -15.98
C LEU B 359 -0.38 -15.35 -16.79
N ALA B 360 -1.65 -15.59 -16.45
CA ALA B 360 -2.42 -16.59 -17.17
C ALA B 360 -2.58 -16.20 -18.64
N ASN B 361 -2.90 -14.92 -18.90
CA ASN B 361 -3.06 -14.47 -20.28
C ASN B 361 -1.77 -14.65 -21.07
N THR B 362 -0.64 -14.27 -20.48
CA THR B 362 0.63 -14.41 -21.18
C THR B 362 0.92 -15.86 -21.50
N LEU B 363 0.70 -16.76 -20.53
CA LEU B 363 0.98 -18.17 -20.75
C LEU B 363 0.12 -18.73 -21.87
N ILE B 364 -1.17 -18.41 -21.85
CA ILE B 364 -2.07 -18.96 -22.87
C ILE B 364 -1.68 -18.44 -24.26
N PHE B 365 -1.40 -17.14 -24.35
CA PHE B 365 -1.06 -16.57 -25.65
C PHE B 365 0.24 -17.16 -26.19
N MET B 366 1.23 -17.38 -25.32
CA MET B 366 2.46 -18.00 -25.78
C MET B 366 2.24 -19.44 -26.22
N MET B 367 1.42 -20.19 -25.47
CA MET B 367 1.18 -21.59 -25.80
C MET B 367 0.46 -21.74 -27.14
N VAL B 368 -0.53 -20.89 -27.40
CA VAL B 368 -1.36 -21.07 -28.58
C VAL B 368 -0.54 -20.92 -29.85
N GLY B 369 0.40 -19.97 -29.87
CA GLY B 369 1.22 -19.79 -31.06
C GLY B 369 2.03 -21.03 -31.39
N VAL B 370 2.69 -21.61 -30.38
CA VAL B 370 3.48 -22.80 -30.60
C VAL B 370 2.60 -23.94 -31.11
N VAL B 371 1.47 -24.15 -30.44
CA VAL B 371 0.60 -25.26 -30.83
C VAL B 371 0.10 -25.08 -32.26
N VAL B 372 -0.31 -23.87 -32.60
CA VAL B 372 -0.82 -23.63 -33.95
C VAL B 372 0.27 -23.87 -34.98
N THR B 373 1.45 -23.29 -34.78
CA THR B 373 2.52 -23.44 -35.76
C THR B 373 2.93 -24.90 -35.91
N GLN B 374 2.80 -25.71 -34.85
CA GLN B 374 3.21 -27.09 -34.94
C GLN B 374 2.14 -28.01 -35.53
N LYS B 375 0.86 -27.68 -35.36
CA LYS B 375 -0.19 -28.59 -35.81
C LYS B 375 -1.08 -28.02 -36.90
N ALA B 376 -1.65 -26.82 -36.69
CA ALA B 376 -2.73 -26.36 -37.56
C ALA B 376 -2.21 -25.96 -38.93
N LEU B 377 -1.08 -25.25 -38.99
CA LEU B 377 -0.60 -24.77 -40.28
C LEU B 377 -0.24 -25.90 -41.22
N VAL B 378 -0.09 -27.13 -40.71
CA VAL B 378 0.15 -28.27 -41.58
C VAL B 378 -1.03 -28.50 -42.50
N ALA B 379 -2.25 -28.43 -41.96
CA ALA B 379 -3.47 -28.65 -42.73
C ALA B 379 -4.14 -27.32 -42.98
N VAL B 380 -4.05 -26.82 -44.21
CA VAL B 380 -4.70 -25.59 -44.61
C VAL B 380 -4.69 -25.50 -46.13
N ASP B 381 -5.75 -24.95 -46.70
CA ASP B 381 -5.90 -24.81 -48.15
C ASP B 381 -5.99 -23.34 -48.52
N LYS B 382 -6.12 -23.08 -49.82
CA LYS B 382 -6.24 -21.70 -50.30
C LYS B 382 -7.59 -21.10 -49.97
N MET B 383 -8.61 -21.93 -49.74
CA MET B 383 -9.94 -21.42 -49.42
C MET B 383 -10.13 -21.10 -47.95
N ASP B 384 -9.22 -21.56 -47.08
CA ASP B 384 -9.39 -21.31 -45.65
C ASP B 384 -9.24 -19.82 -45.33
N TRP B 385 -8.32 -19.13 -46.00
CA TRP B 385 -8.17 -17.70 -45.78
C TRP B 385 -9.41 -16.94 -46.25
N PHE B 386 -9.98 -17.34 -47.38
CA PHE B 386 -11.23 -16.75 -47.84
C PHE B 386 -12.34 -16.96 -46.82
N TYR B 387 -12.44 -18.17 -46.29
CA TYR B 387 -13.45 -18.45 -45.28
C TYR B 387 -13.20 -17.62 -44.02
N LEU B 388 -11.94 -17.40 -43.66
CA LEU B 388 -11.62 -16.58 -42.50
C LEU B 388 -12.10 -15.15 -42.70
N ILE B 389 -11.84 -14.59 -43.88
CA ILE B 389 -12.29 -13.22 -44.16
C ILE B 389 -13.81 -13.15 -44.08
N ILE B 390 -14.48 -14.12 -44.72
CA ILE B 390 -15.94 -14.12 -44.72
C ILE B 390 -16.48 -14.23 -43.31
N LEU B 391 -15.86 -15.08 -42.48
CA LEU B 391 -16.31 -15.27 -41.11
C LEU B 391 -16.13 -13.99 -40.29
N TYR B 392 -15.00 -13.31 -40.47
CA TYR B 392 -14.81 -12.03 -39.78
C TYR B 392 -15.90 -11.05 -40.14
N LEU B 393 -16.17 -10.90 -41.44
CA LEU B 393 -17.23 -9.99 -41.86
C LEU B 393 -18.57 -10.41 -41.27
N ALA B 394 -18.88 -11.71 -41.30
CA ALA B 394 -20.18 -12.17 -40.85
C ALA B 394 -20.38 -11.93 -39.36
N ILE B 395 -19.36 -12.21 -38.55
CA ILE B 395 -19.52 -12.00 -37.11
C ILE B 395 -19.64 -10.51 -36.80
N THR B 396 -18.86 -9.68 -37.51
CA THR B 396 -18.98 -8.24 -37.29
C THR B 396 -20.39 -7.75 -37.62
N ILE B 397 -20.97 -8.26 -38.71
CA ILE B 397 -22.33 -7.88 -39.06
C ILE B 397 -23.34 -8.40 -38.03
N ILE B 398 -23.14 -9.64 -37.57
CA ILE B 398 -24.11 -10.27 -36.69
C ILE B 398 -24.18 -9.54 -35.36
N ARG B 399 -23.04 -9.15 -34.80
CA ARG B 399 -23.07 -8.45 -33.52
C ARG B 399 -23.89 -7.17 -33.62
N GLY B 400 -23.64 -6.38 -34.66
CA GLY B 400 -24.40 -5.16 -34.84
C GLY B 400 -25.88 -5.42 -35.06
N MET B 401 -26.21 -6.45 -35.84
CA MET B 401 -27.60 -6.77 -36.09
C MET B 401 -28.31 -7.11 -34.78
N VAL B 402 -27.67 -7.94 -33.94
CA VAL B 402 -28.28 -8.33 -32.68
C VAL B 402 -28.47 -7.11 -31.78
N ILE B 403 -27.44 -6.26 -31.69
CA ILE B 403 -27.55 -5.10 -30.82
C ILE B 403 -28.68 -4.18 -31.29
N SER B 404 -28.76 -3.93 -32.60
CA SER B 404 -29.81 -3.08 -33.12
C SER B 404 -31.18 -3.68 -32.87
N LEU B 405 -31.32 -4.99 -33.08
CA LEU B 405 -32.62 -5.63 -32.89
C LEU B 405 -33.07 -5.55 -31.44
N PHE B 406 -32.14 -5.75 -30.50
CA PHE B 406 -32.50 -5.66 -29.09
C PHE B 406 -32.55 -4.23 -28.57
N SER B 407 -32.13 -3.26 -29.36
CA SER B 407 -32.21 -1.86 -28.94
C SER B 407 -33.59 -1.44 -28.47
N PRO B 408 -34.68 -1.77 -29.16
CA PRO B 408 -35.99 -1.28 -28.68
C PRO B 408 -36.33 -1.75 -27.28
N ILE B 409 -36.11 -3.02 -26.96
CA ILE B 409 -36.52 -3.56 -25.67
C ILE B 409 -35.72 -2.90 -24.55
N LEU B 410 -34.39 -2.86 -24.69
CA LEU B 410 -33.54 -2.30 -23.64
C LEU B 410 -33.48 -0.78 -23.67
N SER B 411 -34.10 -0.14 -24.65
CA SER B 411 -34.19 1.31 -24.72
C SER B 411 -35.50 1.84 -24.16
N ARG B 412 -36.63 1.26 -24.57
CA ARG B 412 -37.90 1.65 -23.99
C ARG B 412 -37.94 1.35 -22.50
N ILE B 413 -37.18 0.36 -22.05
CA ILE B 413 -37.07 0.03 -20.63
C ILE B 413 -35.60 0.18 -20.22
N GLY B 414 -35.33 -0.05 -18.95
CA GLY B 414 -33.96 0.04 -18.48
C GLY B 414 -33.37 1.43 -18.71
N TYR B 415 -32.16 1.46 -19.25
CA TYR B 415 -31.43 2.71 -19.44
C TYR B 415 -31.48 3.22 -20.87
N GLY B 416 -31.60 2.34 -21.86
CA GLY B 416 -31.60 2.75 -23.24
C GLY B 416 -30.20 2.96 -23.79
N LEU B 417 -30.12 3.13 -25.10
CA LEU B 417 -28.84 3.28 -25.78
C LEU B 417 -28.95 4.33 -26.87
N THR B 418 -27.82 4.96 -27.16
CA THR B 418 -27.69 5.89 -28.27
C THR B 418 -26.97 5.23 -29.44
N TRP B 419 -27.17 5.79 -30.63
CA TRP B 419 -26.60 5.17 -31.82
C TRP B 419 -25.07 5.16 -31.76
N ARG B 420 -24.47 6.25 -31.26
CA ARG B 420 -23.02 6.27 -31.09
C ARG B 420 -22.56 5.19 -30.12
N ASN B 421 -23.27 5.03 -29.00
CA ASN B 421 -22.93 3.99 -28.05
C ASN B 421 -23.08 2.61 -28.67
N ALA B 422 -24.13 2.41 -29.48
CA ALA B 422 -24.30 1.14 -30.16
C ALA B 422 -23.13 0.85 -31.10
N VAL B 423 -22.69 1.86 -31.85
CA VAL B 423 -21.56 1.66 -32.75
C VAL B 423 -20.29 1.33 -31.97
N ILE B 424 -20.06 2.05 -30.87
CA ILE B 424 -18.87 1.77 -30.07
C ILE B 424 -18.91 0.36 -29.51
N MET B 425 -20.08 -0.08 -29.03
CA MET B 425 -20.20 -1.44 -28.53
C MET B 425 -19.95 -2.46 -29.65
N THR B 426 -20.48 -2.19 -30.84
CA THR B 426 -20.29 -3.13 -31.94
C THR B 426 -18.81 -3.25 -32.32
N TRP B 427 -18.10 -2.13 -32.38
CA TRP B 427 -16.70 -2.16 -32.80
C TRP B 427 -15.76 -2.61 -31.69
N GLY B 428 -16.21 -2.69 -30.45
CA GLY B 428 -15.37 -3.05 -29.33
C GLY B 428 -15.39 -4.52 -28.96
N GLY B 429 -15.94 -5.38 -29.80
CA GLY B 429 -16.00 -6.80 -29.50
C GLY B 429 -14.72 -7.54 -29.83
N LEU B 430 -13.69 -7.38 -29.01
CA LEU B 430 -12.41 -8.04 -29.24
C LEU B 430 -12.40 -9.40 -28.57
N ARG B 431 -12.06 -10.44 -29.34
CA ARG B 431 -11.91 -11.76 -28.79
C ARG B 431 -10.68 -11.85 -27.89
N GLY B 432 -10.73 -12.73 -26.91
CA GLY B 432 -9.71 -12.82 -25.89
C GLY B 432 -9.13 -14.21 -25.77
N ALA B 433 -8.80 -14.57 -24.52
CA ALA B 433 -8.10 -15.82 -24.24
C ALA B 433 -9.03 -16.99 -23.95
N VAL B 434 -10.27 -16.73 -23.54
CA VAL B 434 -11.19 -17.82 -23.27
C VAL B 434 -11.46 -18.63 -24.53
N GLY B 435 -11.66 -17.95 -25.65
CA GLY B 435 -11.84 -18.65 -26.91
C GLY B 435 -10.63 -19.48 -27.28
N LEU B 436 -9.43 -18.95 -27.05
CA LEU B 436 -8.21 -19.71 -27.33
C LEU B 436 -8.12 -20.96 -26.46
N ALA B 437 -8.46 -20.83 -25.17
CA ALA B 437 -8.42 -22.00 -24.30
C ALA B 437 -9.42 -23.05 -24.74
N LEU B 438 -10.63 -22.64 -25.10
CA LEU B 438 -11.63 -23.61 -25.56
C LEU B 438 -11.19 -24.26 -26.86
N ALA B 439 -10.59 -23.49 -27.77
CA ALA B 439 -10.10 -24.07 -29.01
C ALA B 439 -8.99 -25.07 -28.75
N LEU B 440 -8.09 -24.77 -27.82
CA LEU B 440 -7.04 -25.72 -27.47
C LEU B 440 -7.63 -27.00 -26.88
N VAL B 441 -8.65 -26.86 -26.04
CA VAL B 441 -9.31 -28.04 -25.49
C VAL B 441 -9.89 -28.90 -26.61
N VAL B 442 -10.59 -28.25 -27.55
CA VAL B 442 -11.19 -29.00 -28.65
C VAL B 442 -10.11 -29.69 -29.49
N GLU B 443 -9.02 -28.97 -29.78
CA GLU B 443 -7.96 -29.54 -30.59
C GLU B 443 -7.33 -30.74 -29.90
N ASN B 444 -7.10 -30.66 -28.60
CA ASN B 444 -6.52 -31.78 -27.87
C ASN B 444 -7.50 -32.94 -27.76
N LEU B 445 -8.81 -32.66 -27.80
CA LEU B 445 -9.79 -33.71 -27.63
C LEU B 445 -10.01 -34.55 -28.87
N ALA B 446 -9.41 -34.19 -30.01
CA ALA B 446 -9.64 -34.92 -31.25
C ALA B 446 -8.32 -35.14 -31.97
N GLY B 447 -8.30 -36.16 -32.82
CA GLY B 447 -7.15 -36.45 -33.64
C GLY B 447 -7.45 -36.37 -35.12
N ASN B 448 -8.52 -35.66 -35.47
CA ASN B 448 -8.95 -35.50 -36.85
C ASN B 448 -8.90 -34.03 -37.23
N ASP B 449 -8.51 -33.75 -38.48
CA ASP B 449 -8.38 -32.38 -38.94
C ASP B 449 -9.72 -31.67 -39.00
N VAL B 450 -10.77 -32.38 -39.43
CA VAL B 450 -12.06 -31.77 -39.70
C VAL B 450 -12.55 -30.94 -38.52
N ILE B 451 -12.04 -31.23 -37.32
CA ILE B 451 -12.37 -30.44 -36.15
C ILE B 451 -11.15 -29.97 -35.37
N GLY B 452 -9.97 -30.56 -35.58
CA GLY B 452 -8.81 -30.16 -34.81
C GLY B 452 -8.11 -28.94 -35.35
N SER B 453 -7.69 -29.00 -36.62
CA SER B 453 -6.93 -27.90 -37.19
C SER B 453 -7.81 -26.69 -37.49
N LYS B 454 -9.01 -26.93 -38.04
CA LYS B 454 -9.86 -25.83 -38.46
C LYS B 454 -10.26 -24.95 -37.28
N PHE B 455 -10.64 -25.57 -36.16
CA PHE B 455 -11.08 -24.79 -35.00
C PHE B 455 -9.99 -23.83 -34.54
N LEU B 456 -8.80 -24.38 -34.27
CA LEU B 456 -7.71 -23.55 -33.78
C LEU B 456 -7.30 -22.51 -34.80
N PHE B 457 -7.22 -22.91 -36.08
CA PHE B 457 -6.80 -21.97 -37.11
C PHE B 457 -7.76 -20.79 -37.20
N HIS B 458 -9.06 -21.06 -37.29
CA HIS B 458 -10.03 -19.98 -37.42
C HIS B 458 -10.07 -19.12 -36.16
N THR B 459 -9.99 -19.74 -34.98
CA THR B 459 -10.01 -18.96 -33.75
C THR B 459 -8.82 -18.01 -33.68
N ALA B 460 -7.62 -18.53 -33.96
CA ALA B 460 -6.42 -17.69 -33.92
C ALA B 460 -6.49 -16.59 -34.97
N GLY B 461 -6.97 -16.93 -36.18
CA GLY B 461 -7.08 -15.91 -37.20
C GLY B 461 -8.02 -14.79 -36.81
N ILE B 462 -9.19 -15.15 -36.25
CA ILE B 462 -10.14 -14.12 -35.83
C ILE B 462 -9.54 -13.27 -34.72
N VAL B 463 -8.85 -13.90 -33.76
CA VAL B 463 -8.24 -13.13 -32.68
C VAL B 463 -7.23 -12.15 -33.23
N VAL B 464 -6.37 -12.61 -34.14
CA VAL B 464 -5.33 -11.74 -34.69
C VAL B 464 -5.96 -10.60 -35.48
N LEU B 465 -6.95 -10.90 -36.31
CA LEU B 465 -7.59 -9.86 -37.10
C LEU B 465 -8.24 -8.81 -36.20
N THR B 466 -8.97 -9.25 -35.19
CA THR B 466 -9.59 -8.31 -34.27
C THR B 466 -8.54 -7.43 -33.61
N LEU B 467 -7.49 -8.04 -33.05
CA LEU B 467 -6.47 -7.27 -32.35
C LEU B 467 -5.81 -6.26 -33.28
N VAL B 468 -5.51 -6.67 -34.51
CA VAL B 468 -4.79 -5.78 -35.42
C VAL B 468 -5.67 -4.62 -35.88
N ILE B 469 -6.94 -4.90 -36.17
CA ILE B 469 -7.78 -3.89 -36.81
C ILE B 469 -8.59 -3.09 -35.79
N ASN B 470 -9.45 -3.77 -35.02
CA ASN B 470 -10.34 -3.06 -34.12
C ASN B 470 -9.57 -2.33 -33.04
N ALA B 471 -8.57 -2.99 -32.44
CA ALA B 471 -7.81 -2.36 -31.38
C ALA B 471 -7.08 -1.12 -31.89
N THR B 472 -6.56 -1.18 -33.11
CA THR B 472 -5.83 -0.06 -33.67
C THR B 472 -6.75 1.09 -34.05
N THR B 473 -7.93 0.79 -34.60
CA THR B 473 -8.81 1.81 -35.14
C THR B 473 -9.87 2.28 -34.14
N ILE B 474 -9.91 1.73 -32.93
CA ILE B 474 -10.91 2.17 -31.96
C ILE B 474 -10.74 3.64 -31.64
N GLN B 475 -9.49 4.09 -31.45
CA GLN B 475 -9.26 5.50 -31.11
C GLN B 475 -9.73 6.42 -32.24
N THR B 476 -9.42 6.06 -33.48
CA THR B 476 -9.87 6.88 -34.61
C THR B 476 -11.38 6.89 -34.70
N LEU B 477 -12.03 5.75 -34.47
CA LEU B 477 -13.49 5.72 -34.48
C LEU B 477 -14.06 6.61 -33.40
N LEU B 478 -13.45 6.60 -32.21
CA LEU B 478 -13.89 7.48 -31.14
C LEU B 478 -13.74 8.95 -31.54
N ARG B 479 -12.62 9.29 -32.16
CA ARG B 479 -12.41 10.68 -32.57
C ARG B 479 -13.43 11.11 -33.61
N ILE B 480 -13.71 10.26 -34.59
CA ILE B 480 -14.63 10.64 -35.66
C ILE B 480 -16.00 10.96 -35.10
N LEU B 481 -16.48 10.14 -34.16
CA LEU B 481 -17.79 10.38 -33.57
C LEU B 481 -17.81 11.61 -32.66
N GLY B 482 -16.66 12.21 -32.39
CA GLY B 482 -16.60 13.36 -31.51
C GLY B 482 -16.94 13.04 -30.07
N MET B 483 -16.47 11.90 -29.58
CA MET B 483 -16.70 11.48 -28.20
C MET B 483 -15.44 11.61 -27.33
N SER B 484 -14.38 12.23 -27.87
CA SER B 484 -13.13 12.40 -27.13
C SER B 484 -12.81 13.87 -26.87
N ASP B 485 -13.78 14.76 -27.05
CA ASP B 485 -13.53 16.17 -26.80
C ASP B 485 -13.34 16.43 -25.31
N ILE B 486 -12.69 17.55 -25.01
CA ILE B 486 -12.38 17.95 -23.64
C ILE B 486 -13.27 19.15 -23.28
N SER B 487 -13.98 19.03 -22.16
CA SER B 487 -14.84 20.11 -21.72
C SER B 487 -14.00 21.34 -21.38
N ILE B 488 -14.51 22.51 -21.76
CA ILE B 488 -13.77 23.76 -21.52
C ILE B 488 -13.50 23.98 -20.04
N PRO B 489 -14.46 23.81 -19.13
CA PRO B 489 -14.16 23.99 -17.71
C PRO B 489 -13.01 23.12 -17.22
N LYS B 490 -12.92 21.88 -17.68
CA LYS B 490 -11.81 21.02 -17.29
C LYS B 490 -10.48 21.61 -17.76
N ARG B 491 -10.44 22.11 -18.99
CA ARG B 491 -9.22 22.73 -19.50
C ARG B 491 -8.85 23.95 -18.66
N LEU B 492 -9.83 24.78 -18.31
CA LEU B 492 -9.54 25.96 -17.49
C LEU B 492 -9.01 25.55 -16.12
N ALA B 493 -9.62 24.54 -15.50
CA ALA B 493 -9.15 24.08 -14.19
C ALA B 493 -7.73 23.56 -14.28
N MET B 494 -7.42 22.79 -15.32
CA MET B 494 -6.06 22.28 -15.47
C MET B 494 -5.07 23.42 -15.66
N ALA B 495 -5.43 24.42 -16.47
CA ALA B 495 -4.55 25.55 -16.67
C ALA B 495 -4.30 26.30 -15.35
N GLY B 496 -5.35 26.50 -14.57
CA GLY B 496 -5.18 27.15 -13.28
C GLY B 496 -4.28 26.35 -12.35
N ALA B 497 -4.47 25.03 -12.31
CA ALA B 497 -3.63 24.20 -11.46
C ALA B 497 -2.18 24.27 -11.89
N VAL B 498 -1.91 24.23 -13.19
CA VAL B 498 -0.53 24.30 -13.66
C VAL B 498 0.09 25.65 -13.33
N ARG B 499 -0.68 26.73 -13.47
CA ARG B 499 -0.15 28.04 -13.11
C ARG B 499 0.17 28.12 -11.62
N ARG B 500 -0.70 27.56 -10.78
CA ARG B 500 -0.42 27.55 -9.34
C ARG B 500 0.83 26.74 -9.03
N ILE B 501 0.98 25.59 -9.69
CA ILE B 501 2.17 24.77 -9.48
C ILE B 501 3.43 25.54 -9.89
N HIS B 502 3.36 26.26 -11.01
CA HIS B 502 4.49 27.06 -11.45
C HIS B 502 4.83 28.14 -10.43
N GLU B 503 3.82 28.81 -9.89
CA GLU B 503 4.08 29.84 -8.89
C GLU B 503 4.76 29.25 -7.66
N GLY B 504 4.25 28.11 -7.18
CA GLY B 504 4.87 27.48 -6.03
C GLY B 504 6.30 27.07 -6.30
N GLN B 505 6.55 26.51 -7.48
CA GLN B 505 7.92 26.13 -7.84
C GLN B 505 8.84 27.33 -7.88
N ASN B 506 8.36 28.45 -8.43
CA ASN B 506 9.19 29.65 -8.47
C ASN B 506 9.50 30.16 -7.06
N ARG B 507 8.51 30.15 -6.18
CA ARG B 507 8.77 30.58 -4.80
C ARG B 507 9.80 29.68 -4.14
N THR B 508 9.66 28.36 -4.30
CA THR B 508 10.62 27.44 -3.70
C THR B 508 12.01 27.63 -4.30
N LEU B 509 12.09 27.91 -5.59
CA LEU B 509 13.38 28.16 -6.23
C LEU B 509 14.03 29.40 -5.65
N ASN B 510 13.26 30.47 -5.44
CA ASN B 510 13.81 31.67 -4.81
C ASN B 510 14.32 31.36 -3.41
N MET B 511 13.54 30.61 -2.64
CA MET B 511 13.97 30.27 -1.29
C MET B 511 15.27 29.48 -1.31
N LEU B 512 15.36 28.50 -2.22
CA LEU B 512 16.58 27.71 -2.32
C LEU B 512 17.77 28.59 -2.72
N LYS B 513 17.57 29.50 -3.67
CA LYS B 513 18.66 30.36 -4.10
C LYS B 513 19.15 31.22 -2.96
N SER B 514 18.24 31.75 -2.14
CA SER B 514 18.65 32.59 -1.02
C SER B 514 19.55 31.84 -0.04
N ASP B 515 19.49 30.51 -0.01
CA ASP B 515 20.29 29.73 0.92
C ASP B 515 21.78 29.97 0.66
N ARG B 516 22.60 29.52 1.61
CA ARG B 516 24.05 29.68 1.53
C ARG B 516 24.76 28.38 1.19
N PHE B 517 24.36 27.26 1.79
CA PHE B 517 25.01 25.99 1.50
C PHE B 517 24.69 25.47 0.10
N LEU B 518 23.71 26.05 -0.58
CA LEU B 518 23.34 25.65 -1.94
C LEU B 518 23.37 26.91 -2.81
N ALA B 519 24.55 27.24 -3.33
CA ALA B 519 24.69 28.37 -4.24
C ALA B 519 25.46 27.96 -5.47
N ASP B 520 26.32 26.95 -5.32
CA ASP B 520 27.09 26.42 -6.44
C ASP B 520 26.30 25.44 -7.30
N ALA B 521 25.16 24.95 -6.81
CA ALA B 521 24.37 23.99 -7.57
C ALA B 521 23.96 24.59 -8.90
N ASP B 522 24.09 23.79 -9.96
CA ASP B 522 23.72 24.26 -11.29
C ASP B 522 22.24 24.58 -11.34
N TRP B 523 21.91 25.77 -11.86
CA TRP B 523 20.53 26.21 -11.93
C TRP B 523 19.88 25.90 -13.27
N ASP B 524 20.60 25.21 -14.16
CA ASP B 524 19.96 24.60 -15.32
C ASP B 524 18.71 23.84 -14.92
N ILE B 525 18.63 23.41 -13.66
CA ILE B 525 17.48 22.66 -13.17
C ILE B 525 16.18 23.40 -13.38
N ALA B 526 16.22 24.72 -13.59
CA ALA B 526 15.00 25.43 -13.92
C ALA B 526 14.29 24.77 -15.08
N THR B 527 15.05 24.31 -16.09
CA THR B 527 14.50 23.53 -17.18
C THR B 527 14.20 22.10 -16.74
N ALA B 528 15.07 21.51 -15.93
CA ALA B 528 14.87 20.16 -15.43
C ALA B 528 14.06 20.13 -14.14
N ALA B 529 13.56 21.27 -13.70
CA ALA B 529 12.77 21.40 -12.47
C ALA B 529 11.42 20.77 -12.57
N CYS B 530 11.12 20.02 -13.64
CA CYS B 530 9.81 19.41 -13.80
C CYS B 530 8.72 20.47 -13.94
N GLU B 531 8.84 21.25 -15.03
CA GLU B 531 7.84 22.27 -15.33
C GLU B 531 6.41 21.76 -15.16
N ILE B 532 6.20 20.46 -15.40
CA ILE B 532 4.86 19.90 -15.35
C ILE B 532 4.03 20.57 -16.44
N SER B 533 4.46 20.44 -17.69
CA SER B 533 3.75 21.07 -18.79
C SER B 533 2.29 20.62 -18.80
N ASP B 534 1.38 21.57 -18.94
CA ASP B 534 -0.03 21.26 -18.89
C ASP B 534 -0.39 20.34 -20.06
N PRO B 535 -1.14 19.27 -19.83
CA PRO B 535 -1.58 18.43 -20.94
C PRO B 535 -2.66 19.11 -21.75
N TYR B 536 -3.24 18.40 -22.71
CA TYR B 536 -4.28 18.86 -23.61
C TYR B 536 -3.72 19.76 -24.71
N SER B 537 -2.44 20.11 -24.67
CA SER B 537 -1.80 20.96 -25.69
C SER B 537 -2.66 22.21 -25.86
N ALA B 538 -3.09 22.56 -27.06
CA ALA B 538 -3.94 23.72 -27.28
C ALA B 538 -3.25 25.00 -26.82
N ARG B 573 -32.65 40.02 -21.86
CA ARG B 573 -32.27 38.66 -22.26
C ARG B 573 -31.11 38.15 -21.42
N GLU B 574 -30.30 39.08 -20.90
CA GLU B 574 -29.16 38.69 -20.09
C GLU B 574 -29.58 37.96 -18.82
N PHE B 575 -30.85 38.07 -18.43
CA PHE B 575 -31.31 37.39 -17.23
C PHE B 575 -31.17 35.88 -17.35
N ALA B 576 -31.48 35.33 -18.53
CA ALA B 576 -31.38 33.89 -18.72
C ALA B 576 -29.95 33.40 -18.54
N ASP B 577 -28.99 34.08 -19.18
CA ASP B 577 -27.59 33.66 -19.05
C ASP B 577 -27.08 33.85 -17.63
N MET B 578 -27.49 34.95 -16.98
CA MET B 578 -27.09 35.15 -15.58
C MET B 578 -27.64 34.05 -14.69
N MET B 579 -28.90 33.65 -14.92
CA MET B 579 -29.49 32.56 -14.15
C MET B 579 -28.76 31.26 -14.41
N GLU B 580 -28.38 31.00 -15.66
CA GLU B 580 -27.60 29.79 -15.96
C GLU B 580 -26.27 29.80 -15.23
N GLU B 581 -25.59 30.96 -15.22
CA GLU B 581 -24.33 31.06 -14.51
C GLU B 581 -24.51 30.83 -13.01
N ALA B 582 -25.57 31.41 -12.44
CA ALA B 582 -25.83 31.20 -11.02
C ALA B 582 -26.12 29.74 -10.71
N ARG B 583 -26.89 29.08 -11.57
CA ARG B 583 -27.17 27.66 -11.37
C ARG B 583 -25.88 26.85 -11.41
N LEU B 584 -25.01 27.14 -12.39
CA LEU B 584 -23.75 26.43 -12.48
C LEU B 584 -22.88 26.68 -11.25
N ARG B 585 -22.89 27.92 -10.76
CA ARG B 585 -22.13 28.23 -9.55
C ARG B 585 -22.66 27.44 -8.35
N MET B 586 -23.98 27.34 -8.23
CA MET B 586 -24.55 26.50 -7.18
C MET B 586 -24.13 25.04 -7.34
N LEU B 587 -24.14 24.55 -8.58
CA LEU B 587 -23.69 23.18 -8.83
C LEU B 587 -22.27 22.98 -8.32
N LYS B 588 -21.38 23.90 -8.69
CA LYS B 588 -19.98 23.77 -8.29
C LYS B 588 -19.83 23.84 -6.78
N ALA B 589 -20.55 24.76 -6.13
CA ALA B 589 -20.46 24.88 -4.68
C ALA B 589 -20.94 23.61 -4.00
N GLU B 590 -22.05 23.03 -4.48
CA GLU B 590 -22.53 21.78 -3.92
C GLU B 590 -21.50 20.67 -4.10
N LYS B 591 -20.90 20.60 -5.29
CA LYS B 591 -19.90 19.57 -5.53
C LYS B 591 -18.72 19.72 -4.58
N ILE B 592 -18.24 20.94 -4.39
CA ILE B 592 -17.11 21.16 -3.49
C ILE B 592 -17.47 20.78 -2.05
N SER B 593 -18.66 21.19 -1.61
CA SER B 593 -19.08 20.85 -0.24
C SER B 593 -19.16 19.35 -0.05
N TYR B 594 -19.79 18.65 -1.00
CA TYR B 594 -19.89 17.20 -0.89
C TYR B 594 -18.52 16.56 -0.88
N TRP B 595 -17.62 17.05 -1.73
CA TRP B 595 -16.31 16.42 -1.84
C TRP B 595 -15.49 16.65 -0.57
N LYS B 596 -15.60 17.85 0.02
CA LYS B 596 -14.93 18.10 1.30
C LYS B 596 -15.48 17.19 2.39
N GLN B 597 -16.80 17.04 2.46
CA GLN B 597 -17.38 16.16 3.46
C GLN B 597 -16.91 14.72 3.26
N PHE B 598 -16.87 14.27 2.00
CA PHE B 598 -16.40 12.91 1.71
C PHE B 598 -14.95 12.73 2.12
N GLU B 599 -14.10 13.71 1.80
CA GLU B 599 -12.69 13.60 2.17
C GLU B 599 -12.50 13.57 3.67
N HIS B 600 -13.30 14.36 4.40
CA HIS B 600 -13.23 14.30 5.85
C HIS B 600 -13.74 12.97 6.40
N GLY B 601 -14.38 12.16 5.58
CA GLY B 601 -14.83 10.85 6.00
C GLY B 601 -16.25 10.78 6.51
N MET B 602 -17.12 11.71 6.11
CA MET B 602 -18.49 11.72 6.58
C MET B 602 -19.53 11.51 5.49
N LEU B 603 -19.21 11.84 4.24
CA LEU B 603 -20.17 11.75 3.15
C LEU B 603 -20.26 10.36 2.54
N ALA B 604 -19.44 9.41 3.00
CA ALA B 604 -19.46 8.06 2.46
C ALA B 604 -19.16 8.06 0.97
N ARG B 605 -19.56 7.00 0.27
CA ARG B 605 -19.29 6.85 -1.16
C ARG B 605 -20.57 6.85 -1.99
N GLU B 606 -21.55 6.00 -1.64
CA GLU B 606 -22.80 5.97 -2.39
C GLU B 606 -23.50 7.32 -2.31
N ALA B 607 -23.52 7.94 -1.14
CA ALA B 607 -24.13 9.25 -1.00
C ALA B 607 -23.44 10.28 -1.89
N LEU B 608 -22.10 10.25 -1.92
CA LEU B 608 -21.36 11.19 -2.76
C LEU B 608 -21.69 10.98 -4.23
N ARG B 609 -21.75 9.72 -4.67
CA ARG B 609 -22.11 9.45 -6.06
C ARG B 609 -23.52 9.93 -6.37
N LEU B 610 -24.47 9.70 -5.46
CA LEU B 610 -25.83 10.17 -5.67
C LEU B 610 -25.87 11.68 -5.80
N LEU B 611 -25.18 12.38 -4.90
CA LEU B 611 -25.20 13.84 -4.94
C LEU B 611 -24.54 14.37 -6.21
N VAL B 612 -23.42 13.78 -6.62
CA VAL B 612 -22.75 14.25 -7.82
C VAL B 612 -23.61 13.99 -9.06
N GLN B 613 -24.26 12.82 -9.12
CA GLN B 613 -25.15 12.54 -10.24
C GLN B 613 -26.31 13.51 -10.28
N HIS B 614 -26.90 13.81 -9.12
CA HIS B 614 -27.98 14.77 -9.08
C HIS B 614 -27.53 16.14 -9.55
N ALA B 615 -26.35 16.57 -9.11
CA ALA B 615 -25.82 17.87 -9.54
C ALA B 615 -25.58 17.90 -11.04
N GLU B 616 -24.99 16.84 -11.58
CA GLU B 616 -24.71 16.81 -13.02
C GLU B 616 -26.00 16.78 -13.83
N VAL B 617 -27.00 16.02 -13.38
CA VAL B 617 -28.26 15.98 -14.11
C VAL B 617 -28.95 17.33 -14.07
N ALA B 618 -28.92 18.00 -12.91
CA ALA B 618 -29.47 19.34 -12.83
C ALA B 618 -28.74 20.30 -13.76
N ALA B 619 -27.41 20.18 -13.83
CA ALA B 619 -26.64 21.02 -14.74
C ALA B 619 -27.04 20.78 -16.19
N ASP B 620 -27.22 19.52 -16.56
CA ASP B 620 -27.60 19.20 -17.93
C ASP B 620 -28.94 19.83 -18.28
N GLU B 621 -29.91 19.74 -17.38
CA GLU B 621 -31.20 20.37 -17.60
C GLU B 621 -31.08 21.88 -17.50
N LYS B 622 -32.02 22.59 -18.12
CA LYS B 622 -32.01 24.04 -18.19
C LYS B 622 -33.03 24.62 -17.22
N ASP B 623 -32.58 25.56 -16.39
CA ASP B 623 -33.45 26.30 -15.47
C ASP B 623 -34.15 25.35 -14.50
N GLN B 624 -33.35 24.68 -13.68
CA GLN B 624 -33.88 23.84 -12.59
C GLN B 624 -32.76 23.56 -11.61
N PHE B 625 -32.96 23.93 -10.34
CA PHE B 625 -31.96 23.71 -9.32
C PHE B 625 -31.76 22.22 -9.06
N ILE B 626 -30.54 21.86 -8.64
CA ILE B 626 -30.27 20.47 -8.31
C ILE B 626 -31.16 20.04 -7.15
N LEU B 627 -31.33 18.72 -7.03
CA LEU B 627 -31.99 18.13 -5.87
C LEU B 627 -33.40 18.69 -5.69
N VAL B 628 -34.25 18.38 -6.65
CA VAL B 628 -35.64 18.86 -6.60
C VAL B 628 -36.28 18.44 -5.29
N ASP B 629 -35.94 17.25 -4.79
CA ASP B 629 -36.37 16.72 -3.49
C ASP B 629 -37.82 16.28 -3.51
N ASP B 630 -38.56 16.50 -4.59
CA ASP B 630 -39.94 16.03 -4.66
C ASP B 630 -39.99 14.51 -4.57
N LEU B 631 -39.19 13.83 -5.37
CA LEU B 631 -39.07 12.38 -5.32
C LEU B 631 -37.64 11.87 -5.36
N LYS B 632 -36.69 12.64 -5.87
CA LYS B 632 -35.32 12.16 -6.00
C LYS B 632 -34.65 11.90 -4.66
N LYS B 633 -35.22 12.38 -3.56
CA LYS B 633 -34.70 12.13 -2.23
C LYS B 633 -35.75 11.43 -1.37
N SER B 634 -36.44 10.45 -1.95
CA SER B 634 -37.52 9.75 -1.26
C SER B 634 -37.26 8.27 -1.12
N TRP B 635 -36.88 7.58 -2.21
CA TRP B 635 -36.77 6.13 -2.17
C TRP B 635 -35.74 5.68 -1.14
N GLN B 636 -34.59 6.32 -1.11
CA GLN B 636 -33.56 5.95 -0.14
C GLN B 636 -34.09 6.09 1.28
N ILE B 637 -34.77 7.19 1.57
CA ILE B 637 -35.41 7.35 2.87
C ILE B 637 -36.57 6.36 3.00
N LYS B 638 -37.20 5.98 1.89
CA LYS B 638 -38.36 5.11 1.92
C LYS B 638 -38.05 3.76 2.54
N GLY B 639 -37.20 2.97 1.88
CA GLY B 639 -36.89 1.64 2.37
C GLY B 639 -38.11 0.77 2.55
N ILE B 640 -39.01 0.76 1.56
CA ILE B 640 -40.27 0.03 1.65
C ILE B 640 -40.30 -1.06 0.58
N TYR B 641 -40.56 -2.29 1.02
CA TYR B 641 -40.67 -3.43 0.12
C TYR B 641 -41.06 -4.62 0.99
N PRO B 642 -41.62 -5.69 0.42
CA PRO B 642 -42.02 -6.85 1.23
C PRO B 642 -40.99 -7.31 2.26
N TRP B 643 -39.73 -6.88 2.15
CA TRP B 643 -38.79 -7.12 3.25
C TRP B 643 -39.39 -6.67 4.58
N LEU B 644 -40.06 -5.51 4.59
CA LEU B 644 -40.80 -5.11 5.78
C LEU B 644 -41.95 -6.08 6.04
N LYS B 645 -42.62 -6.54 4.98
CA LYS B 645 -43.66 -7.56 5.15
C LYS B 645 -43.08 -8.85 5.70
N ARG B 646 -41.90 -9.25 5.21
CA ARG B 646 -41.23 -10.43 5.76
C ARG B 646 -40.92 -10.23 7.23
N LYS B 647 -40.45 -9.05 7.61
CA LYS B 647 -40.17 -8.77 9.02
C LYS B 647 -41.43 -8.87 9.87
N LEU B 648 -42.53 -8.30 9.39
CA LEU B 648 -43.78 -8.38 10.14
C LEU B 648 -44.26 -9.82 10.28
N GLU B 649 -44.15 -10.60 9.21
CA GLU B 649 -44.55 -12.00 9.26
C GLU B 649 -43.68 -12.78 10.25
N ASP B 650 -42.37 -12.52 10.24
CA ASP B 650 -41.49 -13.18 11.20
C ASP B 650 -41.86 -12.81 12.63
N LEU B 651 -42.13 -11.52 12.87
CA LEU B 651 -42.49 -11.09 14.22
C LEU B 651 -43.79 -11.73 14.68
N ILE B 652 -44.79 -11.78 13.79
CA ILE B 652 -46.09 -12.33 14.18
C ILE B 652 -45.97 -13.83 14.43
N SER B 653 -45.18 -14.54 13.62
CA SER B 653 -45.06 -15.98 13.78
C SER B 653 -44.48 -16.33 15.14
N GLU B 654 -43.46 -15.61 15.59
CA GLU B 654 -42.86 -15.88 16.89
C GLU B 654 -43.85 -15.56 18.00
N LYS B 655 -44.33 -16.60 18.68
CA LYS B 655 -45.28 -16.42 19.76
C LYS B 655 -45.02 -17.46 20.83
N LYS B 656 -45.14 -17.06 22.10
CA LYS B 656 -44.94 -17.95 23.22
C LYS B 656 -45.63 -17.37 24.45
N ILE B 657 -45.84 -18.22 25.44
CA ILE B 657 -46.48 -17.78 26.68
C ILE B 657 -45.58 -16.76 27.37
N ALA B 658 -46.19 -15.65 27.80
CA ALA B 658 -45.42 -14.61 28.46
C ALA B 658 -44.78 -15.11 29.75
N ALA B 659 -45.53 -15.86 30.55
CA ALA B 659 -45.00 -16.41 31.79
C ALA B 659 -45.80 -17.65 32.17
N ILE B 660 -45.21 -18.46 33.02
CA ILE B 660 -45.87 -19.69 33.50
C ILE B 660 -45.79 -19.74 35.02
N PRO B 661 -46.80 -20.28 35.69
CA PRO B 661 -46.75 -20.35 37.15
C PRO B 661 -45.63 -21.27 37.63
N MET B 662 -45.08 -20.95 38.80
CA MET B 662 -44.03 -21.75 39.40
C MET B 662 -44.65 -22.69 40.43
N PRO B 663 -44.96 -23.94 40.07
CA PRO B 663 -45.58 -24.84 41.05
C PRO B 663 -44.68 -25.07 42.25
N LYS B 664 -45.30 -25.16 43.42
CA LYS B 664 -44.58 -25.45 44.66
C LYS B 664 -44.43 -26.94 44.92
N TYR B 665 -45.12 -27.79 44.17
CA TYR B 665 -45.02 -29.23 44.37
C TYR B 665 -43.64 -29.73 43.92
N LYS B 666 -43.09 -30.68 44.68
CA LYS B 666 -41.80 -31.26 44.35
C LYS B 666 -40.69 -30.22 44.45
N LEU B 667 -39.61 -30.41 43.69
CA LEU B 667 -38.50 -29.46 43.71
C LEU B 667 -38.97 -28.06 43.33
N GLY B 668 -39.69 -27.94 42.22
CA GLY B 668 -40.23 -26.67 41.81
C GLY B 668 -39.32 -25.85 40.93
N LYS B 669 -38.60 -24.90 41.55
CA LYS B 669 -37.80 -23.96 40.78
C LYS B 669 -36.76 -24.66 39.91
N LEU B 670 -36.17 -25.74 40.42
CA LEU B 670 -35.13 -26.44 39.67
C LEU B 670 -35.67 -26.97 38.34
N MET B 671 -36.84 -27.61 38.38
CA MET B 671 -37.41 -28.18 37.16
C MET B 671 -37.76 -27.09 36.16
N TYR B 672 -38.34 -25.99 36.63
CA TYR B 672 -38.69 -24.90 35.73
C TYR B 672 -37.44 -24.28 35.10
N LYS B 673 -36.39 -24.08 35.90
CA LYS B 673 -35.14 -23.54 35.38
C LYS B 673 -34.54 -24.47 34.34
N ILE B 674 -34.54 -25.77 34.61
CA ILE B 674 -33.99 -26.73 33.65
C ILE B 674 -34.79 -26.71 32.36
N CYS B 675 -36.12 -26.68 32.46
CA CYS B 675 -36.95 -26.67 31.26
C CYS B 675 -36.74 -25.40 30.45
N HIS B 676 -36.66 -24.24 31.12
CA HIS B 676 -36.51 -22.97 30.44
C HIS B 676 -35.07 -22.59 30.15
N HIS B 677 -34.10 -23.34 30.68
CA HIS B 677 -32.70 -23.02 30.45
C HIS B 677 -32.33 -23.27 28.99
N MET B 678 -31.38 -22.48 28.48
CA MET B 678 -30.91 -22.68 27.12
C MET B 678 -30.31 -24.06 26.91
N ALA B 679 -29.89 -24.73 27.98
CA ALA B 679 -29.37 -26.08 27.86
C ALA B 679 -30.43 -27.01 27.27
N PHE B 680 -31.70 -26.80 27.62
CA PHE B 680 -32.77 -27.62 27.06
C PHE B 680 -32.85 -27.45 25.54
N GLU B 681 -32.77 -26.20 25.06
CA GLU B 681 -32.81 -25.95 23.63
C GLU B 681 -31.58 -26.56 22.94
N VAL B 682 -30.41 -26.43 23.57
CA VAL B 682 -29.20 -27.01 22.99
C VAL B 682 -29.34 -28.53 22.88
N THR B 683 -29.86 -29.17 23.93
CA THR B 683 -30.05 -30.62 23.89
C THR B 683 -31.06 -31.02 22.83
N ILE B 684 -32.14 -30.25 22.69
CA ILE B 684 -33.13 -30.55 21.66
C ILE B 684 -32.51 -30.45 20.28
N ASN B 685 -31.72 -29.40 20.04
CA ASN B 685 -31.06 -29.26 18.74
C ASN B 685 -30.08 -30.39 18.49
N ILE B 686 -29.32 -30.79 19.51
CA ILE B 686 -28.38 -31.89 19.35
C ILE B 686 -29.10 -33.17 19.03
N ALA B 687 -30.22 -33.45 19.72
CA ALA B 687 -30.99 -34.65 19.44
C ALA B 687 -31.55 -34.63 18.03
N ILE B 688 -32.04 -33.47 17.57
CA ILE B 688 -32.57 -33.36 16.21
C ILE B 688 -31.46 -33.63 15.20
N VAL B 689 -30.27 -33.06 15.43
CA VAL B 689 -29.16 -33.28 14.52
C VAL B 689 -28.77 -34.75 14.48
N LEU B 690 -28.70 -35.39 15.65
CA LEU B 690 -28.35 -36.81 15.69
C LEU B 690 -29.39 -37.66 14.97
N ASN B 691 -30.67 -37.37 15.17
CA ASN B 691 -31.73 -38.13 14.51
C ASN B 691 -31.76 -37.88 13.01
N ILE B 692 -31.29 -36.71 12.56
CA ILE B 692 -31.26 -36.42 11.14
C ILE B 692 -30.40 -37.43 10.40
N VAL B 693 -29.21 -37.73 10.93
CA VAL B 693 -28.35 -38.74 10.33
C VAL B 693 -29.04 -40.10 10.27
N PRO B 694 -29.70 -40.57 11.34
CA PRO B 694 -30.42 -41.84 11.22
C PRO B 694 -31.49 -41.84 10.15
N ILE B 695 -32.20 -40.72 9.96
CA ILE B 695 -33.23 -40.65 8.94
C ILE B 695 -32.62 -40.80 7.54
N ILE B 696 -31.51 -40.09 7.31
CA ILE B 696 -30.83 -40.18 6.02
C ILE B 696 -30.32 -41.59 5.80
N MET B 697 -29.73 -42.21 6.83
CA MET B 697 -29.23 -43.57 6.69
C MET B 697 -30.37 -44.54 6.35
N GLU B 698 -31.52 -44.40 7.03
CA GLU B 698 -32.65 -45.28 6.76
C GLU B 698 -33.17 -45.08 5.35
N PHE B 699 -33.25 -43.82 4.90
CA PHE B 699 -33.71 -43.55 3.54
C PHE B 699 -32.76 -44.16 2.51
N VAL B 700 -31.45 -44.02 2.74
CA VAL B 700 -30.47 -44.60 1.81
C VAL B 700 -30.59 -46.12 1.80
N VAL B 701 -30.73 -46.73 2.98
CA VAL B 701 -30.84 -48.19 3.03
C VAL B 701 -32.09 -48.67 2.30
N GLN B 702 -33.22 -48.00 2.52
CA GLN B 702 -34.45 -48.39 1.85
C GLN B 702 -34.32 -48.22 0.34
N ASP B 703 -33.73 -47.11 -0.11
CA ASP B 703 -33.56 -46.88 -1.54
C ASP B 703 -32.63 -47.92 -2.15
N LYS B 704 -31.54 -48.24 -1.47
CA LYS B 704 -30.59 -49.23 -1.97
C LYS B 704 -31.11 -50.65 -1.80
N SER B 723 -21.98 -59.61 7.46
CA SER B 723 -23.05 -59.25 8.37
C SER B 723 -23.23 -57.74 8.45
N SER B 724 -22.93 -57.05 7.33
CA SER B 724 -23.07 -55.60 7.30
C SER B 724 -24.52 -55.17 7.51
N LEU B 725 -25.46 -55.88 6.88
CA LEU B 725 -26.87 -55.51 7.00
C LEU B 725 -27.35 -55.63 8.44
N GLN B 726 -26.97 -56.71 9.13
CA GLN B 726 -27.40 -56.89 10.51
C GLN B 726 -26.84 -55.79 11.41
N LYS B 727 -25.56 -55.47 11.25
CA LYS B 727 -24.95 -54.41 12.05
C LYS B 727 -25.61 -53.07 11.78
N ILE B 728 -25.88 -52.76 10.50
CA ILE B 728 -26.51 -51.50 10.15
C ILE B 728 -27.90 -51.41 10.76
N GLU B 729 -28.68 -52.49 10.66
CA GLU B 729 -30.02 -52.49 11.23
C GLU B 729 -29.99 -52.33 12.74
N ASP B 730 -29.07 -53.03 13.41
CA ASP B 730 -28.97 -52.91 14.86
C ASP B 730 -28.59 -51.49 15.27
N ALA B 731 -27.62 -50.89 14.57
CA ALA B 731 -27.22 -49.53 14.90
C ALA B 731 -28.37 -48.55 14.66
N LEU B 732 -29.09 -48.70 13.56
CA LEU B 732 -30.22 -47.81 13.28
C LEU B 732 -31.30 -47.95 14.34
N ARG B 733 -31.62 -49.19 14.73
CA ARG B 733 -32.63 -49.40 15.77
C ARG B 733 -32.19 -48.79 17.09
N ILE B 734 -30.93 -48.98 17.46
CA ILE B 734 -30.43 -48.42 18.72
C ILE B 734 -30.49 -46.90 18.69
N SER B 735 -30.07 -46.30 17.57
CA SER B 735 -30.11 -44.84 17.47
C SER B 735 -31.54 -44.33 17.54
N ASN B 736 -32.47 -44.99 16.85
CA ASN B 736 -33.87 -44.56 16.89
C ASN B 736 -34.43 -44.67 18.30
N TYR B 737 -34.13 -45.77 19.00
CA TYR B 737 -34.61 -45.93 20.38
C TYR B 737 -34.03 -44.85 21.28
N VAL B 738 -32.73 -44.55 21.14
CA VAL B 738 -32.11 -43.53 21.96
C VAL B 738 -32.73 -42.17 21.69
N PHE B 739 -32.97 -41.84 20.42
CA PHE B 739 -33.58 -40.57 20.08
C PHE B 739 -35.00 -40.48 20.64
N PHE B 740 -35.77 -41.56 20.54
CA PHE B 740 -37.12 -41.55 21.08
C PHE B 740 -37.11 -41.37 22.60
N VAL B 741 -36.17 -42.05 23.28
CA VAL B 741 -36.07 -41.89 24.73
C VAL B 741 -35.70 -40.46 25.09
N ILE B 742 -34.77 -39.86 24.34
CA ILE B 742 -34.37 -38.48 24.60
C ILE B 742 -35.54 -37.54 24.39
N TYR B 743 -36.32 -37.75 23.32
CA TYR B 743 -37.48 -36.91 23.08
C TYR B 743 -38.51 -37.05 24.18
N ALA B 744 -38.75 -38.28 24.65
CA ALA B 744 -39.69 -38.50 25.74
C ALA B 744 -39.21 -37.81 27.02
N ILE B 745 -37.91 -37.88 27.30
CA ILE B 745 -37.36 -37.22 28.48
C ILE B 745 -37.53 -35.71 28.36
N GLU B 746 -37.27 -35.15 27.18
CA GLU B 746 -37.44 -33.72 26.98
C GLU B 746 -38.89 -33.31 27.18
N ALA B 747 -39.82 -34.11 26.65
CA ALA B 747 -41.24 -33.83 26.87
C ALA B 747 -41.59 -33.88 28.36
N ILE B 748 -41.05 -34.86 29.07
CA ILE B 748 -41.28 -34.96 30.51
C ILE B 748 -40.77 -33.73 31.22
N VAL B 749 -39.63 -33.19 30.76
CA VAL B 749 -39.09 -31.97 31.34
C VAL B 749 -40.11 -30.85 31.24
N LYS B 750 -40.74 -30.71 30.08
CA LYS B 750 -41.87 -29.80 29.91
C LYS B 750 -43.14 -30.50 30.39
N ILE B 751 -44.29 -29.90 30.13
CA ILE B 751 -45.56 -30.48 30.57
C ILE B 751 -45.61 -30.49 32.09
N LEU B 752 -44.74 -31.28 32.70
CA LEU B 752 -44.65 -31.30 34.16
C LEU B 752 -44.35 -29.90 34.68
N GLY B 753 -45.09 -29.48 35.70
CA GLY B 753 -44.99 -28.11 36.18
C GLY B 753 -45.74 -27.12 35.32
N LEU B 754 -45.48 -27.12 34.00
CA LEU B 754 -46.25 -26.28 33.10
C LEU B 754 -47.70 -26.72 33.02
N GLY B 755 -47.93 -28.04 33.07
CA GLY B 755 -49.30 -28.55 33.00
C GLY B 755 -49.96 -28.15 31.69
N ARG B 756 -51.15 -27.57 31.79
CA ARG B 756 -51.87 -27.15 30.59
C ARG B 756 -51.06 -26.16 29.77
N HIS B 757 -50.19 -25.40 30.42
CA HIS B 757 -49.34 -24.46 29.69
C HIS B 757 -48.52 -25.16 28.62
N TYR B 758 -48.14 -26.42 28.86
CA TYR B 758 -47.39 -27.17 27.85
C TYR B 758 -48.16 -27.25 26.53
N ILE B 759 -49.49 -27.38 26.62
CA ILE B 759 -50.33 -27.41 25.42
C ILE B 759 -50.84 -26.03 25.05
N VAL B 760 -50.51 -24.99 25.83
CA VAL B 760 -50.99 -23.64 25.52
C VAL B 760 -50.41 -23.16 24.20
N SER B 761 -49.11 -23.38 23.99
CA SER B 761 -48.45 -22.93 22.77
C SER B 761 -48.72 -23.93 21.64
N HIS B 762 -49.27 -23.44 20.53
CA HIS B 762 -49.54 -24.31 19.39
C HIS B 762 -48.26 -24.90 18.83
N TRP B 763 -47.12 -24.23 19.02
CA TRP B 763 -45.86 -24.75 18.52
C TRP B 763 -45.51 -26.08 19.18
N ASN B 764 -45.73 -26.20 20.49
CA ASN B 764 -45.47 -27.45 21.18
C ASN B 764 -46.33 -28.59 20.67
N LYS B 765 -47.46 -28.27 20.03
CA LYS B 765 -48.30 -29.31 19.45
C LYS B 765 -47.56 -30.10 18.37
N PHE B 766 -46.78 -29.41 17.53
CA PHE B 766 -46.00 -30.10 16.51
C PHE B 766 -44.97 -31.04 17.14
N ASP B 767 -44.29 -30.57 18.20
CA ASP B 767 -43.32 -31.43 18.88
C ASP B 767 -44.01 -32.65 19.49
N ALA B 768 -45.17 -32.45 20.12
CA ALA B 768 -45.89 -33.58 20.69
C ALA B 768 -46.32 -34.57 19.61
N PHE B 769 -46.79 -34.06 18.47
CA PHE B 769 -47.19 -34.95 17.38
C PHE B 769 -45.99 -35.72 16.84
N ILE B 770 -44.85 -35.06 16.71
CA ILE B 770 -43.64 -35.74 16.22
C ILE B 770 -43.23 -36.84 17.19
N LEU B 771 -43.24 -36.53 18.49
CA LEU B 771 -42.88 -37.53 19.49
C LEU B 771 -43.84 -38.71 19.45
N VAL B 772 -45.14 -38.44 19.33
CA VAL B 772 -46.13 -39.51 19.30
C VAL B 772 -45.93 -40.39 18.07
N VAL B 773 -45.67 -39.76 16.91
CA VAL B 773 -45.46 -40.53 15.69
C VAL B 773 -44.22 -41.40 15.82
N ALA B 774 -43.14 -40.83 16.34
CA ALA B 774 -41.90 -41.60 16.51
C ALA B 774 -42.13 -42.78 17.45
N LEU B 775 -42.82 -42.54 18.57
CA LEU B 775 -43.09 -43.61 19.52
C LEU B 775 -43.94 -44.70 18.89
N VAL B 776 -44.97 -44.31 18.12
CA VAL B 776 -45.84 -45.29 17.48
C VAL B 776 -45.05 -46.14 16.50
N ASP B 777 -44.21 -45.49 15.68
CA ASP B 777 -43.40 -46.23 14.73
C ASP B 777 -42.45 -47.20 15.44
N ILE B 778 -41.80 -46.73 16.51
CA ILE B 778 -40.87 -47.58 17.24
C ILE B 778 -41.60 -48.77 17.84
N ILE B 779 -42.76 -48.54 18.44
CA ILE B 779 -43.53 -49.62 19.04
C ILE B 779 -43.96 -50.63 17.99
N ILE B 780 -44.43 -50.14 16.83
CA ILE B 780 -44.87 -51.04 15.78
C ILE B 780 -43.70 -51.89 15.28
N ALA B 781 -42.54 -51.27 15.10
CA ALA B 781 -41.39 -51.99 14.55
C ALA B 781 -40.73 -52.92 15.57
N GLU B 782 -40.88 -52.65 16.87
CA GLU B 782 -40.17 -53.44 17.87
C GLU B 782 -40.65 -54.88 17.90
N THR B 783 -41.96 -55.09 18.02
CA THR B 783 -42.52 -56.43 18.14
C THR B 783 -43.40 -56.79 16.95
N LEU B 784 -44.44 -56.00 16.66
CA LEU B 784 -45.37 -56.29 15.59
C LEU B 784 -45.99 -57.68 15.75
N LEU B 785 -46.26 -58.05 17.00
CA LEU B 785 -46.84 -59.37 17.30
C LEU B 785 -48.04 -59.24 18.22
N LYS B 786 -48.10 -58.14 18.98
CA LYS B 786 -49.22 -57.94 19.90
C LYS B 786 -50.55 -57.85 19.16
N GLY B 787 -50.57 -57.13 18.04
CA GLY B 787 -51.79 -56.97 17.27
C GLY B 787 -51.82 -55.68 16.49
N SER B 788 -52.89 -54.91 16.66
CA SER B 788 -53.05 -53.64 15.96
C SER B 788 -53.31 -53.86 14.48
N ILE B 789 -52.36 -53.47 13.62
CA ILE B 789 -52.52 -53.60 12.18
C ILE B 789 -52.11 -54.99 11.75
N THR B 790 -50.84 -55.34 11.97
CA THR B 790 -50.32 -56.65 11.62
C THR B 790 -50.56 -56.96 10.14
N ILE B 791 -51.62 -57.71 9.86
CA ILE B 791 -51.92 -58.09 8.47
C ILE B 791 -52.24 -56.88 7.63
N ASN B 792 -52.92 -55.88 8.21
CA ASN B 792 -53.30 -54.70 7.45
C ASN B 792 -52.07 -53.97 6.93
N LEU B 793 -52.22 -53.36 5.76
CA LEU B 793 -51.14 -52.62 5.14
C LEU B 793 -50.49 -51.67 6.13
N SER B 794 -49.21 -51.89 6.42
CA SER B 794 -48.50 -51.13 7.43
C SER B 794 -47.00 -51.21 7.12
N SER B 795 -46.17 -50.83 8.09
CA SER B 795 -44.73 -50.87 7.88
C SER B 795 -44.23 -52.28 7.56
N ILE B 796 -45.01 -53.31 7.88
CA ILE B 796 -44.61 -54.68 7.54
C ILE B 796 -44.41 -54.82 6.04
N LYS B 797 -45.32 -54.25 5.25
CA LYS B 797 -45.21 -54.24 3.80
C LYS B 797 -44.60 -52.96 3.25
N VAL B 798 -44.93 -51.81 3.84
CA VAL B 798 -44.37 -50.52 3.43
C VAL B 798 -43.97 -49.80 4.72
N VAL B 799 -42.68 -49.86 5.07
CA VAL B 799 -42.18 -49.23 6.29
C VAL B 799 -41.76 -47.78 6.07
N LYS B 800 -41.92 -47.25 4.86
CA LYS B 800 -41.53 -45.86 4.61
C LYS B 800 -42.28 -44.90 5.51
N LEU B 801 -43.58 -45.14 5.70
CA LEU B 801 -44.37 -44.28 6.59
C LEU B 801 -43.83 -44.28 8.01
N PHE B 802 -43.10 -45.32 8.40
CA PHE B 802 -42.51 -45.40 9.74
C PHE B 802 -41.15 -44.71 9.82
N ARG B 803 -40.59 -44.27 8.70
CA ARG B 803 -39.30 -43.59 8.70
C ARG B 803 -39.35 -42.23 8.02
N LEU B 804 -40.11 -42.09 6.93
CA LEU B 804 -40.16 -40.81 6.24
C LEU B 804 -40.70 -39.71 7.15
N LEU B 805 -41.76 -40.00 7.90
CA LEU B 805 -42.30 -39.02 8.84
C LEU B 805 -41.26 -38.59 9.87
N ARG B 806 -40.26 -39.43 10.14
CA ARG B 806 -39.19 -39.04 11.06
C ARG B 806 -38.50 -37.77 10.61
N GLY B 807 -38.41 -37.56 9.29
CA GLY B 807 -37.80 -36.34 8.79
C GLY B 807 -38.49 -35.09 9.30
N LEU B 808 -39.79 -35.18 9.57
CA LEU B 808 -40.52 -34.03 10.09
C LEU B 808 -39.94 -33.53 11.41
N ARG B 809 -39.23 -34.40 12.14
CA ARG B 809 -38.57 -33.95 13.37
C ARG B 809 -37.63 -32.78 13.09
N MET B 810 -36.99 -32.77 11.93
CA MET B 810 -36.10 -31.66 11.59
C MET B 810 -36.86 -30.33 11.60
N LEU B 811 -38.11 -30.36 11.14
CA LEU B 811 -38.92 -29.14 11.14
C LEU B 811 -39.05 -28.55 12.55
N ARG B 812 -38.92 -29.37 13.59
CA ARG B 812 -38.99 -28.85 14.95
C ARG B 812 -37.92 -27.80 15.22
N LEU B 813 -36.83 -27.80 14.45
CA LEU B 813 -35.79 -26.80 14.64
C LEU B 813 -36.13 -25.46 14.02
N THR B 814 -37.16 -25.39 13.17
CA THR B 814 -37.51 -24.16 12.49
C THR B 814 -37.80 -23.04 13.50
N LYS B 815 -38.20 -23.41 14.72
CA LYS B 815 -38.45 -22.41 15.74
C LYS B 815 -37.23 -21.52 15.94
N ALA B 816 -36.03 -22.10 15.93
CA ALA B 816 -34.83 -21.30 16.08
C ALA B 816 -34.52 -20.51 14.81
N LEU B 817 -34.92 -21.03 13.64
CA LEU B 817 -34.62 -20.35 12.40
C LEU B 817 -35.33 -19.01 12.30
N ILE B 818 -36.57 -18.94 12.78
CA ILE B 818 -37.35 -17.71 12.65
C ILE B 818 -36.62 -16.51 13.26
N PRO B 819 -36.10 -16.58 14.49
CA PRO B 819 -35.39 -15.40 15.03
C PRO B 819 -34.21 -14.97 14.19
N LYS B 820 -33.27 -15.89 13.92
CA LYS B 820 -32.08 -15.53 13.16
C LYS B 820 -32.45 -14.85 11.85
N LEU B 821 -33.42 -15.42 11.12
CA LEU B 821 -33.86 -14.81 9.88
C LEU B 821 -34.23 -13.35 10.10
N ILE B 822 -35.08 -13.09 11.10
CA ILE B 822 -35.43 -11.71 11.43
C ILE B 822 -34.18 -10.85 11.48
N LEU B 823 -33.17 -11.30 12.23
CA LEU B 823 -31.90 -10.59 12.32
C LEU B 823 -31.44 -10.12 10.96
N VAL B 824 -31.22 -11.06 10.03
CA VAL B 824 -30.69 -10.68 8.72
C VAL B 824 -31.59 -9.62 8.09
N VAL B 825 -32.91 -9.85 8.12
CA VAL B 825 -33.82 -8.88 7.55
C VAL B 825 -33.59 -7.52 8.17
N ASN B 826 -33.59 -7.47 9.52
CA ASN B 826 -33.30 -6.22 10.20
C ASN B 826 -32.02 -5.61 9.66
N GLY B 827 -30.97 -6.42 9.62
CA GLY B 827 -29.71 -5.97 9.06
C GLY B 827 -29.96 -5.24 7.78
N LYS B 828 -30.53 -5.92 6.78
CA LYS B 828 -30.73 -5.29 5.48
C LYS B 828 -31.49 -3.98 5.66
N ILE B 829 -32.63 -4.03 6.35
CA ILE B 829 -33.41 -2.81 6.57
C ILE B 829 -32.49 -1.71 7.07
N ASN B 830 -31.79 -1.98 8.19
CA ASN B 830 -30.84 -1.03 8.74
C ASN B 830 -30.00 -0.41 7.64
N ASN B 831 -29.23 -1.26 6.93
CA ASN B 831 -28.39 -0.76 5.85
C ASN B 831 -29.15 0.24 4.99
N GLN B 832 -30.25 -0.19 4.38
CA GLN B 832 -31.03 0.71 3.56
C GLN B 832 -31.27 2.01 4.31
N LEU B 833 -31.99 1.92 5.43
CA LEU B 833 -32.28 3.12 6.20
C LEU B 833 -31.00 3.90 6.47
N SER B 834 -29.97 3.19 6.96
CA SER B 834 -28.69 3.83 7.24
C SER B 834 -28.30 4.72 6.09
N LEU B 835 -28.14 4.13 4.89
CA LEU B 835 -27.67 4.92 3.76
C LEU B 835 -28.56 6.14 3.57
N GLY B 836 -29.87 5.92 3.49
CA GLY B 836 -30.78 7.01 3.28
C GLY B 836 -30.49 8.09 4.29
N TYR B 837 -30.52 7.72 5.57
CA TYR B 837 -30.25 8.67 6.63
C TYR B 837 -29.04 9.52 6.26
N ASP B 838 -27.90 8.86 6.09
CA ASP B 838 -26.67 9.59 5.85
C ASP B 838 -26.84 10.57 4.70
N VAL B 839 -27.38 10.11 3.58
CA VAL B 839 -27.50 10.96 2.41
C VAL B 839 -28.23 12.24 2.78
N GLY B 840 -29.39 12.09 3.43
CA GLY B 840 -30.14 13.27 3.81
C GLY B 840 -29.29 14.24 4.59
N LYS B 841 -28.61 13.75 5.63
CA LYS B 841 -27.77 14.62 6.43
C LYS B 841 -26.82 15.39 5.53
N GLY B 842 -26.13 14.67 4.64
CA GLY B 842 -25.20 15.30 3.73
C GLY B 842 -25.86 16.50 3.09
N TYR B 843 -26.98 16.28 2.41
CA TYR B 843 -27.63 17.36 1.70
C TYR B 843 -27.84 18.55 2.63
N ILE B 844 -28.41 18.29 3.80
CA ILE B 844 -28.65 19.37 4.76
C ILE B 844 -27.37 20.19 4.93
N ILE B 845 -26.30 19.51 5.37
CA ILE B 845 -25.05 20.23 5.63
C ILE B 845 -24.64 20.99 4.38
N GLY B 846 -24.66 20.32 3.24
CA GLY B 846 -24.24 20.98 2.01
C GLY B 846 -25.00 22.28 1.80
N GLU B 847 -26.33 22.22 1.92
CA GLU B 847 -27.13 23.42 1.71
C GLU B 847 -26.59 24.57 2.56
N GLU B 848 -26.38 24.31 3.85
CA GLU B 848 -25.92 25.37 4.73
C GLU B 848 -24.69 26.04 4.16
N GLU B 849 -23.68 25.25 3.79
CA GLU B 849 -22.46 25.83 3.23
C GLU B 849 -22.81 26.69 2.03
N VAL B 850 -23.55 26.13 1.07
CA VAL B 850 -23.87 26.89 -0.13
C VAL B 850 -24.56 28.18 0.25
N GLY B 851 -25.41 28.15 1.27
CA GLY B 851 -26.05 29.34 1.76
C GLY B 851 -25.05 30.47 1.87
N LYS B 852 -24.04 30.30 2.72
CA LYS B 852 -23.06 31.36 2.89
C LYS B 852 -22.40 31.70 1.56
N ILE B 853 -22.03 30.67 0.79
CA ILE B 853 -21.41 30.91 -0.51
C ILE B 853 -22.33 31.73 -1.40
N ILE B 854 -23.62 31.41 -1.38
CA ILE B 854 -24.55 32.13 -2.25
C ILE B 854 -24.57 33.61 -1.92
N ASP B 855 -24.23 33.97 -0.67
CA ASP B 855 -24.21 35.38 -0.31
C ASP B 855 -23.06 36.11 -0.98
N ARG B 856 -21.92 35.43 -1.17
CA ARG B 856 -20.74 36.11 -1.67
C ARG B 856 -20.87 36.49 -3.15
N MET B 857 -21.29 35.54 -3.98
CA MET B 857 -21.29 35.76 -5.42
C MET B 857 -22.65 36.29 -5.89
N VAL B 858 -22.85 36.30 -7.20
CA VAL B 858 -24.09 36.77 -7.81
C VAL B 858 -24.19 38.29 -7.65
N ASP B 859 -24.46 38.74 -6.43
CA ASP B 859 -24.56 40.16 -6.08
C ASP B 859 -25.78 40.83 -6.69
N ASN B 860 -26.58 40.13 -7.49
CA ASN B 860 -27.74 40.70 -8.15
C ASN B 860 -28.99 40.33 -7.36
N LYS B 861 -29.73 41.35 -6.92
CA LYS B 861 -30.95 41.11 -6.18
C LYS B 861 -31.98 40.40 -7.07
N LYS B 862 -33.03 39.90 -6.42
CA LYS B 862 -34.13 39.15 -7.03
C LYS B 862 -33.69 37.78 -7.54
N ILE B 863 -32.41 37.46 -7.45
CA ILE B 863 -31.91 36.12 -7.76
C ILE B 863 -31.58 35.34 -6.50
N LEU B 864 -30.94 36.03 -5.54
CA LEU B 864 -30.62 35.39 -4.26
C LEU B 864 -31.87 34.76 -3.66
N ARG B 865 -33.01 35.44 -3.77
CA ARG B 865 -34.27 34.81 -3.38
C ARG B 865 -34.53 33.56 -4.21
N GLU B 866 -34.30 33.66 -5.53
CA GLU B 866 -34.51 32.51 -6.41
C GLU B 866 -33.80 31.28 -5.89
N LEU B 867 -32.57 31.43 -5.41
CA LEU B 867 -31.83 30.27 -4.92
C LEU B 867 -32.24 29.90 -3.51
N LYS B 868 -32.36 30.90 -2.63
CA LYS B 868 -32.55 30.64 -1.20
C LYS B 868 -33.91 30.02 -0.91
N HIS B 869 -34.95 30.45 -1.62
CA HIS B 869 -36.26 29.86 -1.41
C HIS B 869 -36.23 28.36 -1.65
N ILE B 870 -35.68 27.95 -2.78
CA ILE B 870 -35.58 26.53 -3.10
C ILE B 870 -34.71 25.81 -2.08
N SER B 871 -33.56 26.40 -1.73
CA SER B 871 -32.66 25.74 -0.78
C SER B 871 -33.35 25.49 0.54
N GLU B 872 -33.98 26.53 1.10
CA GLU B 872 -34.64 26.39 2.39
C GLU B 872 -35.80 25.41 2.33
N THR B 873 -36.60 25.46 1.26
CA THR B 873 -37.72 24.53 1.14
C THR B 873 -37.22 23.08 1.13
N GLY B 874 -36.20 22.80 0.32
CA GLY B 874 -35.67 21.46 0.28
C GLY B 874 -35.10 21.03 1.62
N ARG B 875 -34.36 21.92 2.28
CA ARG B 875 -33.77 21.57 3.57
C ARG B 875 -34.85 21.22 4.59
N LEU B 876 -35.89 22.07 4.68
CA LEU B 876 -36.95 21.81 5.66
C LEU B 876 -37.67 20.50 5.34
N GLN B 877 -37.97 20.26 4.06
CA GLN B 877 -38.66 19.04 3.70
C GLN B 877 -37.84 17.81 4.08
N VAL B 878 -36.54 17.84 3.78
CA VAL B 878 -35.69 16.70 4.11
C VAL B 878 -35.60 16.51 5.61
N VAL B 879 -35.51 17.60 6.36
CA VAL B 879 -35.44 17.50 7.82
C VAL B 879 -36.68 16.83 8.37
N LYS B 880 -37.86 17.26 7.91
CA LYS B 880 -39.09 16.66 8.40
C LYS B 880 -39.17 15.19 8.02
N GLU B 881 -38.77 14.86 6.78
CA GLU B 881 -38.80 13.46 6.35
C GLU B 881 -37.92 12.59 7.24
N LEU B 882 -36.70 13.06 7.51
CA LEU B 882 -35.79 12.30 8.35
C LEU B 882 -36.34 12.14 9.77
N GLY B 883 -36.92 13.22 10.33
CA GLY B 883 -37.49 13.11 11.66
C GLY B 883 -38.60 12.08 11.72
N LEU B 884 -39.52 12.12 10.76
CA LEU B 884 -40.61 11.15 10.75
C LEU B 884 -40.08 9.73 10.57
N LEU B 885 -39.12 9.54 9.67
CA LEU B 885 -38.56 8.21 9.45
C LEU B 885 -37.93 7.66 10.72
N GLN B 886 -37.18 8.50 11.44
CA GLN B 886 -36.62 8.06 12.71
C GLN B 886 -37.73 7.70 13.69
N ARG B 887 -38.76 8.54 13.78
CA ARG B 887 -39.85 8.26 14.71
C ARG B 887 -40.52 6.92 14.39
N GLU B 888 -40.58 6.55 13.12
CA GLU B 888 -41.22 5.30 12.75
C GLU B 888 -40.44 4.09 13.26
N HIS B 889 -39.11 4.17 13.25
CA HIS B 889 -38.23 3.08 13.66
C HIS B 889 -37.29 3.56 14.75
N PRO B 890 -37.73 3.54 16.01
CA PRO B 890 -36.90 4.08 17.08
C PRO B 890 -35.60 3.32 17.30
N GLY B 891 -35.51 2.07 16.86
CA GLY B 891 -34.34 1.24 17.16
C GLY B 891 -33.12 1.51 16.31
N ILE B 892 -33.26 1.41 15.00
CA ILE B 892 -32.12 1.50 14.10
C ILE B 892 -31.43 2.85 14.20
N ALA B 893 -32.19 3.90 14.52
CA ALA B 893 -31.60 5.23 14.63
C ALA B 893 -30.54 5.28 15.72
N VAL B 894 -30.80 4.65 16.87
CA VAL B 894 -29.83 4.64 17.95
C VAL B 894 -28.54 3.96 17.51
N SER B 895 -28.66 2.83 16.82
CA SER B 895 -27.47 2.14 16.33
C SER B 895 -26.69 2.99 15.35
N VAL B 896 -27.38 3.67 14.43
CA VAL B 896 -26.69 4.49 13.44
C VAL B 896 -25.95 5.63 14.13
N LYS B 897 -26.61 6.31 15.06
CA LYS B 897 -25.97 7.41 15.77
C LYS B 897 -24.78 6.94 16.57
N THR B 898 -24.91 5.80 17.26
CA THR B 898 -23.78 5.26 18.02
C THR B 898 -22.61 4.95 17.11
N ARG B 899 -22.88 4.32 15.96
CA ARG B 899 -21.80 4.00 15.03
C ARG B 899 -21.10 5.27 14.56
N GLN B 900 -21.86 6.31 14.23
CA GLN B 900 -21.25 7.55 13.80
C GLN B 900 -20.37 8.14 14.90
N ALA B 901 -20.87 8.13 16.14
CA ALA B 901 -20.07 8.67 17.25
C ALA B 901 -18.76 7.91 17.41
N ILE B 902 -18.83 6.57 17.37
CA ILE B 902 -17.61 5.78 17.53
C ILE B 902 -16.64 6.09 16.41
N ARG B 903 -17.15 6.17 15.17
CA ARG B 903 -16.27 6.43 14.04
C ARG B 903 -15.56 7.77 14.20
N THR B 904 -16.31 8.81 14.58
CA THR B 904 -15.69 10.12 14.75
C THR B 904 -14.63 10.10 15.84
N ILE B 905 -14.95 9.49 16.99
CA ILE B 905 -14.01 9.46 18.09
C ILE B 905 -12.73 8.73 17.69
N LEU B 906 -12.88 7.58 17.02
CA LEU B 906 -11.70 6.81 16.61
C LEU B 906 -10.88 7.56 15.59
N ASN B 907 -11.53 8.24 14.63
CA ASN B 907 -10.78 9.02 13.65
C ASN B 907 -9.96 10.10 14.34
N HIS B 908 -10.56 10.82 15.29
CA HIS B 908 -9.81 11.88 15.95
C HIS B 908 -8.69 11.31 16.81
N SER B 909 -8.91 10.16 17.46
CA SER B 909 -7.84 9.54 18.23
C SER B 909 -6.68 9.13 17.33
N ARG B 910 -6.98 8.57 16.16
CA ARG B 910 -5.91 8.20 15.23
C ARG B 910 -5.15 9.44 14.76
N GLU B 911 -5.87 10.53 14.48
CA GLU B 911 -5.19 11.76 14.08
C GLU B 911 -4.27 12.26 15.19
N THR B 912 -4.73 12.19 16.44
CA THR B 912 -3.88 12.60 17.56
C THR B 912 -2.65 11.72 17.67
N ILE B 913 -2.80 10.42 17.47
CA ILE B 913 -1.64 9.52 17.51
C ILE B 913 -0.66 9.88 16.41
N HIS B 914 -1.16 10.16 15.21
CA HIS B 914 -0.28 10.55 14.11
C HIS B 914 0.46 11.83 14.44
N GLU B 915 -0.23 12.82 15.01
CA GLU B 915 0.42 14.06 15.39
C GLU B 915 1.50 13.82 16.43
N LEU B 916 1.21 13.00 17.44
CA LEU B 916 2.20 12.72 18.47
C LEU B 916 3.43 12.04 17.88
N GLN B 917 3.22 11.07 16.99
CA GLN B 917 4.35 10.40 16.36
C GLN B 917 5.17 11.38 15.52
N GLY B 918 4.49 12.25 14.77
CA GLY B 918 5.20 13.23 13.96
C GLY B 918 6.01 14.20 14.78
N ALA B 919 5.50 14.57 15.96
CA ALA B 919 6.22 15.48 16.84
C ALA B 919 7.51 14.87 17.39
N GLY B 920 7.70 13.56 17.24
CA GLY B 920 8.89 12.90 17.74
C GLY B 920 8.81 12.43 19.17
N LEU B 921 7.71 12.70 19.87
CA LEU B 921 7.58 12.28 21.26
C LEU B 921 7.25 10.80 21.41
N LEU B 922 6.91 10.11 20.32
CA LEU B 922 6.58 8.70 20.37
C LEU B 922 7.42 7.94 19.36
N ASP B 923 8.02 6.84 19.80
CA ASP B 923 8.78 5.98 18.89
C ASP B 923 7.85 5.16 18.02
N GLU B 924 8.40 4.60 16.95
CA GLU B 924 7.59 3.85 16.00
C GLU B 924 6.93 2.64 16.63
N MET B 925 7.58 2.03 17.62
CA MET B 925 6.99 0.86 18.27
C MET B 925 5.66 1.21 18.93
N GLU B 926 5.67 2.24 19.78
CA GLU B 926 4.44 2.63 20.46
C GLU B 926 3.38 3.13 19.49
N ALA B 927 3.81 3.90 18.48
CA ALA B 927 2.85 4.40 17.50
C ALA B 927 2.19 3.25 16.76
N HIS B 928 2.97 2.24 16.36
CA HIS B 928 2.40 1.09 15.67
C HIS B 928 1.47 0.31 16.59
N LYS B 929 1.84 0.16 17.87
CA LYS B 929 0.95 -0.51 18.80
C LYS B 929 -0.39 0.19 18.90
N LEU B 930 -0.36 1.51 19.07
CA LEU B 930 -1.60 2.27 19.21
C LEU B 930 -2.42 2.21 17.93
N GLU B 931 -1.76 2.33 16.77
CA GLU B 931 -2.48 2.26 15.50
C GLU B 931 -3.12 0.90 15.31
N LEU B 932 -2.42 -0.18 15.68
CA LEU B 932 -2.99 -1.51 15.58
C LEU B 932 -4.20 -1.65 16.48
N THR B 933 -4.11 -1.13 17.71
CA THR B 933 -5.25 -1.19 18.61
C THR B 933 -6.45 -0.47 18.01
N VAL B 934 -6.22 0.73 17.47
CA VAL B 934 -7.31 1.51 16.89
C VAL B 934 -7.92 0.77 15.71
N GLU B 935 -7.07 0.21 14.84
CA GLU B 935 -7.58 -0.51 13.67
C GLU B 935 -8.40 -1.73 14.08
N ILE B 936 -7.93 -2.47 15.08
CA ILE B 936 -8.68 -3.63 15.54
C ILE B 936 -10.02 -3.21 16.09
N LYS B 937 -10.05 -2.14 16.89
CA LYS B 937 -11.31 -1.68 17.45
C LYS B 937 -12.27 -1.23 16.35
N MET B 938 -11.75 -0.52 15.34
CA MET B 938 -12.60 -0.10 14.22
C MET B 938 -13.17 -1.30 13.48
N LYS B 939 -12.34 -2.30 13.19
CA LYS B 939 -12.83 -3.47 12.48
C LYS B 939 -13.89 -4.20 13.29
N ARG B 940 -13.67 -4.33 14.60
CA ARG B 940 -14.70 -4.93 15.45
C ARG B 940 -15.98 -4.11 15.41
N LEU B 941 -15.85 -2.79 15.36
CA LEU B 941 -17.02 -1.93 15.24
C LEU B 941 -17.80 -2.23 13.97
N MET B 942 -17.09 -2.42 12.85
CA MET B 942 -17.76 -2.69 11.58
C MET B 942 -18.73 -3.86 11.68
N ASN B 943 -18.58 -4.72 12.69
CA ASN B 943 -19.47 -5.84 12.94
C ASN B 943 -20.16 -5.58 14.28
N ALA B 944 -21.30 -4.90 14.24
CA ALA B 944 -22.05 -4.52 15.42
C ALA B 944 -23.51 -4.86 15.23
N PRO B 945 -24.28 -4.95 16.31
CA PRO B 945 -25.70 -5.31 16.19
C PRO B 945 -26.45 -4.31 15.30
N SER B 946 -27.37 -4.84 14.50
CA SER B 946 -28.10 -4.00 13.56
C SER B 946 -28.99 -3.00 14.30
N SER B 947 -29.68 -3.44 15.35
CA SER B 947 -30.61 -2.60 16.08
C SER B 947 -30.26 -2.59 17.56
N ILE B 948 -30.61 -1.49 18.22
CA ILE B 948 -30.33 -1.31 19.65
C ILE B 948 -31.60 -0.88 20.34
N PRO B 949 -31.81 -1.26 21.61
CA PRO B 949 -33.00 -0.81 22.32
C PRO B 949 -32.86 0.64 22.77
N PRO B 950 -33.86 1.47 22.50
CA PRO B 950 -33.78 2.88 22.89
C PRO B 950 -33.62 3.02 24.40
N PRO B 951 -32.78 3.95 24.85
CA PRO B 951 -32.57 4.10 26.29
C PRO B 951 -33.81 4.65 26.96
N PRO B 952 -34.01 4.36 28.24
CA PRO B 952 -35.16 4.90 28.97
C PRO B 952 -35.01 6.39 29.21
N PRO B 953 -36.10 7.09 29.49
CA PRO B 953 -36.02 8.55 29.67
C PRO B 953 -35.08 8.99 30.77
N GLU B 954 -34.94 8.21 31.84
CA GLU B 954 -34.14 8.66 32.98
C GLU B 954 -32.68 8.86 32.57
N ASN B 955 -32.11 7.91 31.82
CA ASN B 955 -30.75 8.09 31.33
C ASN B 955 -30.66 9.25 30.35
N LEU B 956 -31.70 9.48 29.57
CA LEU B 956 -31.71 10.62 28.66
C LEU B 956 -31.58 11.92 29.44
N LEU B 957 -32.36 12.05 30.52
CA LEU B 957 -32.24 13.24 31.37
C LEU B 957 -30.86 13.31 32.01
N LYS B 958 -30.33 12.17 32.47
CA LYS B 958 -29.03 12.17 33.11
C LYS B 958 -27.89 12.48 32.16
N ASN B 959 -28.10 12.34 30.85
CA ASN B 959 -27.05 12.54 29.87
C ASN B 959 -27.03 13.93 29.27
N VAL B 960 -27.92 14.83 29.70
CA VAL B 960 -27.89 16.19 29.18
C VAL B 960 -26.56 16.83 29.52
N SER B 961 -25.96 17.51 28.54
CA SER B 961 -24.58 17.96 28.67
C SER B 961 -24.41 18.97 29.80
N TRP B 962 -25.23 20.01 29.81
CA TRP B 962 -24.94 21.14 30.71
C TRP B 962 -25.05 20.73 32.18
N LEU B 963 -26.03 19.90 32.53
CA LEU B 963 -26.14 19.45 33.91
C LEU B 963 -25.34 18.16 34.17
N ALA B 964 -24.80 17.55 33.13
CA ALA B 964 -24.01 16.34 33.31
C ALA B 964 -22.77 16.63 34.15
N GLY B 965 -22.37 15.65 34.95
CA GLY B 965 -21.26 15.84 35.86
C GLY B 965 -21.62 15.48 37.29
N ASP B 966 -21.66 16.48 38.17
CA ASP B 966 -21.95 16.23 39.58
C ASP B 966 -23.27 15.49 39.72
N MET B 967 -23.26 14.44 40.56
CA MET B 967 -24.46 13.64 40.76
C MET B 967 -25.49 14.37 41.60
N LYS B 968 -25.06 15.35 42.41
CA LYS B 968 -26.00 16.12 43.20
C LYS B 968 -26.98 16.89 42.32
N LEU B 969 -26.48 17.48 41.24
CA LEU B 969 -27.37 18.17 40.30
C LEU B 969 -28.37 17.21 39.68
N ILE B 970 -27.91 16.02 39.30
CA ILE B 970 -28.82 15.03 38.70
C ILE B 970 -29.89 14.63 39.71
N ASP B 971 -29.52 14.51 40.98
CA ASP B 971 -30.52 14.22 42.00
C ASP B 971 -31.52 15.37 42.13
N PHE B 972 -31.01 16.60 42.22
CA PHE B 972 -31.88 17.77 42.30
C PHE B 972 -32.85 17.81 41.14
N ILE B 973 -32.43 17.36 39.96
CA ILE B 973 -33.29 17.38 38.79
C ILE B 973 -34.30 16.24 38.83
N LYS B 974 -33.82 15.00 39.00
CA LYS B 974 -34.71 13.84 38.95
C LYS B 974 -35.76 13.90 40.06
N ALA B 975 -35.36 14.25 41.27
CA ALA B 975 -36.35 14.45 42.33
C ALA B 975 -37.32 15.57 41.96
N ARG B 976 -36.85 16.55 41.20
CA ARG B 976 -37.70 17.61 40.66
C ARG B 976 -38.20 17.19 39.28
N ALA B 977 -38.78 18.15 38.55
CA ALA B 977 -39.19 17.95 37.17
C ALA B 977 -40.54 17.24 37.09
N SER B 978 -41.01 17.01 35.87
CA SER B 978 -42.27 16.33 35.64
C SER B 978 -42.31 15.89 34.18
N LEU B 979 -43.20 14.94 33.90
CA LEU B 979 -43.36 14.39 32.56
C LEU B 979 -44.74 14.78 32.04
N LEU B 980 -44.78 15.29 30.81
CA LEU B 980 -46.01 15.73 30.18
C LEU B 980 -46.22 15.00 28.87
N HIS B 981 -47.46 14.60 28.62
CA HIS B 981 -47.87 13.92 27.40
C HIS B 981 -48.72 14.87 26.55
N PHE B 982 -48.44 14.88 25.25
CA PHE B 982 -49.17 15.72 24.30
C PHE B 982 -49.52 14.91 23.07
N ASP B 983 -50.56 15.35 22.38
CA ASP B 983 -51.04 14.69 21.17
C ASP B 983 -50.92 15.65 19.98
N TYR B 984 -51.40 15.17 18.83
CA TYR B 984 -51.31 15.95 17.60
C TYR B 984 -51.97 17.31 17.77
N GLY B 985 -51.30 18.36 17.30
CA GLY B 985 -51.87 19.69 17.28
C GLY B 985 -51.90 20.40 18.61
N GLU B 986 -51.20 19.90 19.62
CA GLU B 986 -51.15 20.54 20.93
C GLU B 986 -50.06 21.61 20.94
N VAL B 987 -50.44 22.82 21.33
CA VAL B 987 -49.53 23.95 21.30
C VAL B 987 -48.83 24.01 22.66
N ILE B 988 -47.60 23.50 22.71
CA ILE B 988 -46.85 23.47 23.97
C ILE B 988 -46.60 24.89 24.45
N VAL B 989 -46.14 25.78 23.55
CA VAL B 989 -45.74 27.13 23.91
C VAL B 989 -46.43 28.10 22.97
N ARG B 990 -46.87 29.24 23.52
CA ARG B 990 -47.49 30.30 22.75
C ARG B 990 -46.49 31.44 22.54
N GLU B 991 -46.44 31.94 21.31
CA GLU B 991 -45.51 33.02 21.00
C GLU B 991 -45.78 34.22 21.90
N GLY B 992 -44.71 34.77 22.46
CA GLY B 992 -44.83 35.88 23.38
C GLY B 992 -45.11 35.50 24.81
N ASP B 993 -45.32 34.21 25.10
CA ASP B 993 -45.58 33.77 26.46
C ASP B 993 -44.31 33.81 27.28
N GLU B 994 -44.42 34.32 28.51
CA GLU B 994 -43.26 34.47 29.37
C GLU B 994 -42.54 33.15 29.57
N SER B 995 -41.21 33.19 29.46
CA SER B 995 -40.40 31.99 29.68
C SER B 995 -40.50 31.56 31.13
N ASP B 996 -41.03 30.37 31.37
CA ASP B 996 -41.27 29.88 32.72
C ASP B 996 -40.70 28.49 32.98
N GLY B 997 -40.15 27.83 31.97
CA GLY B 997 -39.60 26.50 32.18
C GLY B 997 -38.92 26.00 30.93
N LEU B 998 -38.18 24.91 31.10
CA LEU B 998 -37.47 24.28 29.99
C LEU B 998 -38.35 23.19 29.36
N PHE B 999 -37.77 22.45 28.42
CA PHE B 999 -38.46 21.33 27.78
C PHE B 999 -37.40 20.39 27.23
N LEU B 1000 -37.58 19.10 27.44
CA LEU B 1000 -36.71 18.07 26.90
C LEU B 1000 -37.55 17.08 26.11
N ILE B 1001 -37.24 16.94 24.82
CA ILE B 1001 -37.99 16.05 23.95
C ILE B 1001 -37.52 14.63 24.23
N VAL B 1002 -38.26 13.89 25.05
CA VAL B 1002 -37.92 12.49 25.31
C VAL B 1002 -38.53 11.57 24.26
N SER B 1003 -39.50 12.05 23.48
CA SER B 1003 -40.03 11.29 22.36
C SER B 1003 -41.00 12.17 21.60
N GLY B 1004 -41.05 11.97 20.27
CA GLY B 1004 -41.96 12.70 19.42
C GLY B 1004 -41.21 13.57 18.42
N LEU B 1005 -41.86 14.67 18.03
CA LEU B 1005 -41.31 15.62 17.09
C LEU B 1005 -42.17 16.87 17.10
N VAL B 1006 -41.52 18.04 17.09
CA VAL B 1006 -42.23 19.31 17.17
C VAL B 1006 -41.76 20.22 16.05
N LYS B 1007 -42.62 21.16 15.68
CA LYS B 1007 -42.31 22.16 14.65
C LYS B 1007 -42.38 23.55 15.27
N LEU B 1008 -41.30 24.31 15.09
CA LEU B 1008 -41.19 25.66 15.61
C LEU B 1008 -41.37 26.64 14.47
N TYR B 1009 -42.25 27.62 14.66
CA TYR B 1009 -42.57 28.63 13.66
C TYR B 1009 -42.64 29.99 14.32
N GLY B 1010 -42.13 31.00 13.65
CA GLY B 1010 -42.20 32.35 14.18
C GLY B 1010 -41.20 33.26 13.47
N LYS B 1011 -41.09 34.47 14.01
CA LYS B 1011 -40.20 35.50 13.48
C LYS B 1011 -39.02 35.67 14.42
N SER B 1012 -37.82 35.66 13.85
CA SER B 1012 -36.60 35.82 14.63
C SER B 1012 -35.60 36.72 13.90
N GLU B 1030 -37.72 37.45 8.00
CA GLU B 1030 -37.29 36.05 8.09
C GLU B 1030 -38.15 35.27 9.06
N VAL B 1031 -39.23 34.67 8.54
CA VAL B 1031 -40.12 33.84 9.35
C VAL B 1031 -39.52 32.44 9.36
N PHE B 1032 -38.60 32.23 10.29
CA PHE B 1032 -37.88 30.96 10.35
C PHE B 1032 -38.78 29.84 10.85
N GLU B 1033 -38.63 28.67 10.25
CA GLU B 1033 -39.36 27.48 10.63
C GLU B 1033 -38.39 26.30 10.71
N ASP B 1034 -38.52 25.51 11.77
CA ASP B 1034 -37.61 24.40 11.97
C ASP B 1034 -38.34 23.26 12.67
N TYR B 1035 -37.64 22.14 12.83
CA TYR B 1035 -38.18 20.96 13.50
C TYR B 1035 -37.21 20.48 14.56
N LEU B 1036 -37.76 19.97 15.66
CA LEU B 1036 -36.96 19.43 16.75
C LEU B 1036 -37.47 18.04 17.10
N THR B 1037 -36.59 17.23 17.69
CA THR B 1037 -36.87 15.83 17.94
C THR B 1037 -36.31 15.47 19.32
N VAL B 1038 -36.22 14.17 19.58
CA VAL B 1038 -35.80 13.68 20.89
C VAL B 1038 -34.41 14.18 21.24
N GLY B 1039 -34.17 14.36 22.53
CA GLY B 1039 -32.88 14.81 23.02
C GLY B 1039 -32.53 16.24 22.68
N ASN B 1040 -33.50 17.16 22.77
CA ASN B 1040 -33.26 18.56 22.51
C ASN B 1040 -33.95 19.40 23.59
N VAL B 1041 -33.32 20.51 23.96
CA VAL B 1041 -33.89 21.44 24.91
C VAL B 1041 -34.45 22.63 24.15
N ILE B 1042 -35.31 23.40 24.82
CA ILE B 1042 -36.06 24.44 24.12
C ILE B 1042 -35.83 25.82 24.72
N GLY B 1043 -36.20 26.00 25.99
CA GLY B 1043 -36.27 27.33 26.56
C GLY B 1043 -35.08 27.78 27.39
N GLU B 1044 -33.86 27.43 26.97
CA GLU B 1044 -32.69 27.84 27.73
C GLU B 1044 -32.53 29.36 27.73
N MET B 1045 -32.68 30.00 26.57
CA MET B 1045 -32.44 31.44 26.48
C MET B 1045 -33.43 32.22 27.34
N GLY B 1046 -34.70 31.82 27.32
CA GLY B 1046 -35.68 32.52 28.14
C GLY B 1046 -35.35 32.49 29.61
N VAL B 1047 -34.91 31.33 30.12
CA VAL B 1047 -34.53 31.23 31.52
C VAL B 1047 -33.27 32.03 31.80
N LEU B 1048 -32.31 32.00 30.88
CA LEU B 1048 -31.04 32.67 31.10
C LEU B 1048 -31.11 34.18 30.94
N THR B 1049 -32.17 34.70 30.31
CA THR B 1049 -32.30 36.14 30.09
C THR B 1049 -33.68 36.69 30.39
N LYS B 1050 -34.64 35.86 30.78
CA LYS B 1050 -35.98 36.31 31.14
C LYS B 1050 -36.59 37.18 30.05
N LYS B 1051 -36.81 36.57 28.89
CA LYS B 1051 -37.40 37.23 27.74
C LYS B 1051 -38.59 36.42 27.24
N PRO B 1052 -39.51 37.06 26.52
CA PRO B 1052 -40.68 36.33 26.02
C PRO B 1052 -40.28 35.26 25.02
N ARG B 1053 -41.13 34.24 24.91
CA ARG B 1053 -40.85 33.12 24.03
C ARG B 1053 -40.47 33.61 22.64
N ASN B 1054 -39.66 32.80 21.94
CA ASN B 1054 -39.14 33.19 20.64
C ASN B 1054 -40.09 32.79 19.51
N ALA B 1055 -40.42 31.50 19.42
CA ALA B 1055 -41.30 31.00 18.38
C ALA B 1055 -42.30 30.04 18.98
N THR B 1056 -43.44 29.90 18.31
CA THR B 1056 -44.48 28.98 18.76
C THR B 1056 -44.16 27.57 18.27
N VAL B 1057 -44.26 26.60 19.18
CA VAL B 1057 -43.92 25.22 18.89
C VAL B 1057 -45.18 24.37 18.99
N THR B 1058 -45.44 23.58 17.95
CA THR B 1058 -46.61 22.73 17.89
C THR B 1058 -46.19 21.31 17.57
N CYS B 1059 -46.82 20.34 18.23
CA CYS B 1059 -46.47 18.95 18.04
C CYS B 1059 -46.99 18.44 16.70
N GLU B 1060 -46.12 17.76 15.96
CA GLU B 1060 -46.51 17.04 14.75
C GLU B 1060 -46.75 15.56 15.01
N THR B 1061 -46.68 15.13 16.26
CA THR B 1061 -46.87 13.74 16.66
C THR B 1061 -46.99 13.70 18.17
N THR B 1062 -47.61 12.65 18.67
CA THR B 1062 -47.70 12.46 20.12
C THR B 1062 -46.33 12.59 20.75
N VAL B 1063 -46.20 13.51 21.69
CA VAL B 1063 -44.90 13.92 22.20
C VAL B 1063 -44.87 13.78 23.72
N GLN B 1064 -43.65 13.63 24.25
CA GLN B 1064 -43.42 13.54 25.69
C GLN B 1064 -42.33 14.54 26.06
N VAL B 1065 -42.56 15.31 27.11
CA VAL B 1065 -41.66 16.40 27.46
C VAL B 1065 -41.34 16.36 28.95
N TYR B 1066 -40.16 16.87 29.28
CA TYR B 1066 -39.74 17.13 30.66
C TYR B 1066 -39.77 18.63 30.88
N PHE B 1067 -40.58 19.07 31.84
CA PHE B 1067 -40.79 20.50 32.08
C PHE B 1067 -40.19 20.86 33.43
N ILE B 1068 -39.03 21.51 33.41
CA ILE B 1068 -38.36 21.99 34.62
C ILE B 1068 -38.71 23.45 34.79
N THR B 1069 -39.27 23.79 35.96
CA THR B 1069 -39.77 25.13 36.19
C THR B 1069 -38.62 26.14 36.23
N ALA B 1070 -38.94 27.38 35.86
CA ALA B 1070 -37.94 28.45 35.92
C ALA B 1070 -37.50 28.70 37.37
N GLU B 1071 -38.44 28.69 38.30
CA GLU B 1071 -38.10 28.93 39.70
C GLU B 1071 -37.13 27.87 40.21
N ASP B 1072 -37.39 26.61 39.90
CA ASP B 1072 -36.47 25.55 40.33
C ASP B 1072 -35.12 25.69 39.65
N MET B 1073 -35.10 26.14 38.40
CA MET B 1073 -33.83 26.38 37.72
C MET B 1073 -33.03 27.47 38.42
N ASN B 1074 -33.70 28.55 38.82
CA ASN B 1074 -33.01 29.62 39.55
C ASN B 1074 -32.52 29.12 40.91
N ILE B 1075 -33.33 28.30 41.58
CA ILE B 1075 -32.90 27.74 42.86
C ILE B 1075 -31.64 26.89 42.66
N ALA B 1076 -31.63 26.05 41.62
CA ALA B 1076 -30.46 25.21 41.36
C ALA B 1076 -29.24 26.05 41.04
N ILE B 1077 -29.39 27.09 40.22
CA ILE B 1077 -28.24 27.92 39.86
C ILE B 1077 -27.69 28.61 41.10
N ASP B 1078 -28.57 29.15 41.95
CA ASP B 1078 -28.11 29.80 43.17
C ASP B 1078 -27.42 28.81 44.10
N THR B 1079 -27.96 27.59 44.22
CA THR B 1079 -27.37 26.61 45.12
C THR B 1079 -25.95 26.24 44.68
N PHE B 1080 -25.75 26.04 43.39
CA PHE B 1080 -24.47 25.57 42.86
C PHE B 1080 -23.70 26.75 42.29
N THR B 1081 -22.53 27.02 42.84
CA THR B 1081 -21.69 28.12 42.38
C THR B 1081 -20.22 27.74 42.35
N LEU B 1082 -19.91 26.47 42.10
CA LEU B 1082 -18.52 26.05 41.99
C LEU B 1082 -17.89 26.68 40.75
N TYR B 1083 -16.59 26.46 40.58
CA TYR B 1083 -15.88 27.01 39.43
C TYR B 1083 -16.55 26.65 38.11
N PRO B 1084 -16.89 25.40 37.82
CA PRO B 1084 -17.70 25.07 36.64
C PRO B 1084 -19.19 25.21 36.94
N SER B 1085 -19.62 26.42 37.27
CA SER B 1085 -20.99 26.65 37.71
C SER B 1085 -21.98 26.22 36.64
N LEU B 1086 -23.18 25.84 37.09
CA LEU B 1086 -24.24 25.47 36.17
C LEU B 1086 -24.60 26.63 35.25
N GLU B 1087 -24.70 27.85 35.81
CA GLU B 1087 -24.96 29.01 35.00
C GLU B 1087 -23.86 29.23 33.96
N TYR B 1088 -22.61 29.02 34.36
CA TYR B 1088 -21.50 29.15 33.42
C TYR B 1088 -21.63 28.13 32.29
N ARG B 1089 -21.98 26.89 32.61
CA ARG B 1089 -22.13 25.88 31.57
C ARG B 1089 -23.27 26.21 30.63
N LEU B 1090 -24.40 26.66 31.16
CA LEU B 1090 -25.52 27.03 30.30
C LEU B 1090 -25.15 28.18 29.37
N TRP B 1091 -24.48 29.20 29.92
CA TRP B 1091 -24.07 30.33 29.09
C TRP B 1091 -23.06 29.89 28.04
N ARG B 1092 -22.16 28.97 28.39
CA ARG B 1092 -21.21 28.46 27.42
C ARG B 1092 -21.94 27.74 26.27
N VAL B 1093 -22.94 26.93 26.60
CA VAL B 1093 -23.69 26.23 25.56
C VAL B 1093 -24.37 27.24 24.64
N VAL B 1094 -25.03 28.24 25.24
CA VAL B 1094 -25.75 29.23 24.43
C VAL B 1094 -24.77 29.99 23.55
N ALA B 1095 -23.62 30.39 24.10
CA ALA B 1095 -22.65 31.17 23.35
C ALA B 1095 -22.09 30.36 22.18
N ILE B 1096 -21.75 29.09 22.41
CA ILE B 1096 -21.23 28.27 21.33
C ILE B 1096 -22.30 28.06 20.27
N ARG B 1097 -23.56 27.95 20.68
CA ARG B 1097 -24.65 27.84 19.71
C ARG B 1097 -24.74 29.08 18.85
N ILE B 1098 -24.65 30.26 19.46
CA ILE B 1098 -24.81 31.51 18.72
C ILE B 1098 -23.61 31.76 17.80
N ALA B 1099 -22.41 31.46 18.28
CA ALA B 1099 -21.20 31.91 17.59
C ALA B 1099 -21.06 31.29 16.20
N THR B 1100 -21.45 30.03 16.05
CA THR B 1100 -21.13 29.29 14.81
C THR B 1100 -21.57 30.01 13.55
N PRO B 1101 -22.79 30.54 13.43
CA PRO B 1101 -23.19 31.18 12.18
C PRO B 1101 -22.27 32.33 11.77
N LEU B 1102 -21.81 33.14 12.72
CA LEU B 1102 -20.95 34.26 12.38
C LEU B 1102 -19.62 33.79 11.81
N ILE B 1103 -18.97 32.86 12.50
CA ILE B 1103 -17.69 32.34 12.00
C ILE B 1103 -17.89 31.68 10.64
N MET B 1104 -19.00 30.97 10.45
CA MET B 1104 -19.28 30.38 9.15
C MET B 1104 -19.40 31.43 8.08
N GLU B 1105 -20.11 32.53 8.37
CA GLU B 1105 -20.20 33.63 7.42
C GLU B 1105 -18.82 34.23 7.12
N GLN B 1106 -17.93 34.23 8.10
CA GLN B 1106 -16.57 34.71 7.86
C GLN B 1106 -15.91 33.91 6.74
N MET B 1107 -16.34 32.67 6.53
CA MET B 1107 -15.76 31.84 5.48
C MET B 1107 -16.24 32.31 4.12
N ALA B 1108 -15.48 33.24 3.51
CA ALA B 1108 -15.78 33.73 2.17
C ALA B 1108 -14.95 32.95 1.16
N PHE B 1109 -15.30 31.67 1.01
CA PHE B 1109 -14.64 30.69 0.17
C PHE B 1109 -13.36 30.17 0.82
N GLN B 1110 -12.98 30.65 2.02
CA GLN B 1110 -11.76 30.18 2.65
C GLN B 1110 -11.83 28.68 2.94
N GLY B 1111 -12.98 28.21 3.42
CA GLY B 1111 -13.15 26.79 3.71
C GLY B 1111 -13.04 26.46 5.17
N TRP B 1112 -14.17 26.18 5.81
CA TRP B 1112 -14.20 25.78 7.21
C TRP B 1112 -15.06 24.55 7.48
N THR B 1113 -15.89 24.12 6.55
CA THR B 1113 -16.61 22.85 6.64
C THR B 1113 -17.74 22.89 7.66
N GLN B 1114 -17.87 23.98 8.39
CA GLN B 1114 -18.89 24.18 9.43
C GLN B 1114 -18.74 23.20 10.58
N GLU B 1115 -17.75 22.32 10.55
CA GLU B 1115 -17.46 21.40 11.65
C GLU B 1115 -16.14 21.73 12.34
N LYS B 1116 -15.07 21.91 11.56
CA LYS B 1116 -13.81 22.34 12.15
C LYS B 1116 -13.98 23.66 12.89
N VAL B 1117 -14.94 24.48 12.48
CA VAL B 1117 -15.26 25.69 13.23
C VAL B 1117 -15.80 25.33 14.61
N LYS B 1118 -16.57 24.24 14.69
CA LYS B 1118 -17.06 23.79 15.99
C LYS B 1118 -15.90 23.41 16.92
N LEU B 1119 -14.92 22.67 16.40
CA LEU B 1119 -13.76 22.32 17.20
C LEU B 1119 -12.98 23.56 17.60
N HIS B 1120 -12.82 24.50 16.67
CA HIS B 1120 -12.11 25.74 16.98
C HIS B 1120 -12.81 26.51 18.09
N LEU B 1121 -14.14 26.58 18.03
CA LEU B 1121 -14.90 27.28 19.08
C LEU B 1121 -14.91 26.52 20.39
N GLU B 1122 -14.70 25.21 20.36
CA GLU B 1122 -14.72 24.42 21.59
C GLU B 1122 -13.66 24.89 22.56
N ARG B 1123 -12.45 25.16 22.07
CA ARG B 1123 -11.35 25.57 22.94
C ARG B 1123 -11.60 26.91 23.60
N GLY B 1124 -12.56 27.69 23.10
CA GLY B 1124 -12.82 29.01 23.64
C GLY B 1124 -13.30 28.96 25.08
N TYR B 1125 -13.64 30.14 25.59
CA TYR B 1125 -14.15 30.26 26.94
C TYR B 1125 -14.90 31.58 27.09
N LEU B 1126 -15.73 31.64 28.13
CA LEU B 1126 -16.46 32.86 28.44
C LEU B 1126 -15.53 33.90 29.04
N VAL B 1127 -15.98 35.15 29.04
CA VAL B 1127 -15.20 36.25 29.60
C VAL B 1127 -15.38 36.25 31.11
N ASP B 1128 -14.28 36.09 31.84
CA ASP B 1128 -14.28 36.13 33.30
C ASP B 1128 -14.12 37.59 33.72
N LEU B 1129 -15.23 38.33 33.69
CA LEU B 1129 -15.23 39.77 33.91
C LEU B 1129 -15.24 40.07 35.41
N ALA B 1130 -14.09 39.87 36.04
CA ALA B 1130 -13.94 40.25 37.43
C ALA B 1130 -14.04 41.77 37.59
N GLU B 1131 -13.41 42.52 36.70
CA GLU B 1131 -13.50 43.98 36.66
C GLU B 1131 -14.13 44.40 35.34
N SER B 1132 -14.97 45.43 35.40
CA SER B 1132 -15.74 45.82 34.22
C SER B 1132 -14.85 46.29 33.08
N HIS B 1133 -13.62 46.72 33.37
CA HIS B 1133 -12.79 47.42 32.39
C HIS B 1133 -11.56 46.62 31.97
N PHE B 1134 -11.69 45.30 31.78
CA PHE B 1134 -10.57 44.55 31.22
C PHE B 1134 -10.22 45.02 29.82
N GLN B 1135 -8.92 45.06 29.55
CA GLN B 1135 -8.37 45.36 28.23
C GLN B 1135 -7.65 44.13 27.73
N PHE B 1136 -8.40 43.23 27.09
CA PHE B 1136 -7.83 41.98 26.57
C PHE B 1136 -7.02 42.32 25.31
N ASN B 1137 -5.71 42.18 25.40
CA ASN B 1137 -4.86 42.44 24.25
C ASN B 1137 -5.26 41.54 23.09
N ILE B 1138 -5.42 42.14 21.90
CA ILE B 1138 -5.79 41.38 20.71
C ILE B 1138 -4.49 40.94 20.06
N ASP B 1139 -3.96 39.81 20.53
CA ASP B 1139 -2.75 39.24 19.98
C ASP B 1139 -3.11 38.25 18.88
N ALA B 1140 -2.09 37.87 18.09
CA ALA B 1140 -2.31 36.92 17.01
C ALA B 1140 -2.70 35.54 17.51
N THR B 1141 -2.47 35.25 18.80
CA THR B 1141 -2.79 33.93 19.33
C THR B 1141 -4.29 33.76 19.56
N LEU B 1142 -4.97 34.81 20.00
CA LEU B 1142 -6.40 34.70 20.31
C LEU B 1142 -7.25 34.45 19.09
N GLU B 1143 -6.76 34.78 17.89
CA GLU B 1143 -7.54 34.60 16.68
C GLU B 1143 -8.76 35.52 16.68
N ASP B 1144 -9.93 34.98 17.03
CA ASP B 1144 -11.18 35.72 16.92
C ASP B 1144 -11.90 35.73 18.28
N VAL B 1145 -12.69 36.77 18.48
CA VAL B 1145 -13.51 36.92 19.69
C VAL B 1145 -14.88 37.42 19.27
N ILE B 1146 -15.92 36.85 19.88
CA ILE B 1146 -17.30 37.14 19.51
C ILE B 1146 -17.98 37.86 20.67
N LEU B 1147 -18.97 38.69 20.32
CA LEU B 1147 -19.80 39.38 21.31
C LEU B 1147 -21.13 38.65 21.38
N ILE B 1148 -21.33 37.88 22.45
CA ILE B 1148 -22.54 37.07 22.57
C ILE B 1148 -23.74 37.93 22.92
N ASN B 1149 -23.73 38.55 24.10
CA ASN B 1149 -24.81 39.45 24.50
C ASN B 1149 -24.25 40.46 25.48
N GLY B 1150 -23.85 41.63 24.97
CA GLY B 1150 -23.27 42.64 25.84
C GLY B 1150 -22.72 43.79 25.02
N THR B 1151 -22.20 44.77 25.74
CA THR B 1151 -21.66 45.99 25.15
C THR B 1151 -20.16 46.04 25.39
N ALA B 1152 -19.39 46.23 24.32
CA ALA B 1152 -17.95 46.33 24.37
C ALA B 1152 -17.49 47.57 23.62
N TYR B 1153 -16.30 48.06 23.97
CA TYR B 1153 -15.78 49.30 23.43
C TYR B 1153 -14.32 49.12 23.02
N ASN B 1154 -13.89 49.98 22.10
CA ASN B 1154 -12.50 50.00 21.65
C ASN B 1154 -11.68 50.89 22.57
N ALA B 1155 -10.36 50.66 22.56
CA ALA B 1155 -9.46 51.47 23.37
C ALA B 1155 -9.48 52.93 22.94
N HIS B 1156 -9.47 53.18 21.63
CA HIS B 1156 -9.39 54.54 21.11
C HIS B 1156 -10.77 55.13 20.83
N THR B 1157 -11.53 54.48 19.93
CA THR B 1157 -12.81 55.02 19.54
C THR B 1157 -13.89 54.75 20.59
N ARG B 1158 -13.83 53.60 21.25
CA ARG B 1158 -14.84 53.21 22.23
C ARG B 1158 -16.23 53.17 21.58
N GLU B 1159 -16.27 52.74 20.33
CA GLU B 1159 -17.53 52.71 19.59
C GLU B 1159 -18.54 51.79 20.25
N GLU B 1160 -19.79 52.26 20.35
CA GLU B 1160 -20.84 51.45 20.95
C GLU B 1160 -21.16 50.25 20.08
N ILE B 1161 -21.31 49.08 20.71
CA ILE B 1161 -21.59 47.85 20.01
C ILE B 1161 -22.73 47.13 20.73
N ARG B 1162 -23.67 46.60 19.96
CA ARG B 1162 -24.81 45.86 20.49
C ARG B 1162 -24.77 44.44 19.95
N SER B 1163 -24.93 43.47 20.83
CA SER B 1163 -24.90 42.07 20.45
C SER B 1163 -26.22 41.65 19.81
N PRO B 1164 -26.20 40.57 19.00
CA PRO B 1164 -25.04 39.75 18.63
C PRO B 1164 -24.25 40.37 17.49
N CYS B 1165 -22.93 40.23 17.49
CA CYS B 1165 -22.08 40.74 16.42
C CYS B 1165 -20.65 40.31 16.69
N LEU B 1166 -19.87 40.22 15.62
CA LEU B 1166 -18.45 39.90 15.72
C LEU B 1166 -17.64 41.18 15.83
N ILE B 1167 -16.72 41.22 16.79
CA ILE B 1167 -15.95 42.43 17.03
C ILE B 1167 -15.15 42.80 15.79
N SER B 1168 -14.57 41.81 15.11
CA SER B 1168 -13.79 42.05 13.90
C SER B 1168 -12.43 42.64 14.25
N ARG B 1169 -11.43 42.41 13.40
CA ARG B 1169 -10.08 42.87 13.66
C ARG B 1169 -9.93 44.39 13.58
N THR B 1170 -10.95 45.09 13.07
CA THR B 1170 -10.86 46.54 12.98
C THR B 1170 -10.66 47.17 14.35
N VAL B 1171 -11.45 46.73 15.34
CA VAL B 1171 -11.29 47.22 16.70
C VAL B 1171 -10.02 46.58 17.25
N HIS B 1172 -8.92 47.33 17.20
CA HIS B 1172 -7.62 46.75 17.57
C HIS B 1172 -7.61 46.33 19.04
N LYS B 1173 -8.05 47.22 19.93
CA LYS B 1173 -8.04 46.98 21.36
C LYS B 1173 -9.46 46.83 21.85
N LEU B 1174 -9.65 45.96 22.84
CA LEU B 1174 -10.98 45.68 23.39
C LEU B 1174 -10.99 46.06 24.87
N THR B 1175 -11.43 47.28 25.15
CA THR B 1175 -11.64 47.70 26.54
C THR B 1175 -13.00 47.19 26.98
N PHE B 1176 -13.48 47.65 28.13
CA PHE B 1176 -14.77 47.18 28.63
C PHE B 1176 -15.30 48.17 29.66
N GLN B 1177 -16.60 48.03 29.94
CA GLN B 1177 -17.24 48.84 30.96
C GLN B 1177 -18.38 48.03 31.57
N TYR B 1178 -18.80 48.44 32.77
CA TYR B 1178 -19.83 47.73 33.52
C TYR B 1178 -21.20 48.21 33.05
N THR B 1179 -21.85 47.41 32.21
CA THR B 1179 -23.21 47.73 31.78
C THR B 1179 -24.21 47.36 32.86
N ALA B 1180 -25.41 47.93 32.75
CA ALA B 1180 -26.46 47.74 33.75
C ALA B 1180 -27.66 46.96 33.22
N THR B 1181 -28.27 47.42 32.13
CA THR B 1181 -29.49 46.77 31.64
C THR B 1181 -29.22 45.33 31.22
N GLU B 1182 -28.20 45.10 30.40
CA GLU B 1182 -27.86 43.76 29.92
C GLU B 1182 -26.47 43.40 30.41
N GLU B 1183 -26.37 42.29 31.13
CA GLU B 1183 -25.10 41.84 31.68
C GLU B 1183 -24.21 41.32 30.56
N PRO B 1184 -23.00 41.86 30.37
CA PRO B 1184 -22.27 41.57 29.19
C PRO B 1184 -21.56 40.22 29.15
N ARG B 1185 -21.87 39.46 28.10
CA ARG B 1185 -21.43 38.08 27.96
C ARG B 1185 -20.67 37.95 26.66
N LEU B 1186 -19.37 37.65 26.75
CA LEU B 1186 -18.47 37.58 25.62
C LEU B 1186 -17.79 36.22 25.56
N PHE B 1187 -17.57 35.73 24.34
CA PHE B 1187 -16.89 34.46 24.11
C PHE B 1187 -15.59 34.74 23.38
N VAL B 1188 -14.49 34.19 23.90
CA VAL B 1188 -13.16 34.49 23.35
C VAL B 1188 -12.40 33.19 23.15
N VAL B 1189 -11.44 33.24 22.22
CA VAL B 1189 -10.61 32.09 21.89
C VAL B 1189 -9.16 32.55 21.84
N ARG B 1190 -8.25 31.58 21.94
CA ARG B 1190 -6.82 31.86 21.90
C ARG B 1190 -6.06 30.71 21.26
#